data_7FVO
# 
_entry.id   7FVO 
# 
_audit_conform.dict_name       mmcif_pdbx.dic 
_audit_conform.dict_version    5.392 
_audit_conform.dict_location   http://mmcif.pdb.org/dictionaries/ascii/mmcif_pdbx.dic 
# 
loop_
_database_2.database_id 
_database_2.database_code 
_database_2.pdbx_database_accession 
_database_2.pdbx_DOI 
PDB   7FVO         pdb_00007fvo 10.2210/pdb7fvo/pdb 
WWPDB D_1001405405 ?            ?                   
# 
loop_
_pdbx_audit_revision_history.ordinal 
_pdbx_audit_revision_history.data_content_type 
_pdbx_audit_revision_history.major_revision 
_pdbx_audit_revision_history.minor_revision 
_pdbx_audit_revision_history.revision_date 
1 'Structure model' 1 0 2023-03-29 
2 'Structure model' 1 1 2024-05-22 
# 
_pdbx_audit_revision_details.ordinal             1 
_pdbx_audit_revision_details.revision_ordinal    1 
_pdbx_audit_revision_details.data_content_type   'Structure model' 
_pdbx_audit_revision_details.provider            repository 
_pdbx_audit_revision_details.type                'Initial release' 
_pdbx_audit_revision_details.description         ? 
_pdbx_audit_revision_details.details             ? 
# 
_pdbx_audit_revision_group.ordinal             1 
_pdbx_audit_revision_group.revision_ordinal    2 
_pdbx_audit_revision_group.data_content_type   'Structure model' 
_pdbx_audit_revision_group.group               'Data collection' 
# 
loop_
_pdbx_audit_revision_category.ordinal 
_pdbx_audit_revision_category.revision_ordinal 
_pdbx_audit_revision_category.data_content_type 
_pdbx_audit_revision_category.category 
1 2 'Structure model' chem_comp_atom 
2 2 'Structure model' chem_comp_bond 
# 
_pdbx_database_status.entry_id                        7FVO 
_pdbx_database_status.status_code                     REL 
_pdbx_database_status.status_code_sf                  REL 
_pdbx_database_status.status_code_mr                  ? 
_pdbx_database_status.status_code_cs                  ? 
_pdbx_database_status.recvd_initial_deposition_date   2023-03-09 
_pdbx_database_status.status_code_nmr_data            ? 
_pdbx_database_status.deposit_site                    RCSB 
_pdbx_database_status.process_site                    RCSB 
_pdbx_database_status.SG_entry                        ? 
_pdbx_database_status.pdb_format_compatible           Y 
_pdbx_database_status.methods_development_category    ? 
# 
_pdbx_contact_author.id                 1 
_pdbx_contact_author.email              frank.von-delft@diamond.ac.uk 
_pdbx_contact_author.name_first         Frank 
_pdbx_contact_author.name_last          'von Delft' 
_pdbx_contact_author.role               'principal investigator/group leader' 
_pdbx_contact_author.identifier_ORCID   0000-0003-0378-0017 
_pdbx_contact_author.name_mi            ? 
# 
loop_
_audit_author.name 
_audit_author.pdbx_ordinal 
'Grosjean, H.'   1 
'Tomlinson, C.'  2 
'Bradshaw, W.J.' 3 
'Koekemoer, L.'  4 
'Krojer, T.'     5 
'Fearon, D.'     6 
'Biggin, P.C.'   7 
'von Delft, F.'  8 
# 
_citation.id                        primary 
_citation.title                     'PanDDA analysis group deposition' 
_citation.journal_abbrev            'To Be Published' 
_citation.journal_volume            ? 
_citation.page_first                ? 
_citation.page_last                 ? 
_citation.year                      ? 
_citation.journal_id_ASTM           ? 
_citation.country                   ? 
_citation.journal_id_ISSN           ? 
_citation.journal_id_CSD            0353 
_citation.book_publisher            ? 
_citation.pdbx_database_id_PubMed   ? 
_citation.pdbx_database_id_DOI      ? 
# 
loop_
_citation_author.citation_id 
_citation_author.name 
_citation_author.identifier_ORCID 
_citation_author.ordinal 
primary 'Grosjean, H.'   ? 1 
primary 'Tomlinson, C.'  ? 2 
primary 'Bradshaw, W.J.' ? 3 
primary 'Koekemoer, L.'  ? 4 
primary 'Krojer, T.'     ? 5 
primary 'Fearon, D.'     ? 6 
primary 'Biggin, P.C.'   ? 7 
primary 'von Delft, F.'  ? 8 
# 
loop_
_entity.id 
_entity.type 
_entity.src_method 
_entity.pdbx_description 
_entity.formula_weight 
_entity.pdbx_number_of_molecules 
_entity.pdbx_ec 
_entity.pdbx_mutation 
_entity.pdbx_fragment 
_entity.details 
1 polymer     man 'PH-interacting protein'                                                                      17627.859 1   ? ? 
? ? 
2 non-polymer syn 'N-[2-(4,5-dimethyl-1,3-thiazol-2-yl)ethyl]-4-(thiophene-2-carbonyl)piperazine-1-carboxamide' 378.512   1   ? ? 
? ? 
3 water       nat water                                                                                         18.015    199 ? ? 
? ? 
# 
_entity_name_com.entity_id   1 
_entity_name_com.name        
'PHIP,DDB1- and CUL4-associated factor 14,IRS-1 PH domain-binding protein,WD repeat-containing protein 11' 
# 
_entity_poly.entity_id                      1 
_entity_poly.type                           'polypeptide(L)' 
_entity_poly.nstd_linkage                   no 
_entity_poly.nstd_monomer                   no 
_entity_poly.pdbx_seq_one_letter_code       
;MHHHHHHSSGVDLGTENLYFQSMSYDIQAWKKQCEELLNLIFQCEDSEPFRQPVDLLEYPDYRDIIDTPMDFATVRETLE
AGNYESPMELCKDVRLIFSNSKAYTPSKRSRIYSMSLRLSAFFEEHISSVLSDYKSALRFHKRNTITKR
;
_entity_poly.pdbx_seq_one_letter_code_can   
;MHHHHHHSSGVDLGTENLYFQSMSYDIQAWKKQCEELLNLIFQCEDSEPFRQPVDLLEYPDYRDIIDTPMDFATVRETLE
AGNYESPMELCKDVRLIFSNSKAYTPSKRSRIYSMSLRLSAFFEEHISSVLSDYKSALRFHKRNTITKR
;
_entity_poly.pdbx_strand_id                 A 
_entity_poly.pdbx_target_identifier         ? 
# 
loop_
_pdbx_entity_nonpoly.entity_id 
_pdbx_entity_nonpoly.name 
_pdbx_entity_nonpoly.comp_id 
2 'N-[2-(4,5-dimethyl-1,3-thiazol-2-yl)ethyl]-4-(thiophene-2-carbonyl)piperazine-1-carboxamide' ZPL 
3 water                                                                                         HOH 
# 
loop_
_entity_poly_seq.entity_id 
_entity_poly_seq.num 
_entity_poly_seq.mon_id 
_entity_poly_seq.hetero 
1 1   MET n 
1 2   HIS n 
1 3   HIS n 
1 4   HIS n 
1 5   HIS n 
1 6   HIS n 
1 7   HIS n 
1 8   SER n 
1 9   SER n 
1 10  GLY n 
1 11  VAL n 
1 12  ASP n 
1 13  LEU n 
1 14  GLY n 
1 15  THR n 
1 16  GLU n 
1 17  ASN n 
1 18  LEU n 
1 19  TYR n 
1 20  PHE n 
1 21  GLN n 
1 22  SER n 
1 23  MET n 
1 24  SER n 
1 25  TYR n 
1 26  ASP n 
1 27  ILE n 
1 28  GLN n 
1 29  ALA n 
1 30  TRP n 
1 31  LYS n 
1 32  LYS n 
1 33  GLN n 
1 34  CYS n 
1 35  GLU n 
1 36  GLU n 
1 37  LEU n 
1 38  LEU n 
1 39  ASN n 
1 40  LEU n 
1 41  ILE n 
1 42  PHE n 
1 43  GLN n 
1 44  CYS n 
1 45  GLU n 
1 46  ASP n 
1 47  SER n 
1 48  GLU n 
1 49  PRO n 
1 50  PHE n 
1 51  ARG n 
1 52  GLN n 
1 53  PRO n 
1 54  VAL n 
1 55  ASP n 
1 56  LEU n 
1 57  LEU n 
1 58  GLU n 
1 59  TYR n 
1 60  PRO n 
1 61  ASP n 
1 62  TYR n 
1 63  ARG n 
1 64  ASP n 
1 65  ILE n 
1 66  ILE n 
1 67  ASP n 
1 68  THR n 
1 69  PRO n 
1 70  MET n 
1 71  ASP n 
1 72  PHE n 
1 73  ALA n 
1 74  THR n 
1 75  VAL n 
1 76  ARG n 
1 77  GLU n 
1 78  THR n 
1 79  LEU n 
1 80  GLU n 
1 81  ALA n 
1 82  GLY n 
1 83  ASN n 
1 84  TYR n 
1 85  GLU n 
1 86  SER n 
1 87  PRO n 
1 88  MET n 
1 89  GLU n 
1 90  LEU n 
1 91  CYS n 
1 92  LYS n 
1 93  ASP n 
1 94  VAL n 
1 95  ARG n 
1 96  LEU n 
1 97  ILE n 
1 98  PHE n 
1 99  SER n 
1 100 ASN n 
1 101 SER n 
1 102 LYS n 
1 103 ALA n 
1 104 TYR n 
1 105 THR n 
1 106 PRO n 
1 107 SER n 
1 108 LYS n 
1 109 ARG n 
1 110 SER n 
1 111 ARG n 
1 112 ILE n 
1 113 TYR n 
1 114 SER n 
1 115 MET n 
1 116 SER n 
1 117 LEU n 
1 118 ARG n 
1 119 LEU n 
1 120 SER n 
1 121 ALA n 
1 122 PHE n 
1 123 PHE n 
1 124 GLU n 
1 125 GLU n 
1 126 HIS n 
1 127 ILE n 
1 128 SER n 
1 129 SER n 
1 130 VAL n 
1 131 LEU n 
1 132 SER n 
1 133 ASP n 
1 134 TYR n 
1 135 LYS n 
1 136 SER n 
1 137 ALA n 
1 138 LEU n 
1 139 ARG n 
1 140 PHE n 
1 141 HIS n 
1 142 LYS n 
1 143 ARG n 
1 144 ASN n 
1 145 THR n 
1 146 ILE n 
1 147 THR n 
1 148 LYS n 
1 149 ARG n 
# 
_entity_src_gen.entity_id                          1 
_entity_src_gen.pdbx_src_id                        1 
_entity_src_gen.pdbx_alt_source_flag               sample 
_entity_src_gen.pdbx_seq_type                      'Biological sequence' 
_entity_src_gen.pdbx_beg_seq_num                   1 
_entity_src_gen.pdbx_end_seq_num                   149 
_entity_src_gen.gene_src_common_name               human 
_entity_src_gen.gene_src_genus                     ? 
_entity_src_gen.pdbx_gene_src_gene                 'PHIP, DCAF14, WDR11' 
_entity_src_gen.gene_src_species                   ? 
_entity_src_gen.gene_src_strain                    ? 
_entity_src_gen.gene_src_tissue                    ? 
_entity_src_gen.gene_src_tissue_fraction           ? 
_entity_src_gen.gene_src_details                   ? 
_entity_src_gen.pdbx_gene_src_fragment             ? 
_entity_src_gen.pdbx_gene_src_scientific_name      'Homo sapiens' 
_entity_src_gen.pdbx_gene_src_ncbi_taxonomy_id     9606 
_entity_src_gen.pdbx_gene_src_variant              ? 
_entity_src_gen.pdbx_gene_src_cell_line            ? 
_entity_src_gen.pdbx_gene_src_atcc                 ? 
_entity_src_gen.pdbx_gene_src_organ                ? 
_entity_src_gen.pdbx_gene_src_organelle            ? 
_entity_src_gen.pdbx_gene_src_cell                 ? 
_entity_src_gen.pdbx_gene_src_cellular_location    ? 
_entity_src_gen.host_org_common_name               ? 
_entity_src_gen.pdbx_host_org_scientific_name      'Escherichia coli' 
_entity_src_gen.pdbx_host_org_ncbi_taxonomy_id     562 
_entity_src_gen.host_org_genus                     ? 
_entity_src_gen.pdbx_host_org_gene                 ? 
_entity_src_gen.pdbx_host_org_organ                ? 
_entity_src_gen.host_org_species                   ? 
_entity_src_gen.pdbx_host_org_tissue               ? 
_entity_src_gen.pdbx_host_org_tissue_fraction      ? 
_entity_src_gen.pdbx_host_org_strain               ? 
_entity_src_gen.pdbx_host_org_variant              ? 
_entity_src_gen.pdbx_host_org_cell_line            ? 
_entity_src_gen.pdbx_host_org_atcc                 ? 
_entity_src_gen.pdbx_host_org_culture_collection   ? 
_entity_src_gen.pdbx_host_org_cell                 ? 
_entity_src_gen.pdbx_host_org_organelle            ? 
_entity_src_gen.pdbx_host_org_cellular_location    ? 
_entity_src_gen.pdbx_host_org_vector_type          ? 
_entity_src_gen.pdbx_host_org_vector               ? 
_entity_src_gen.host_org_details                   ? 
_entity_src_gen.expression_system_id               ? 
_entity_src_gen.plasmid_name                       ? 
_entity_src_gen.plasmid_details                    ? 
_entity_src_gen.pdbx_description                   ? 
# 
loop_
_chem_comp.id 
_chem_comp.type 
_chem_comp.mon_nstd_flag 
_chem_comp.name 
_chem_comp.pdbx_synonyms 
_chem_comp.formula 
_chem_comp.formula_weight 
ALA 'L-peptide linking' y ALANINE                                                                                       ? 
'C3 H7 N O2'       89.093  
ARG 'L-peptide linking' y ARGININE                                                                                      ? 
'C6 H15 N4 O2 1'   175.209 
ASN 'L-peptide linking' y ASPARAGINE                                                                                    ? 
'C4 H8 N2 O3'      132.118 
ASP 'L-peptide linking' y 'ASPARTIC ACID'                                                                               ? 
'C4 H7 N O4'       133.103 
CYS 'L-peptide linking' y CYSTEINE                                                                                      ? 
'C3 H7 N O2 S'     121.158 
GLN 'L-peptide linking' y GLUTAMINE                                                                                     ? 
'C5 H10 N2 O3'     146.144 
GLU 'L-peptide linking' y 'GLUTAMIC ACID'                                                                               ? 
'C5 H9 N O4'       147.129 
GLY 'peptide linking'   y GLYCINE                                                                                       ? 
'C2 H5 N O2'       75.067  
HIS 'L-peptide linking' y HISTIDINE                                                                                     ? 
'C6 H10 N3 O2 1'   156.162 
HOH non-polymer         . WATER                                                                                         ? 'H2 O' 
18.015  
ILE 'L-peptide linking' y ISOLEUCINE                                                                                    ? 
'C6 H13 N O2'      131.173 
LEU 'L-peptide linking' y LEUCINE                                                                                       ? 
'C6 H13 N O2'      131.173 
LYS 'L-peptide linking' y LYSINE                                                                                        ? 
'C6 H15 N2 O2 1'   147.195 
MET 'L-peptide linking' y METHIONINE                                                                                    ? 
'C5 H11 N O2 S'    149.211 
PHE 'L-peptide linking' y PHENYLALANINE                                                                                 ? 
'C9 H11 N O2'      165.189 
PRO 'L-peptide linking' y PROLINE                                                                                       ? 
'C5 H9 N O2'       115.130 
SER 'L-peptide linking' y SERINE                                                                                        ? 
'C3 H7 N O3'       105.093 
THR 'L-peptide linking' y THREONINE                                                                                     ? 
'C4 H9 N O3'       119.119 
TRP 'L-peptide linking' y TRYPTOPHAN                                                                                    ? 
'C11 H12 N2 O2'    204.225 
TYR 'L-peptide linking' y TYROSINE                                                                                      ? 
'C9 H11 N O3'      181.189 
VAL 'L-peptide linking' y VALINE                                                                                        ? 
'C5 H11 N O2'      117.146 
ZPL non-polymer         . 'N-[2-(4,5-dimethyl-1,3-thiazol-2-yl)ethyl]-4-(thiophene-2-carbonyl)piperazine-1-carboxamide' ? 
'C17 H22 N4 O2 S2' 378.512 
# 
loop_
_pdbx_poly_seq_scheme.asym_id 
_pdbx_poly_seq_scheme.entity_id 
_pdbx_poly_seq_scheme.seq_id 
_pdbx_poly_seq_scheme.mon_id 
_pdbx_poly_seq_scheme.ndb_seq_num 
_pdbx_poly_seq_scheme.pdb_seq_num 
_pdbx_poly_seq_scheme.auth_seq_num 
_pdbx_poly_seq_scheme.pdb_mon_id 
_pdbx_poly_seq_scheme.auth_mon_id 
_pdbx_poly_seq_scheme.pdb_strand_id 
_pdbx_poly_seq_scheme.pdb_ins_code 
_pdbx_poly_seq_scheme.hetero 
A 1 1   MET 1   1292 ?    ?   ?   A . n 
A 1 2   HIS 2   1293 ?    ?   ?   A . n 
A 1 3   HIS 3   1294 ?    ?   ?   A . n 
A 1 4   HIS 4   1295 ?    ?   ?   A . n 
A 1 5   HIS 5   1296 ?    ?   ?   A . n 
A 1 6   HIS 6   1297 ?    ?   ?   A . n 
A 1 7   HIS 7   1298 ?    ?   ?   A . n 
A 1 8   SER 8   1299 ?    ?   ?   A . n 
A 1 9   SER 9   1300 ?    ?   ?   A . n 
A 1 10  GLY 10  1301 ?    ?   ?   A . n 
A 1 11  VAL 11  1302 ?    ?   ?   A . n 
A 1 12  ASP 12  1303 ?    ?   ?   A . n 
A 1 13  LEU 13  1304 ?    ?   ?   A . n 
A 1 14  GLY 14  1305 ?    ?   ?   A . n 
A 1 15  THR 15  1306 ?    ?   ?   A . n 
A 1 16  GLU 16  1307 ?    ?   ?   A . n 
A 1 17  ASN 17  1308 ?    ?   ?   A . n 
A 1 18  LEU 18  1309 ?    ?   ?   A . n 
A 1 19  TYR 19  1310 ?    ?   ?   A . n 
A 1 20  PHE 20  1311 ?    ?   ?   A . n 
A 1 21  GLN 21  1312 ?    ?   ?   A . n 
A 1 22  SER 22  1313 ?    ?   ?   A . n 
A 1 23  MET 23  1314 ?    ?   ?   A . n 
A 1 24  SER 24  1315 1315 SER SER A . n 
A 1 25  TYR 25  1316 1316 TYR TYR A . n 
A 1 26  ASP 26  1317 1317 ASP ASP A . n 
A 1 27  ILE 27  1318 1318 ILE ILE A . n 
A 1 28  GLN 28  1319 1319 GLN GLN A . n 
A 1 29  ALA 29  1320 1320 ALA ALA A . n 
A 1 30  TRP 30  1321 1321 TRP TRP A . n 
A 1 31  LYS 31  1322 1322 LYS LYS A . n 
A 1 32  LYS 32  1323 1323 LYS LYS A . n 
A 1 33  GLN 33  1324 1324 GLN GLN A . n 
A 1 34  CYS 34  1325 1325 CYS CYS A . n 
A 1 35  GLU 35  1326 1326 GLU GLU A . n 
A 1 36  GLU 36  1327 1327 GLU GLU A . n 
A 1 37  LEU 37  1328 1328 LEU LEU A . n 
A 1 38  LEU 38  1329 1329 LEU LEU A . n 
A 1 39  ASN 39  1330 1330 ASN ASN A . n 
A 1 40  LEU 40  1331 1331 LEU LEU A . n 
A 1 41  ILE 41  1332 1332 ILE ILE A . n 
A 1 42  PHE 42  1333 1333 PHE PHE A . n 
A 1 43  GLN 43  1334 1334 GLN GLN A . n 
A 1 44  CYS 44  1335 1335 CYS CYS A . n 
A 1 45  GLU 45  1336 1336 GLU GLU A . n 
A 1 46  ASP 46  1337 1337 ASP ASP A . n 
A 1 47  SER 47  1338 1338 SER SER A . n 
A 1 48  GLU 48  1339 1339 GLU GLU A . n 
A 1 49  PRO 49  1340 1340 PRO PRO A . n 
A 1 50  PHE 50  1341 1341 PHE PHE A . n 
A 1 51  ARG 51  1342 1342 ARG ARG A . n 
A 1 52  GLN 52  1343 1343 GLN GLN A . n 
A 1 53  PRO 53  1344 1344 PRO PRO A . n 
A 1 54  VAL 54  1345 1345 VAL VAL A . n 
A 1 55  ASP 55  1346 1346 ASP ASP A . n 
A 1 56  LEU 56  1347 1347 LEU LEU A . n 
A 1 57  LEU 57  1348 1348 LEU LEU A . n 
A 1 58  GLU 58  1349 1349 GLU GLU A . n 
A 1 59  TYR 59  1350 1350 TYR TYR A . n 
A 1 60  PRO 60  1351 1351 PRO PRO A . n 
A 1 61  ASP 61  1352 1352 ASP ASP A . n 
A 1 62  TYR 62  1353 1353 TYR TYR A . n 
A 1 63  ARG 63  1354 1354 ARG ARG A . n 
A 1 64  ASP 64  1355 1355 ASP ASP A . n 
A 1 65  ILE 65  1356 1356 ILE ILE A . n 
A 1 66  ILE 66  1357 1357 ILE ILE A . n 
A 1 67  ASP 67  1358 1358 ASP ASP A . n 
A 1 68  THR 68  1359 1359 THR THR A . n 
A 1 69  PRO 69  1360 1360 PRO PRO A . n 
A 1 70  MET 70  1361 1361 MET MET A . n 
A 1 71  ASP 71  1362 1362 ASP ASP A . n 
A 1 72  PHE 72  1363 1363 PHE PHE A . n 
A 1 73  ALA 73  1364 1364 ALA ALA A . n 
A 1 74  THR 74  1365 1365 THR THR A . n 
A 1 75  VAL 75  1366 1366 VAL VAL A . n 
A 1 76  ARG 76  1367 1367 ARG ARG A . n 
A 1 77  GLU 77  1368 1368 GLU GLU A . n 
A 1 78  THR 78  1369 1369 THR THR A . n 
A 1 79  LEU 79  1370 1370 LEU LEU A . n 
A 1 80  GLU 80  1371 1371 GLU GLU A . n 
A 1 81  ALA 81  1372 1372 ALA ALA A . n 
A 1 82  GLY 82  1373 1373 GLY GLY A . n 
A 1 83  ASN 83  1374 1374 ASN ASN A . n 
A 1 84  TYR 84  1375 1375 TYR TYR A . n 
A 1 85  GLU 85  1376 1376 GLU GLU A . n 
A 1 86  SER 86  1377 1377 SER SER A . n 
A 1 87  PRO 87  1378 1378 PRO PRO A . n 
A 1 88  MET 88  1379 1379 MET MET A . n 
A 1 89  GLU 89  1380 1380 GLU GLU A . n 
A 1 90  LEU 90  1381 1381 LEU LEU A . n 
A 1 91  CYS 91  1382 1382 CYS CYS A . n 
A 1 92  LYS 92  1383 1383 LYS LYS A . n 
A 1 93  ASP 93  1384 1384 ASP ASP A . n 
A 1 94  VAL 94  1385 1385 VAL VAL A . n 
A 1 95  ARG 95  1386 1386 ARG ARG A . n 
A 1 96  LEU 96  1387 1387 LEU LEU A . n 
A 1 97  ILE 97  1388 1388 ILE ILE A . n 
A 1 98  PHE 98  1389 1389 PHE PHE A . n 
A 1 99  SER 99  1390 1390 SER SER A . n 
A 1 100 ASN 100 1391 1391 ASN ASN A . n 
A 1 101 SER 101 1392 1392 SER SER A . n 
A 1 102 LYS 102 1393 1393 LYS LYS A . n 
A 1 103 ALA 103 1394 1394 ALA ALA A . n 
A 1 104 TYR 104 1395 1395 TYR TYR A . n 
A 1 105 THR 105 1396 1396 THR THR A . n 
A 1 106 PRO 106 1397 1397 PRO PRO A . n 
A 1 107 SER 107 1398 1398 SER SER A . n 
A 1 108 LYS 108 1399 1399 LYS LYS A . n 
A 1 109 ARG 109 1400 1400 ARG ARG A . n 
A 1 110 SER 110 1401 1401 SER SER A . n 
A 1 111 ARG 111 1402 1402 ARG ARG A . n 
A 1 112 ILE 112 1403 1403 ILE ILE A . n 
A 1 113 TYR 113 1404 1404 TYR TYR A . n 
A 1 114 SER 114 1405 1405 SER SER A . n 
A 1 115 MET 115 1406 1406 MET MET A . n 
A 1 116 SER 116 1407 1407 SER SER A . n 
A 1 117 LEU 117 1408 1408 LEU LEU A . n 
A 1 118 ARG 118 1409 1409 ARG ARG A . n 
A 1 119 LEU 119 1410 1410 LEU LEU A . n 
A 1 120 SER 120 1411 1411 SER SER A . n 
A 1 121 ALA 121 1412 1412 ALA ALA A . n 
A 1 122 PHE 122 1413 1413 PHE PHE A . n 
A 1 123 PHE 123 1414 1414 PHE PHE A . n 
A 1 124 GLU 124 1415 1415 GLU GLU A . n 
A 1 125 GLU 125 1416 1416 GLU GLU A . n 
A 1 126 HIS 126 1417 1417 HIS HIS A . n 
A 1 127 ILE 127 1418 1418 ILE ILE A . n 
A 1 128 SER 128 1419 1419 SER SER A . n 
A 1 129 SER 129 1420 1420 SER SER A . n 
A 1 130 VAL 130 1421 1421 VAL VAL A . n 
A 1 131 LEU 131 1422 1422 LEU LEU A . n 
A 1 132 SER 132 1423 1423 SER SER A . n 
A 1 133 ASP 133 1424 1424 ASP ASP A . n 
A 1 134 TYR 134 1425 1425 TYR TYR A . n 
A 1 135 LYS 135 1426 1426 LYS LYS A . n 
A 1 136 SER 136 1427 1427 SER SER A . n 
A 1 137 ALA 137 1428 1428 ALA ALA A . n 
A 1 138 LEU 138 1429 1429 LEU LEU A . n 
A 1 139 ARG 139 1430 1430 ARG ARG A . n 
A 1 140 PHE 140 1431 1431 PHE PHE A . n 
A 1 141 HIS 141 1432 1432 HIS HIS A . n 
A 1 142 LYS 142 1433 1433 LYS LYS A . n 
A 1 143 ARG 143 1434 1434 ARG ARG A . n 
A 1 144 ASN 144 1435 1435 ASN ASN A . n 
A 1 145 THR 145 1436 ?    ?   ?   A . n 
A 1 146 ILE 146 1437 ?    ?   ?   A . n 
A 1 147 THR 147 1438 ?    ?   ?   A . n 
A 1 148 LYS 148 1439 ?    ?   ?   A . n 
A 1 149 ARG 149 1440 ?    ?   ?   A . n 
# 
loop_
_pdbx_nonpoly_scheme.asym_id 
_pdbx_nonpoly_scheme.entity_id 
_pdbx_nonpoly_scheme.mon_id 
_pdbx_nonpoly_scheme.ndb_seq_num 
_pdbx_nonpoly_scheme.pdb_seq_num 
_pdbx_nonpoly_scheme.auth_seq_num 
_pdbx_nonpoly_scheme.pdb_mon_id 
_pdbx_nonpoly_scheme.auth_mon_id 
_pdbx_nonpoly_scheme.pdb_strand_id 
_pdbx_nonpoly_scheme.pdb_ins_code 
B 2 ZPL 1   1901 1901 ZPL LIG A . 
C 3 HOH 1   2001 24   HOH HOH A . 
C 3 HOH 2   2002 29   HOH HOH A . 
C 3 HOH 3   2003 1607 HOH HOH A . 
C 3 HOH 4   2004 28   HOH HOH A . 
C 3 HOH 5   2005 10   HOH HOH A . 
C 3 HOH 6   2006 1641 HOH HOH A . 
C 3 HOH 7   2007 1745 HOH HOH A . 
C 3 HOH 8   2008 1605 HOH HOH A . 
C 3 HOH 9   2009 22   HOH HOH A . 
C 3 HOH 10  2010 3    HOH HOH A . 
C 3 HOH 11  2011 1642 HOH HOH A . 
C 3 HOH 12  2012 1624 HOH HOH A . 
C 3 HOH 13  2013 1662 HOH HOH A . 
C 3 HOH 14  2014 1739 HOH HOH A . 
C 3 HOH 15  2015 16   HOH HOH A . 
C 3 HOH 16  2016 1759 HOH HOH A . 
C 3 HOH 17  2017 1633 HOH HOH A . 
C 3 HOH 18  2018 1622 HOH HOH A . 
C 3 HOH 19  2019 1750 HOH HOH A . 
C 3 HOH 20  2020 1638 HOH HOH A . 
C 3 HOH 21  2021 1712 HOH HOH A . 
C 3 HOH 22  2022 1676 HOH HOH A . 
C 3 HOH 23  2023 1615 HOH HOH A . 
C 3 HOH 24  2024 1678 HOH HOH A . 
C 3 HOH 25  2025 1663 HOH HOH A . 
C 3 HOH 26  2026 1655 HOH HOH A . 
C 3 HOH 27  2027 1664 HOH HOH A . 
C 3 HOH 28  2028 1623 HOH HOH A . 
C 3 HOH 29  2029 1613 HOH HOH A . 
C 3 HOH 30  2030 1653 HOH HOH A . 
C 3 HOH 31  2031 1629 HOH HOH A . 
C 3 HOH 32  2032 30   HOH HOH A . 
C 3 HOH 33  2033 1665 HOH HOH A . 
C 3 HOH 34  2034 1603 HOH HOH A . 
C 3 HOH 35  2035 1602 HOH HOH A . 
C 3 HOH 36  2036 1747 HOH HOH A . 
C 3 HOH 37  2037 1658 HOH HOH A . 
C 3 HOH 38  2038 5    HOH HOH A . 
C 3 HOH 39  2039 1609 HOH HOH A . 
C 3 HOH 40  2040 1    HOH HOH A . 
C 3 HOH 41  2041 11   HOH HOH A . 
C 3 HOH 42  2042 1635 HOH HOH A . 
C 3 HOH 43  2043 1617 HOH HOH A . 
C 3 HOH 44  2044 1616 HOH HOH A . 
C 3 HOH 45  2045 9    HOH HOH A . 
C 3 HOH 46  2046 1649 HOH HOH A . 
C 3 HOH 47  2047 1671 HOH HOH A . 
C 3 HOH 48  2048 27   HOH HOH A . 
C 3 HOH 49  2049 1628 HOH HOH A . 
C 3 HOH 50  2050 1620 HOH HOH A . 
C 3 HOH 51  2051 1644 HOH HOH A . 
C 3 HOH 52  2052 1625 HOH HOH A . 
C 3 HOH 53  2053 1677 HOH HOH A . 
C 3 HOH 54  2054 1733 HOH HOH A . 
C 3 HOH 55  2055 1660 HOH HOH A . 
C 3 HOH 56  2056 1604 HOH HOH A . 
C 3 HOH 57  2057 1674 HOH HOH A . 
C 3 HOH 58  2058 1645 HOH HOH A . 
C 3 HOH 59  2059 1672 HOH HOH A . 
C 3 HOH 60  2060 1673 HOH HOH A . 
C 3 HOH 61  2061 1668 HOH HOH A . 
C 3 HOH 62  2062 1741 HOH HOH A . 
C 3 HOH 63  2063 1693 HOH HOH A . 
C 3 HOH 64  2064 1666 HOH HOH A . 
C 3 HOH 65  2065 1700 HOH HOH A . 
C 3 HOH 66  2066 1646 HOH HOH A . 
C 3 HOH 67  2067 1643 HOH HOH A . 
C 3 HOH 68  2068 1723 HOH HOH A . 
C 3 HOH 69  2069 1680 HOH HOH A . 
C 3 HOH 70  2070 1634 HOH HOH A . 
C 3 HOH 71  2071 1632 HOH HOH A . 
C 3 HOH 72  2072 1675 HOH HOH A . 
C 3 HOH 73  2073 1630 HOH HOH A . 
C 3 HOH 74  2074 1702 HOH HOH A . 
C 3 HOH 75  2075 1650 HOH HOH A . 
C 3 HOH 76  2076 1652 HOH HOH A . 
C 3 HOH 77  2077 1637 HOH HOH A . 
C 3 HOH 78  2078 1732 HOH HOH A . 
C 3 HOH 79  2079 20   HOH HOH A . 
C 3 HOH 80  2080 1661 HOH HOH A . 
C 3 HOH 81  2081 1701 HOH HOH A . 
C 3 HOH 82  2082 1681 HOH HOH A . 
C 3 HOH 83  2083 1621 HOH HOH A . 
C 3 HOH 84  2084 1767 HOH HOH A . 
C 3 HOH 85  2085 1704 HOH HOH A . 
C 3 HOH 86  2086 1725 HOH HOH A . 
C 3 HOH 87  2087 1689 HOH HOH A . 
C 3 HOH 88  2088 1716 HOH HOH A . 
C 3 HOH 89  2089 1683 HOH HOH A . 
C 3 HOH 90  2090 1699 HOH HOH A . 
C 3 HOH 91  2091 1690 HOH HOH A . 
C 3 HOH 92  2092 1740 HOH HOH A . 
C 3 HOH 93  2093 1619 HOH HOH A . 
C 3 HOH 94  2094 1696 HOH HOH A . 
C 3 HOH 95  2095 1685 HOH HOH A . 
C 3 HOH 96  2096 1714 HOH HOH A . 
C 3 HOH 97  2097 1738 HOH HOH A . 
C 3 HOH 98  2098 1711 HOH HOH A . 
C 3 HOH 99  2099 1757 HOH HOH A . 
C 3 HOH 100 2100 1688 HOH HOH A . 
C 3 HOH 101 2101 8    HOH HOH A . 
C 3 HOH 102 2102 1687 HOH HOH A . 
C 3 HOH 103 2103 1636 HOH HOH A . 
C 3 HOH 104 2104 1721 HOH HOH A . 
C 3 HOH 105 2105 1684 HOH HOH A . 
C 3 HOH 106 2106 1686 HOH HOH A . 
C 3 HOH 107 2107 1651 HOH HOH A . 
C 3 HOH 108 2108 1736 HOH HOH A . 
C 3 HOH 109 2109 1694 HOH HOH A . 
C 3 HOH 110 2110 1697 HOH HOH A . 
C 3 HOH 111 2111 1708 HOH HOH A . 
C 3 HOH 112 2112 1682 HOH HOH A . 
C 3 HOH 113 2113 1722 HOH HOH A . 
C 3 HOH 114 2114 1728 HOH HOH A . 
C 3 HOH 115 2115 1706 HOH HOH A . 
C 3 HOH 116 2116 1611 HOH HOH A . 
C 3 HOH 117 2117 1710 HOH HOH A . 
C 3 HOH 118 2118 1713 HOH HOH A . 
C 3 HOH 119 2119 1692 HOH HOH A . 
C 3 HOH 120 2120 1715 HOH HOH A . 
C 3 HOH 121 2121 1719 HOH HOH A . 
C 3 HOH 122 2122 1612 HOH HOH A . 
C 3 HOH 123 2123 19   HOH HOH A . 
C 3 HOH 124 2124 1729 HOH HOH A . 
C 3 HOH 125 2125 1724 HOH HOH A . 
C 3 HOH 126 2126 1727 HOH HOH A . 
C 3 HOH 127 2127 1669 HOH HOH A . 
C 3 HOH 128 2128 7    HOH HOH A . 
C 3 HOH 129 2129 1657 HOH HOH A . 
C 3 HOH 130 2130 1734 HOH HOH A . 
C 3 HOH 131 2131 1737 HOH HOH A . 
C 3 HOH 132 2132 1667 HOH HOH A . 
C 3 HOH 133 2133 1773 HOH HOH A . 
C 3 HOH 134 2134 1709 HOH HOH A . 
C 3 HOH 135 2135 1731 HOH HOH A . 
C 3 HOH 136 2136 1798 HOH HOH A . 
C 3 HOH 137 2137 1656 HOH HOH A . 
C 3 HOH 138 2138 23   HOH HOH A . 
C 3 HOH 139 2139 1801 HOH HOH A . 
C 3 HOH 140 2140 1718 HOH HOH A . 
C 3 HOH 141 2141 1726 HOH HOH A . 
C 3 HOH 142 2142 1631 HOH HOH A . 
C 3 HOH 143 2143 1703 HOH HOH A . 
C 3 HOH 144 2144 1744 HOH HOH A . 
C 3 HOH 145 2145 1754 HOH HOH A . 
C 3 HOH 146 2146 1640 HOH HOH A . 
C 3 HOH 147 2147 1720 HOH HOH A . 
C 3 HOH 148 2148 1770 HOH HOH A . 
C 3 HOH 149 2149 1752 HOH HOH A . 
C 3 HOH 150 2150 4    HOH HOH A . 
C 3 HOH 151 2151 1756 HOH HOH A . 
C 3 HOH 152 2152 1751 HOH HOH A . 
C 3 HOH 153 2153 1753 HOH HOH A . 
C 3 HOH 154 2154 1769 HOH HOH A . 
C 3 HOH 155 2155 1766 HOH HOH A . 
C 3 HOH 156 2156 1777 HOH HOH A . 
C 3 HOH 157 2157 1763 HOH HOH A . 
C 3 HOH 158 2158 1779 HOH HOH A . 
C 3 HOH 159 2159 1742 HOH HOH A . 
C 3 HOH 160 2160 1795 HOH HOH A . 
C 3 HOH 161 2161 1765 HOH HOH A . 
C 3 HOH 162 2162 1762 HOH HOH A . 
C 3 HOH 163 2163 1774 HOH HOH A . 
C 3 HOH 164 2164 1758 HOH HOH A . 
C 3 HOH 165 2165 1743 HOH HOH A . 
C 3 HOH 166 2166 1786 HOH HOH A . 
C 3 HOH 167 2167 1764 HOH HOH A . 
C 3 HOH 168 2168 14   HOH HOH A . 
C 3 HOH 169 2169 1760 HOH HOH A . 
C 3 HOH 170 2170 15   HOH HOH A . 
C 3 HOH 171 2171 1778 HOH HOH A . 
C 3 HOH 172 2172 1781 HOH HOH A . 
C 3 HOH 173 2173 1775 HOH HOH A . 
C 3 HOH 174 2174 1749 HOH HOH A . 
C 3 HOH 175 2175 1784 HOH HOH A . 
C 3 HOH 176 2176 1796 HOH HOH A . 
C 3 HOH 177 2177 1783 HOH HOH A . 
C 3 HOH 178 2178 1654 HOH HOH A . 
C 3 HOH 179 2179 13   HOH HOH A . 
C 3 HOH 180 2180 1782 HOH HOH A . 
C 3 HOH 181 2181 21   HOH HOH A . 
C 3 HOH 182 2182 1780 HOH HOH A . 
C 3 HOH 183 2183 1785 HOH HOH A . 
C 3 HOH 184 2184 17   HOH HOH A . 
C 3 HOH 185 2185 18   HOH HOH A . 
C 3 HOH 186 2186 1787 HOH HOH A . 
C 3 HOH 187 2187 1790 HOH HOH A . 
C 3 HOH 188 2188 26   HOH HOH A . 
C 3 HOH 189 2189 6    HOH HOH A . 
C 3 HOH 190 2190 1761 HOH HOH A . 
C 3 HOH 191 2191 1794 HOH HOH A . 
C 3 HOH 192 2192 1792 HOH HOH A . 
C 3 HOH 193 2193 1793 HOH HOH A . 
C 3 HOH 194 2194 1789 HOH HOH A . 
C 3 HOH 195 2195 1768 HOH HOH A . 
C 3 HOH 196 2196 25   HOH HOH A . 
C 3 HOH 197 2197 1799 HOH HOH A . 
C 3 HOH 198 2198 1797 HOH HOH A . 
C 3 HOH 199 2199 1800 HOH HOH A . 
# 
loop_
_pdbx_unobs_or_zero_occ_atoms.id 
_pdbx_unobs_or_zero_occ_atoms.PDB_model_num 
_pdbx_unobs_or_zero_occ_atoms.polymer_flag 
_pdbx_unobs_or_zero_occ_atoms.occupancy_flag 
_pdbx_unobs_or_zero_occ_atoms.auth_asym_id 
_pdbx_unobs_or_zero_occ_atoms.auth_comp_id 
_pdbx_unobs_or_zero_occ_atoms.auth_seq_id 
_pdbx_unobs_or_zero_occ_atoms.PDB_ins_code 
_pdbx_unobs_or_zero_occ_atoms.auth_atom_id 
_pdbx_unobs_or_zero_occ_atoms.label_alt_id 
_pdbx_unobs_or_zero_occ_atoms.label_asym_id 
_pdbx_unobs_or_zero_occ_atoms.label_comp_id 
_pdbx_unobs_or_zero_occ_atoms.label_seq_id 
_pdbx_unobs_or_zero_occ_atoms.label_atom_id 
1 1 Y 1 A GLN 1334 ? CD  ? A GLN 43 CD  
2 1 Y 1 A GLN 1334 ? OE1 ? A GLN 43 OE1 
3 1 Y 1 A GLN 1334 ? NE2 ? A GLN 43 NE2 
# 
loop_
_software.pdbx_ordinal 
_software.name 
_software.version 
_software.date 
_software.type 
_software.contact_author 
_software.contact_author_email 
_software.classification 
_software.location 
_software.language 
_software.citation_id 
1 REFMAC      5.8.0267 ?               program 'Garib N. Murshudov' garib@ysbl.york.ac.uk    refinement        
http://www.ccp4.ac.uk/dist/html/refmac5.html        Fortran_77 ? 
2 Aimless     0.7.7    23/04/21        program 'Phil Evans'         ?                        'data scaling'    
http://www.mrc-lmb.cam.ac.uk/harry/pre/aimless.html ?          ? 
3 PDB_EXTRACT 3.23     'SEP. 23, 2016' package PDB                  deposit@deposit.rcsb.org 'data extraction' 
http://sw-tools.pdb.org/apps/PDB_EXTRACT/           C++        ? 
4 XDS         .        ?               program ?                    ?                        'data reduction'  ? ?          ? 
5 REFMAC      .        ?               program ?                    ?                        phasing           ? ?          ? 
# 
_cell.entry_id           7FVO 
_cell.length_a           82.058 
_cell.length_b           27.731 
_cell.length_c           56.361 
_cell.angle_alpha        90.000 
_cell.angle_beta         99.930 
_cell.angle_gamma        90.000 
_cell.Z_PDB              4 
_cell.pdbx_unique_axis   ? 
# 
_symmetry.entry_id                         7FVO 
_symmetry.space_group_name_H-M             'C 1 2 1' 
_symmetry.pdbx_full_space_group_name_H-M   ? 
_symmetry.cell_setting                     ? 
_symmetry.Int_Tables_number                5 
# 
_exptl.crystals_number   1 
_exptl.entry_id          7FVO 
_exptl.method            'X-RAY DIFFRACTION' 
# 
_exptl_crystal.id                    1 
_exptl_crystal.pdbx_mosaicity        0.000 
_exptl_crystal.pdbx_mosaicity_esd    ? 
_exptl_crystal.density_Matthews      1.79 
_exptl_crystal.density_diffrn        ? 
_exptl_crystal.density_meas          ? 
_exptl_crystal.density_meas_temp     ? 
_exptl_crystal.density_percent_sol   31.35 
_exptl_crystal.size_max              ? 
_exptl_crystal.size_mid              ? 
_exptl_crystal.size_min              ? 
_exptl_crystal.size_rad              ? 
_exptl_crystal.description           ? 
# 
_exptl_crystal_grow.crystal_id      1 
_exptl_crystal_grow.method          'VAPOR DIFFUSION, SITTING DROP' 
_exptl_crystal_grow.pH              5.6 
_exptl_crystal_grow.temp            277 
_exptl_crystal_grow.pdbx_details    '20% PEG 8000, 0.04M potassium phosphate' 
_exptl_crystal_grow.temp_details    ? 
_exptl_crystal_grow.pdbx_pH_range   ? 
# 
_diffrn.id                     1 
_diffrn.ambient_temp           100 
_diffrn.crystal_id             1 
_diffrn.ambient_temp_details   ? 
# 
_diffrn_detector.detector               PIXEL 
_diffrn_detector.type                   'DECTRIS PILATUS 6M' 
_diffrn_detector.pdbx_collection_date   2022-09-24 
_diffrn_detector.diffrn_id              1 
_diffrn_detector.details                ? 
# 
_diffrn_radiation.diffrn_id                        1 
_diffrn_radiation.wavelength_id                    1 
_diffrn_radiation.pdbx_diffrn_protocol             'SINGLE WAVELENGTH' 
_diffrn_radiation.pdbx_monochromatic_or_laue_m_l   ? 
_diffrn_radiation.monochromator                    ? 
_diffrn_radiation.pdbx_scattering_type             x-ray 
# 
_diffrn_radiation_wavelength.id           1 
_diffrn_radiation_wavelength.wavelength   0.92124 
_diffrn_radiation_wavelength.wt           1.0 
# 
_diffrn_source.diffrn_id                   1 
_diffrn_source.source                      SYNCHROTRON 
_diffrn_source.type                        'DIAMOND BEAMLINE I04-1' 
_diffrn_source.pdbx_wavelength_list        0.92124 
_diffrn_source.pdbx_synchrotron_site       Diamond 
_diffrn_source.pdbx_synchrotron_beamline   I04-1 
_diffrn_source.pdbx_wavelength             ? 
# 
_reflns.entry_id                     7FVO 
_reflns.pdbx_diffrn_id               1 
_reflns.pdbx_ordinal                 1 
_reflns.observed_criterion_sigma_I   ? 
_reflns.observed_criterion_sigma_F   ? 
_reflns.d_resolution_low             27.770 
_reflns.d_resolution_high            1.190 
_reflns.number_obs                   34046 
_reflns.number_all                   ? 
_reflns.percent_possible_obs         84.000 
_reflns.pdbx_Rmerge_I_obs            0.050 
_reflns.pdbx_Rsym_value              ? 
_reflns.pdbx_netI_over_sigmaI        21.100 
_reflns.B_iso_Wilson_estimate        ? 
_reflns.pdbx_redundancy              5.200 
_reflns.pdbx_Rrim_I_all              0.055 
_reflns.pdbx_Rpim_I_all              0.022 
_reflns.pdbx_CC_half                 0.968 
_reflns.pdbx_netI_over_av_sigmaI     ? 
_reflns.pdbx_number_measured_all     175568 
_reflns.pdbx_scaling_rejects         0 
_reflns.pdbx_chi_squared             ? 
_reflns.Rmerge_F_all                 ? 
_reflns.Rmerge_F_obs                 ? 
_reflns.observed_criterion_F_max     ? 
_reflns.observed_criterion_F_min     ? 
_reflns.observed_criterion_I_max     ? 
_reflns.observed_criterion_I_min     ? 
_reflns.pdbx_d_res_high_opt          ? 
_reflns.pdbx_d_res_low_opt           ? 
_reflns.details                      ? 
# 
loop_
_reflns_shell.pdbx_diffrn_id 
_reflns_shell.pdbx_ordinal 
_reflns_shell.d_res_high 
_reflns_shell.d_res_low 
_reflns_shell.number_measured_obs 
_reflns_shell.number_measured_all 
_reflns_shell.number_unique_obs 
_reflns_shell.pdbx_rejects 
_reflns_shell.Rmerge_I_obs 
_reflns_shell.meanI_over_sigI_obs 
_reflns_shell.pdbx_Rsym_value 
_reflns_shell.pdbx_chi_squared 
_reflns_shell.pdbx_redundancy 
_reflns_shell.percent_possible_obs 
_reflns_shell.pdbx_netI_over_sigmaI_obs 
_reflns_shell.number_possible 
_reflns_shell.number_unique_all 
_reflns_shell.Rmerge_F_all 
_reflns_shell.Rmerge_F_obs 
_reflns_shell.Rmerge_I_all 
_reflns_shell.meanI_over_sigI_all 
_reflns_shell.percent_possible_all 
_reflns_shell.pdbx_Rrim_I_all 
_reflns_shell.pdbx_Rpim_I_all 
_reflns_shell.pdbx_CC_half 
1 1 1.190 1.210  ? 573  ? ? 0.306 ? ? ? 1.300 ? 0.800  ? 446 ? ? ? ? 22.100 0.422 0.289 0.905 
1 2 6.520 27.770 ? 1612 ? ? 0.061 ? ? ? 5.800 ? 60.600 ? 280 ? ? ? ? 99.000 0.069 0.030 0.981 
# 
_refine.entry_id                                 7FVO 
_refine.pdbx_refine_id                           'X-RAY DIFFRACTION' 
_refine.ls_d_res_high                            1.1900 
_refine.ls_d_res_low                             27.7700 
_refine.pdbx_ls_sigma_F                          0.000 
_refine.pdbx_data_cutoff_high_absF               ? 
_refine.pdbx_data_cutoff_low_absF                ? 
_refine.ls_percent_reflns_obs                    83.8300 
_refine.ls_number_reflns_obs                     32341 
_refine.ls_number_reflns_all                     ? 
_refine.pdbx_ls_cross_valid_method               THROUGHOUT 
_refine.ls_matrix_type                           ? 
_refine.pdbx_R_Free_selection_details            RANDOM 
_refine.details                                  
'HYDROGENS HAVE BEEN ADDED IN THE RIDING POSITIONS U VALUES      : REFINED INDIVIDUALLY' 
_refine.ls_R_factor_all                          ? 
_refine.ls_R_factor_obs                          0.1755 
_refine.ls_R_factor_R_work                       0.1745 
_refine.ls_wR_factor_R_work                      ? 
_refine.ls_R_factor_R_free                       0.1946 
_refine.ls_wR_factor_R_free                      ? 
_refine.ls_percent_reflns_R_free                 5.0000 
_refine.ls_number_reflns_R_free                  1705 
_refine.ls_number_reflns_R_work                  ? 
_refine.ls_R_factor_R_free_error                 ? 
_refine.B_iso_mean                               19.2390 
_refine.solvent_model_param_bsol                 ? 
_refine.solvent_model_param_ksol                 ? 
_refine.pdbx_isotropic_thermal_model             ? 
_refine.aniso_B[1][1]                            -0.0300 
_refine.aniso_B[2][2]                            0.8400 
_refine.aniso_B[3][3]                            -0.9100 
_refine.aniso_B[1][2]                            -0.0000 
_refine.aniso_B[1][3]                            0.4300 
_refine.aniso_B[2][3]                            0.0000 
_refine.correlation_coeff_Fo_to_Fc               0.9660 
_refine.correlation_coeff_Fo_to_Fc_free          0.9600 
_refine.overall_SU_R_Cruickshank_DPI             ? 
_refine.pdbx_overall_SU_R_free_Cruickshank_DPI   ? 
_refine.pdbx_overall_SU_R_Blow_DPI               ? 
_refine.pdbx_overall_SU_R_free_Blow_DPI          ? 
_refine.overall_SU_R_free                        ? 
_refine.pdbx_overall_ESU_R                       0.0740 
_refine.pdbx_overall_ESU_R_Free                  0.0690 
_refine.overall_SU_ML                            0.0610 
_refine.overall_SU_B                             1.4510 
_refine.solvent_model_details                    MASK 
_refine.pdbx_solvent_vdw_probe_radii             1.2000 
_refine.pdbx_solvent_ion_probe_radii             0.8000 
_refine.pdbx_solvent_shrinkage_radii             0.8000 
_refine.ls_number_parameters                     ? 
_refine.ls_number_restraints                     ? 
_refine.pdbx_starting_model                      7av9 
_refine.pdbx_method_to_determine_struct          'FOURIER SYNTHESIS' 
_refine.pdbx_stereochemistry_target_values       'MAXIMUM LIKELIHOOD' 
_refine.pdbx_stereochem_target_val_spec_case     ? 
_refine.overall_FOM_work_R_set                   ? 
_refine.B_iso_max                                65.180 
_refine.B_iso_min                                10.110 
_refine.pdbx_overall_phase_error                 ? 
_refine.occupancy_max                            ? 
_refine.occupancy_min                            ? 
_refine.pdbx_diffrn_id                           1 
_refine.pdbx_TLS_residual_ADP_flag               ? 
_refine.pdbx_ls_sigma_I                          ? 
_refine.pdbx_data_cutoff_high_rms_absF           ? 
_refine.ls_R_factor_R_free_error_details         ? 
# 
_refine_hist.cycle_id                         final 
_refine_hist.pdbx_refine_id                   'X-RAY DIFFRACTION' 
_refine_hist.d_res_high                       1.1900 
_refine_hist.d_res_low                        27.7700 
_refine_hist.pdbx_number_atoms_ligand         25 
_refine_hist.number_atoms_solvent             199 
_refine_hist.number_atoms_total               1227 
_refine_hist.pdbx_number_residues_total       121 
_refine_hist.pdbx_B_iso_mean_ligand           26.61 
_refine_hist.pdbx_B_iso_mean_solvent          29.12 
_refine_hist.pdbx_number_atoms_protein        1003 
_refine_hist.pdbx_number_atoms_nucleic_acid   0 
# 
loop_
_refine_ls_restr.pdbx_refine_id 
_refine_ls_restr.type 
_refine_ls_restr.number 
_refine_ls_restr.dev_ideal 
_refine_ls_restr.dev_ideal_target 
_refine_ls_restr.weight 
_refine_ls_restr.pdbx_restraint_function 
'X-RAY DIFFRACTION' r_bond_refined_d       3037 0.008  0.015  ? ? 
'X-RAY DIFFRACTION' r_bond_other_d         2021 0.001  0.014  ? ? 
'X-RAY DIFFRACTION' r_angle_refined_deg    3099 1.662  1.670  ? ? 
'X-RAY DIFFRACTION' r_angle_other_deg      4720 1.420  1.582  ? ? 
'X-RAY DIFFRACTION' r_dihedral_angle_1_deg 291  6.665  5.000  ? ? 
'X-RAY DIFFRACTION' r_dihedral_angle_2_deg 136  24.048 19.853 ? ? 
'X-RAY DIFFRACTION' r_dihedral_angle_3_deg 383  13.787 15.000 ? ? 
'X-RAY DIFFRACTION' r_dihedral_angle_4_deg 21   16.970 15.000 ? ? 
'X-RAY DIFFRACTION' r_chiral_restr         275  0.093  0.200  ? ? 
'X-RAY DIFFRACTION' r_gen_planes_refined   2749 0.008  0.020  ? ? 
'X-RAY DIFFRACTION' r_gen_planes_other     569  0.002  0.020  ? ? 
'X-RAY DIFFRACTION' r_mcbond_it            1426 1.493  1.865  ? ? 
'X-RAY DIFFRACTION' r_mcbond_other         1345 1.536  1.780  ? ? 
'X-RAY DIFFRACTION' r_mcangle_it           1373 3.063  2.578  ? ? 
# 
_refine_ls_shell.d_res_high                       1.1890 
_refine_ls_shell.d_res_low                        1.2200 
_refine_ls_shell.pdbx_total_number_of_bins_used   20 
_refine_ls_shell.percent_reflns_obs               24.1800 
_refine_ls_shell.number_reflns_R_work             681 
_refine_ls_shell.R_factor_all                     ? 
_refine_ls_shell.R_factor_R_work                  0.3760 
_refine_ls_shell.R_factor_R_free                  0.3890 
_refine_ls_shell.percent_reflns_R_free            ? 
_refine_ls_shell.number_reflns_R_free             37 
_refine_ls_shell.R_factor_R_free_error            ? 
_refine_ls_shell.number_reflns_all                718 
_refine_ls_shell.number_reflns_obs                ? 
_refine_ls_shell.pdbx_refine_id                   'X-RAY DIFFRACTION' 
# 
_struct.entry_id                  7FVO 
_struct.title                     'PanDDA analysis group deposition -- PHIP in complex with Z1435810807' 
_struct.pdbx_model_details        ? 
_struct.pdbx_CASP_flag            ? 
_struct.pdbx_model_type_details   ? 
# 
_struct_keywords.entry_id        7FVO 
_struct_keywords.text            
'False negatives, ligand features, rescreening, catalogue, fragment follow-ups, automated chemistry, SIGNALING PROTEIN' 
_struct_keywords.pdbx_keywords   'SIGNALING PROTEIN' 
# 
loop_
_struct_asym.id 
_struct_asym.pdbx_blank_PDB_chainid_flag 
_struct_asym.pdbx_modified 
_struct_asym.entity_id 
_struct_asym.details 
A N N 1 ? 
B N N 2 ? 
C N N 3 ? 
# 
_struct_ref.id                         1 
_struct_ref.db_name                    UNP 
_struct_ref.db_code                    PHIP_HUMAN 
_struct_ref.pdbx_db_accession          Q8WWQ0 
_struct_ref.pdbx_db_isoform            ? 
_struct_ref.entity_id                  1 
_struct_ref.pdbx_seq_one_letter_code   
;SYDIQAWKKQCEELLNLIFQCEDSEPFRQPVDLLEYPDYRDIIDTPMDFATVRETLEAGNYESPMELCKDVRLIFSNSKA
YTPSKRSRIYSMSLRLSAFFEEHISSVLSDYKSALRFHKRNTITKR
;
_struct_ref.pdbx_align_begin           1315 
# 
_struct_ref_seq.align_id                      1 
_struct_ref_seq.ref_id                        1 
_struct_ref_seq.pdbx_PDB_id_code              7FVO 
_struct_ref_seq.pdbx_strand_id                A 
_struct_ref_seq.seq_align_beg                 24 
_struct_ref_seq.pdbx_seq_align_beg_ins_code   ? 
_struct_ref_seq.seq_align_end                 149 
_struct_ref_seq.pdbx_seq_align_end_ins_code   ? 
_struct_ref_seq.pdbx_db_accession             Q8WWQ0 
_struct_ref_seq.db_align_beg                  1315 
_struct_ref_seq.pdbx_db_align_beg_ins_code    ? 
_struct_ref_seq.db_align_end                  1440 
_struct_ref_seq.pdbx_db_align_end_ins_code    ? 
_struct_ref_seq.pdbx_auth_seq_align_beg       1315 
_struct_ref_seq.pdbx_auth_seq_align_end       1440 
# 
loop_
_struct_ref_seq_dif.align_id 
_struct_ref_seq_dif.pdbx_pdb_id_code 
_struct_ref_seq_dif.mon_id 
_struct_ref_seq_dif.pdbx_pdb_strand_id 
_struct_ref_seq_dif.seq_num 
_struct_ref_seq_dif.pdbx_pdb_ins_code 
_struct_ref_seq_dif.pdbx_seq_db_name 
_struct_ref_seq_dif.pdbx_seq_db_accession_code 
_struct_ref_seq_dif.db_mon_id 
_struct_ref_seq_dif.pdbx_seq_db_seq_num 
_struct_ref_seq_dif.details 
_struct_ref_seq_dif.pdbx_auth_seq_num 
_struct_ref_seq_dif.pdbx_ordinal 
1 7FVO MET A 1  ? UNP Q8WWQ0 ? ? 'initiating methionine' 1292 1  
1 7FVO HIS A 2  ? UNP Q8WWQ0 ? ? 'expression tag'        1293 2  
1 7FVO HIS A 3  ? UNP Q8WWQ0 ? ? 'expression tag'        1294 3  
1 7FVO HIS A 4  ? UNP Q8WWQ0 ? ? 'expression tag'        1295 4  
1 7FVO HIS A 5  ? UNP Q8WWQ0 ? ? 'expression tag'        1296 5  
1 7FVO HIS A 6  ? UNP Q8WWQ0 ? ? 'expression tag'        1297 6  
1 7FVO HIS A 7  ? UNP Q8WWQ0 ? ? 'expression tag'        1298 7  
1 7FVO SER A 8  ? UNP Q8WWQ0 ? ? 'expression tag'        1299 8  
1 7FVO SER A 9  ? UNP Q8WWQ0 ? ? 'expression tag'        1300 9  
1 7FVO GLY A 10 ? UNP Q8WWQ0 ? ? 'expression tag'        1301 10 
1 7FVO VAL A 11 ? UNP Q8WWQ0 ? ? 'expression tag'        1302 11 
1 7FVO ASP A 12 ? UNP Q8WWQ0 ? ? 'expression tag'        1303 12 
1 7FVO LEU A 13 ? UNP Q8WWQ0 ? ? 'expression tag'        1304 13 
1 7FVO GLY A 14 ? UNP Q8WWQ0 ? ? 'expression tag'        1305 14 
1 7FVO THR A 15 ? UNP Q8WWQ0 ? ? 'expression tag'        1306 15 
1 7FVO GLU A 16 ? UNP Q8WWQ0 ? ? 'expression tag'        1307 16 
1 7FVO ASN A 17 ? UNP Q8WWQ0 ? ? 'expression tag'        1308 17 
1 7FVO LEU A 18 ? UNP Q8WWQ0 ? ? 'expression tag'        1309 18 
1 7FVO TYR A 19 ? UNP Q8WWQ0 ? ? 'expression tag'        1310 19 
1 7FVO PHE A 20 ? UNP Q8WWQ0 ? ? 'expression tag'        1311 20 
1 7FVO GLN A 21 ? UNP Q8WWQ0 ? ? 'expression tag'        1312 21 
1 7FVO SER A 22 ? UNP Q8WWQ0 ? ? 'expression tag'        1313 22 
1 7FVO MET A 23 ? UNP Q8WWQ0 ? ? 'expression tag'        1314 23 
# 
_pdbx_struct_assembly.id                   1 
_pdbx_struct_assembly.details              author_and_software_defined_assembly 
_pdbx_struct_assembly.method_details       PISA 
_pdbx_struct_assembly.oligomeric_details   monomeric 
_pdbx_struct_assembly.oligomeric_count     1 
# 
_pdbx_struct_assembly_gen.assembly_id       1 
_pdbx_struct_assembly_gen.oper_expression   1 
_pdbx_struct_assembly_gen.asym_id_list      A,B,C 
# 
_pdbx_struct_oper_list.id                   1 
_pdbx_struct_oper_list.type                 'identity operation' 
_pdbx_struct_oper_list.name                 1_555 
_pdbx_struct_oper_list.symmetry_operation   x,y,z 
_pdbx_struct_oper_list.matrix[1][1]         1.0000000000 
_pdbx_struct_oper_list.matrix[1][2]         0.0000000000 
_pdbx_struct_oper_list.matrix[1][3]         0.0000000000 
_pdbx_struct_oper_list.vector[1]            0.0000000000 
_pdbx_struct_oper_list.matrix[2][1]         0.0000000000 
_pdbx_struct_oper_list.matrix[2][2]         1.0000000000 
_pdbx_struct_oper_list.matrix[2][3]         0.0000000000 
_pdbx_struct_oper_list.vector[2]            0.0000000000 
_pdbx_struct_oper_list.matrix[3][1]         0.0000000000 
_pdbx_struct_oper_list.matrix[3][2]         0.0000000000 
_pdbx_struct_oper_list.matrix[3][3]         1.0000000000 
_pdbx_struct_oper_list.vector[3]            0.0000000000 
# 
loop_
_struct_conf.conf_type_id 
_struct_conf.id 
_struct_conf.pdbx_PDB_helix_id 
_struct_conf.beg_label_comp_id 
_struct_conf.beg_label_asym_id 
_struct_conf.beg_label_seq_id 
_struct_conf.pdbx_beg_PDB_ins_code 
_struct_conf.end_label_comp_id 
_struct_conf.end_label_asym_id 
_struct_conf.end_label_seq_id 
_struct_conf.pdbx_end_PDB_ins_code 
_struct_conf.beg_auth_comp_id 
_struct_conf.beg_auth_asym_id 
_struct_conf.beg_auth_seq_id 
_struct_conf.end_auth_comp_id 
_struct_conf.end_auth_asym_id 
_struct_conf.end_auth_seq_id 
_struct_conf.pdbx_PDB_helix_class 
_struct_conf.details 
_struct_conf.pdbx_PDB_helix_length 
HELX_P HELX_P1 AA1 ALA A 29  ? CYS A 44  ? ALA A 1320 CYS A 1335 1 ? 16 
HELX_P HELX_P2 AA2 GLU A 45  ? ARG A 51  ? GLU A 1336 ARG A 1342 5 ? 7  
HELX_P HELX_P3 AA3 ASP A 61  ? ILE A 66  ? ASP A 1352 ILE A 1357 1 ? 6  
HELX_P HELX_P4 AA4 ASP A 71  ? ALA A 81  ? ASP A 1362 ALA A 1372 1 ? 11 
HELX_P HELX_P5 AA5 SER A 86  ? THR A 105 ? SER A 1377 THR A 1396 1 ? 20 
HELX_P HELX_P6 AA6 SER A 110 ? LYS A 142 ? SER A 1401 LYS A 1433 1 ? 33 
# 
_struct_conf_type.id          HELX_P 
_struct_conf_type.criteria    ? 
_struct_conf_type.reference   ? 
# 
loop_
_pdbx_validate_close_contact.id 
_pdbx_validate_close_contact.PDB_model_num 
_pdbx_validate_close_contact.auth_atom_id_1 
_pdbx_validate_close_contact.auth_asym_id_1 
_pdbx_validate_close_contact.auth_comp_id_1 
_pdbx_validate_close_contact.auth_seq_id_1 
_pdbx_validate_close_contact.PDB_ins_code_1 
_pdbx_validate_close_contact.label_alt_id_1 
_pdbx_validate_close_contact.auth_atom_id_2 
_pdbx_validate_close_contact.auth_asym_id_2 
_pdbx_validate_close_contact.auth_comp_id_2 
_pdbx_validate_close_contact.auth_seq_id_2 
_pdbx_validate_close_contact.PDB_ins_code_2 
_pdbx_validate_close_contact.label_alt_id_2 
_pdbx_validate_close_contact.dist 
1 1 OG A SER 1315 ? ? O A HOH 2001 ? ? 1.85 
2 1 CA A SER 1315 ? ? O A HOH 2001 ? ? 2.00 
3 1 CB A SER 1315 ? ? O A HOH 2001 ? ? 2.06 
4 1 O  A HOH 2065 ? ? O A HOH 2097 ? ? 2.15 
# 
_pdbx_validate_symm_contact.id                1 
_pdbx_validate_symm_contact.PDB_model_num     1 
_pdbx_validate_symm_contact.auth_atom_id_1    O 
_pdbx_validate_symm_contact.auth_asym_id_1    A 
_pdbx_validate_symm_contact.auth_comp_id_1    HOH 
_pdbx_validate_symm_contact.auth_seq_id_1     2155 
_pdbx_validate_symm_contact.PDB_ins_code_1    ? 
_pdbx_validate_symm_contact.label_alt_id_1    ? 
_pdbx_validate_symm_contact.site_symmetry_1   1_555 
_pdbx_validate_symm_contact.auth_atom_id_2    O 
_pdbx_validate_symm_contact.auth_asym_id_2    A 
_pdbx_validate_symm_contact.auth_comp_id_2    HOH 
_pdbx_validate_symm_contact.auth_seq_id_2     2163 
_pdbx_validate_symm_contact.PDB_ins_code_2    ? 
_pdbx_validate_symm_contact.label_alt_id_2    ? 
_pdbx_validate_symm_contact.site_symmetry_2   4_445 
_pdbx_validate_symm_contact.dist              2.08 
# 
_pdbx_struct_special_symmetry.id              1 
_pdbx_struct_special_symmetry.PDB_model_num   1 
_pdbx_struct_special_symmetry.auth_asym_id    A 
_pdbx_struct_special_symmetry.auth_comp_id    HOH 
_pdbx_struct_special_symmetry.auth_seq_id     2187 
_pdbx_struct_special_symmetry.PDB_ins_code    ? 
_pdbx_struct_special_symmetry.label_asym_id   C 
_pdbx_struct_special_symmetry.label_comp_id   HOH 
_pdbx_struct_special_symmetry.label_seq_id    . 
# 
_phasing.method   MR 
# 
_pdbx_entry_details.entry_id                 7FVO 
_pdbx_entry_details.compound_details         ? 
_pdbx_entry_details.source_details           ? 
_pdbx_entry_details.nonpolymer_details       ? 
_pdbx_entry_details.sequence_details         ? 
_pdbx_entry_details.has_ligand_of_interest   Y 
# 
loop_
_pdbx_unobs_or_zero_occ_residues.id 
_pdbx_unobs_or_zero_occ_residues.PDB_model_num 
_pdbx_unobs_or_zero_occ_residues.polymer_flag 
_pdbx_unobs_or_zero_occ_residues.occupancy_flag 
_pdbx_unobs_or_zero_occ_residues.auth_asym_id 
_pdbx_unobs_or_zero_occ_residues.auth_comp_id 
_pdbx_unobs_or_zero_occ_residues.auth_seq_id 
_pdbx_unobs_or_zero_occ_residues.PDB_ins_code 
_pdbx_unobs_or_zero_occ_residues.label_asym_id 
_pdbx_unobs_or_zero_occ_residues.label_comp_id 
_pdbx_unobs_or_zero_occ_residues.label_seq_id 
1  1 Y 1 A MET 1292 ? A MET 1   
2  1 Y 1 A HIS 1293 ? A HIS 2   
3  1 Y 1 A HIS 1294 ? A HIS 3   
4  1 Y 1 A HIS 1295 ? A HIS 4   
5  1 Y 1 A HIS 1296 ? A HIS 5   
6  1 Y 1 A HIS 1297 ? A HIS 6   
7  1 Y 1 A HIS 1298 ? A HIS 7   
8  1 Y 1 A SER 1299 ? A SER 8   
9  1 Y 1 A SER 1300 ? A SER 9   
10 1 Y 1 A GLY 1301 ? A GLY 10  
11 1 Y 1 A VAL 1302 ? A VAL 11  
12 1 Y 1 A ASP 1303 ? A ASP 12  
13 1 Y 1 A LEU 1304 ? A LEU 13  
14 1 Y 1 A GLY 1305 ? A GLY 14  
15 1 Y 1 A THR 1306 ? A THR 15  
16 1 Y 1 A GLU 1307 ? A GLU 16  
17 1 Y 1 A ASN 1308 ? A ASN 17  
18 1 Y 1 A LEU 1309 ? A LEU 18  
19 1 Y 1 A TYR 1310 ? A TYR 19  
20 1 Y 1 A PHE 1311 ? A PHE 20  
21 1 Y 1 A GLN 1312 ? A GLN 21  
22 1 Y 1 A SER 1313 ? A SER 22  
23 1 Y 1 A MET 1314 ? A MET 23  
24 1 Y 1 A THR 1436 ? A THR 145 
25 1 Y 1 A ILE 1437 ? A ILE 146 
26 1 Y 1 A THR 1438 ? A THR 147 
27 1 Y 1 A LYS 1439 ? A LYS 148 
28 1 Y 1 A ARG 1440 ? A ARG 149 
# 
loop_
_chem_comp_atom.comp_id 
_chem_comp_atom.atom_id 
_chem_comp_atom.type_symbol 
_chem_comp_atom.pdbx_aromatic_flag 
_chem_comp_atom.pdbx_stereo_config 
_chem_comp_atom.pdbx_ordinal 
ALA N    N N N 1   
ALA CA   C N S 2   
ALA C    C N N 3   
ALA O    O N N 4   
ALA CB   C N N 5   
ALA OXT  O N N 6   
ALA H    H N N 7   
ALA H2   H N N 8   
ALA HA   H N N 9   
ALA HB1  H N N 10  
ALA HB2  H N N 11  
ALA HB3  H N N 12  
ALA HXT  H N N 13  
ARG N    N N N 14  
ARG CA   C N S 15  
ARG C    C N N 16  
ARG O    O N N 17  
ARG CB   C N N 18  
ARG CG   C N N 19  
ARG CD   C N N 20  
ARG NE   N N N 21  
ARG CZ   C N N 22  
ARG NH1  N N N 23  
ARG NH2  N N N 24  
ARG OXT  O N N 25  
ARG H    H N N 26  
ARG H2   H N N 27  
ARG HA   H N N 28  
ARG HB2  H N N 29  
ARG HB3  H N N 30  
ARG HG2  H N N 31  
ARG HG3  H N N 32  
ARG HD2  H N N 33  
ARG HD3  H N N 34  
ARG HE   H N N 35  
ARG HH11 H N N 36  
ARG HH12 H N N 37  
ARG HH21 H N N 38  
ARG HH22 H N N 39  
ARG HXT  H N N 40  
ASN N    N N N 41  
ASN CA   C N S 42  
ASN C    C N N 43  
ASN O    O N N 44  
ASN CB   C N N 45  
ASN CG   C N N 46  
ASN OD1  O N N 47  
ASN ND2  N N N 48  
ASN OXT  O N N 49  
ASN H    H N N 50  
ASN H2   H N N 51  
ASN HA   H N N 52  
ASN HB2  H N N 53  
ASN HB3  H N N 54  
ASN HD21 H N N 55  
ASN HD22 H N N 56  
ASN HXT  H N N 57  
ASP N    N N N 58  
ASP CA   C N S 59  
ASP C    C N N 60  
ASP O    O N N 61  
ASP CB   C N N 62  
ASP CG   C N N 63  
ASP OD1  O N N 64  
ASP OD2  O N N 65  
ASP OXT  O N N 66  
ASP H    H N N 67  
ASP H2   H N N 68  
ASP HA   H N N 69  
ASP HB2  H N N 70  
ASP HB3  H N N 71  
ASP HD2  H N N 72  
ASP HXT  H N N 73  
CYS N    N N N 74  
CYS CA   C N R 75  
CYS C    C N N 76  
CYS O    O N N 77  
CYS CB   C N N 78  
CYS SG   S N N 79  
CYS OXT  O N N 80  
CYS H    H N N 81  
CYS H2   H N N 82  
CYS HA   H N N 83  
CYS HB2  H N N 84  
CYS HB3  H N N 85  
CYS HG   H N N 86  
CYS HXT  H N N 87  
GLN N    N N N 88  
GLN CA   C N S 89  
GLN C    C N N 90  
GLN O    O N N 91  
GLN CB   C N N 92  
GLN CG   C N N 93  
GLN CD   C N N 94  
GLN OE1  O N N 95  
GLN NE2  N N N 96  
GLN OXT  O N N 97  
GLN H    H N N 98  
GLN H2   H N N 99  
GLN HA   H N N 100 
GLN HB2  H N N 101 
GLN HB3  H N N 102 
GLN HG2  H N N 103 
GLN HG3  H N N 104 
GLN HE21 H N N 105 
GLN HE22 H N N 106 
GLN HXT  H N N 107 
GLU N    N N N 108 
GLU CA   C N S 109 
GLU C    C N N 110 
GLU O    O N N 111 
GLU CB   C N N 112 
GLU CG   C N N 113 
GLU CD   C N N 114 
GLU OE1  O N N 115 
GLU OE2  O N N 116 
GLU OXT  O N N 117 
GLU H    H N N 118 
GLU H2   H N N 119 
GLU HA   H N N 120 
GLU HB2  H N N 121 
GLU HB3  H N N 122 
GLU HG2  H N N 123 
GLU HG3  H N N 124 
GLU HE2  H N N 125 
GLU HXT  H N N 126 
GLY N    N N N 127 
GLY CA   C N N 128 
GLY C    C N N 129 
GLY O    O N N 130 
GLY OXT  O N N 131 
GLY H    H N N 132 
GLY H2   H N N 133 
GLY HA2  H N N 134 
GLY HA3  H N N 135 
GLY HXT  H N N 136 
HIS N    N N N 137 
HIS CA   C N S 138 
HIS C    C N N 139 
HIS O    O N N 140 
HIS CB   C N N 141 
HIS CG   C Y N 142 
HIS ND1  N Y N 143 
HIS CD2  C Y N 144 
HIS CE1  C Y N 145 
HIS NE2  N Y N 146 
HIS OXT  O N N 147 
HIS H    H N N 148 
HIS H2   H N N 149 
HIS HA   H N N 150 
HIS HB2  H N N 151 
HIS HB3  H N N 152 
HIS HD1  H N N 153 
HIS HD2  H N N 154 
HIS HE1  H N N 155 
HIS HE2  H N N 156 
HIS HXT  H N N 157 
HOH O    O N N 158 
HOH H1   H N N 159 
HOH H2   H N N 160 
ILE N    N N N 161 
ILE CA   C N S 162 
ILE C    C N N 163 
ILE O    O N N 164 
ILE CB   C N S 165 
ILE CG1  C N N 166 
ILE CG2  C N N 167 
ILE CD1  C N N 168 
ILE OXT  O N N 169 
ILE H    H N N 170 
ILE H2   H N N 171 
ILE HA   H N N 172 
ILE HB   H N N 173 
ILE HG12 H N N 174 
ILE HG13 H N N 175 
ILE HG21 H N N 176 
ILE HG22 H N N 177 
ILE HG23 H N N 178 
ILE HD11 H N N 179 
ILE HD12 H N N 180 
ILE HD13 H N N 181 
ILE HXT  H N N 182 
LEU N    N N N 183 
LEU CA   C N S 184 
LEU C    C N N 185 
LEU O    O N N 186 
LEU CB   C N N 187 
LEU CG   C N N 188 
LEU CD1  C N N 189 
LEU CD2  C N N 190 
LEU OXT  O N N 191 
LEU H    H N N 192 
LEU H2   H N N 193 
LEU HA   H N N 194 
LEU HB2  H N N 195 
LEU HB3  H N N 196 
LEU HG   H N N 197 
LEU HD11 H N N 198 
LEU HD12 H N N 199 
LEU HD13 H N N 200 
LEU HD21 H N N 201 
LEU HD22 H N N 202 
LEU HD23 H N N 203 
LEU HXT  H N N 204 
LYS N    N N N 205 
LYS CA   C N S 206 
LYS C    C N N 207 
LYS O    O N N 208 
LYS CB   C N N 209 
LYS CG   C N N 210 
LYS CD   C N N 211 
LYS CE   C N N 212 
LYS NZ   N N N 213 
LYS OXT  O N N 214 
LYS H    H N N 215 
LYS H2   H N N 216 
LYS HA   H N N 217 
LYS HB2  H N N 218 
LYS HB3  H N N 219 
LYS HG2  H N N 220 
LYS HG3  H N N 221 
LYS HD2  H N N 222 
LYS HD3  H N N 223 
LYS HE2  H N N 224 
LYS HE3  H N N 225 
LYS HZ1  H N N 226 
LYS HZ2  H N N 227 
LYS HZ3  H N N 228 
LYS HXT  H N N 229 
MET N    N N N 230 
MET CA   C N S 231 
MET C    C N N 232 
MET O    O N N 233 
MET CB   C N N 234 
MET CG   C N N 235 
MET SD   S N N 236 
MET CE   C N N 237 
MET OXT  O N N 238 
MET H    H N N 239 
MET H2   H N N 240 
MET HA   H N N 241 
MET HB2  H N N 242 
MET HB3  H N N 243 
MET HG2  H N N 244 
MET HG3  H N N 245 
MET HE1  H N N 246 
MET HE2  H N N 247 
MET HE3  H N N 248 
MET HXT  H N N 249 
PHE N    N N N 250 
PHE CA   C N S 251 
PHE C    C N N 252 
PHE O    O N N 253 
PHE CB   C N N 254 
PHE CG   C Y N 255 
PHE CD1  C Y N 256 
PHE CD2  C Y N 257 
PHE CE1  C Y N 258 
PHE CE2  C Y N 259 
PHE CZ   C Y N 260 
PHE OXT  O N N 261 
PHE H    H N N 262 
PHE H2   H N N 263 
PHE HA   H N N 264 
PHE HB2  H N N 265 
PHE HB3  H N N 266 
PHE HD1  H N N 267 
PHE HD2  H N N 268 
PHE HE1  H N N 269 
PHE HE2  H N N 270 
PHE HZ   H N N 271 
PHE HXT  H N N 272 
PRO N    N N N 273 
PRO CA   C N S 274 
PRO C    C N N 275 
PRO O    O N N 276 
PRO CB   C N N 277 
PRO CG   C N N 278 
PRO CD   C N N 279 
PRO OXT  O N N 280 
PRO H    H N N 281 
PRO HA   H N N 282 
PRO HB2  H N N 283 
PRO HB3  H N N 284 
PRO HG2  H N N 285 
PRO HG3  H N N 286 
PRO HD2  H N N 287 
PRO HD3  H N N 288 
PRO HXT  H N N 289 
SER N    N N N 290 
SER CA   C N S 291 
SER C    C N N 292 
SER O    O N N 293 
SER CB   C N N 294 
SER OG   O N N 295 
SER OXT  O N N 296 
SER H    H N N 297 
SER H2   H N N 298 
SER HA   H N N 299 
SER HB2  H N N 300 
SER HB3  H N N 301 
SER HG   H N N 302 
SER HXT  H N N 303 
THR N    N N N 304 
THR CA   C N S 305 
THR C    C N N 306 
THR O    O N N 307 
THR CB   C N R 308 
THR OG1  O N N 309 
THR CG2  C N N 310 
THR OXT  O N N 311 
THR H    H N N 312 
THR H2   H N N 313 
THR HA   H N N 314 
THR HB   H N N 315 
THR HG1  H N N 316 
THR HG21 H N N 317 
THR HG22 H N N 318 
THR HG23 H N N 319 
THR HXT  H N N 320 
TRP N    N N N 321 
TRP CA   C N S 322 
TRP C    C N N 323 
TRP O    O N N 324 
TRP CB   C N N 325 
TRP CG   C Y N 326 
TRP CD1  C Y N 327 
TRP CD2  C Y N 328 
TRP NE1  N Y N 329 
TRP CE2  C Y N 330 
TRP CE3  C Y N 331 
TRP CZ2  C Y N 332 
TRP CZ3  C Y N 333 
TRP CH2  C Y N 334 
TRP OXT  O N N 335 
TRP H    H N N 336 
TRP H2   H N N 337 
TRP HA   H N N 338 
TRP HB2  H N N 339 
TRP HB3  H N N 340 
TRP HD1  H N N 341 
TRP HE1  H N N 342 
TRP HE3  H N N 343 
TRP HZ2  H N N 344 
TRP HZ3  H N N 345 
TRP HH2  H N N 346 
TRP HXT  H N N 347 
TYR N    N N N 348 
TYR CA   C N S 349 
TYR C    C N N 350 
TYR O    O N N 351 
TYR CB   C N N 352 
TYR CG   C Y N 353 
TYR CD1  C Y N 354 
TYR CD2  C Y N 355 
TYR CE1  C Y N 356 
TYR CE2  C Y N 357 
TYR CZ   C Y N 358 
TYR OH   O N N 359 
TYR OXT  O N N 360 
TYR H    H N N 361 
TYR H2   H N N 362 
TYR HA   H N N 363 
TYR HB2  H N N 364 
TYR HB3  H N N 365 
TYR HD1  H N N 366 
TYR HD2  H N N 367 
TYR HE1  H N N 368 
TYR HE2  H N N 369 
TYR HH   H N N 370 
TYR HXT  H N N 371 
VAL N    N N N 372 
VAL CA   C N S 373 
VAL C    C N N 374 
VAL O    O N N 375 
VAL CB   C N N 376 
VAL CG1  C N N 377 
VAL CG2  C N N 378 
VAL OXT  O N N 379 
VAL H    H N N 380 
VAL H2   H N N 381 
VAL HA   H N N 382 
VAL HB   H N N 383 
VAL HG11 H N N 384 
VAL HG12 H N N 385 
VAL HG13 H N N 386 
VAL HG21 H N N 387 
VAL HG22 H N N 388 
VAL HG23 H N N 389 
VAL HXT  H N N 390 
ZPL N1   N Y N 391 
ZPL N3   N N N 392 
ZPL C4   C N N 393 
ZPL C5   C N N 394 
ZPL C6   C N N 395 
ZPL C7   C N N 396 
ZPL C8   C N N 397 
ZPL C10  C N N 398 
ZPL C13  C Y N 399 
ZPL C15  C Y N 400 
ZPL C17  C N N 401 
ZPL C1   C N N 402 
ZPL C11  C N N 403 
ZPL C12  C Y N 404 
ZPL C14  C Y N 405 
ZPL C16  C Y N 406 
ZPL C2   C Y N 407 
ZPL C3   C Y N 408 
ZPL C9   C N N 409 
ZPL N2   N N N 410 
ZPL N4   N N N 411 
ZPL O1   O N N 412 
ZPL O2   O N N 413 
ZPL S1   S Y N 414 
ZPL S2   S Y N 415 
ZPL H5   H N N 416 
ZPL H4   H N N 417 
ZPL H6   H N N 418 
ZPL H7   H N N 419 
ZPL H10  H N N 420 
ZPL H9   H N N 421 
ZPL H12  H N N 422 
ZPL H11  H N N 423 
ZPL H16  H N N 424 
ZPL H15  H N N 425 
ZPL H17  H N N 426 
ZPL H19  H N N 427 
ZPL H21  H N N 428 
ZPL H22  H N N 429 
ZPL H20  H N N 430 
ZPL H2   H N N 431 
ZPL H1   H N N 432 
ZPL H3   H N N 433 
ZPL H18  H N N 434 
ZPL H13  H N N 435 
ZPL H14  H N N 436 
ZPL H8   H N N 437 
# 
loop_
_chem_comp_bond.comp_id 
_chem_comp_bond.atom_id_1 
_chem_comp_bond.atom_id_2 
_chem_comp_bond.value_order 
_chem_comp_bond.pdbx_aromatic_flag 
_chem_comp_bond.pdbx_stereo_config 
_chem_comp_bond.pdbx_ordinal 
ALA N   CA   sing N N 1   
ALA N   H    sing N N 2   
ALA N   H2   sing N N 3   
ALA CA  C    sing N N 4   
ALA CA  CB   sing N N 5   
ALA CA  HA   sing N N 6   
ALA C   O    doub N N 7   
ALA C   OXT  sing N N 8   
ALA CB  HB1  sing N N 9   
ALA CB  HB2  sing N N 10  
ALA CB  HB3  sing N N 11  
ALA OXT HXT  sing N N 12  
ARG N   CA   sing N N 13  
ARG N   H    sing N N 14  
ARG N   H2   sing N N 15  
ARG CA  C    sing N N 16  
ARG CA  CB   sing N N 17  
ARG CA  HA   sing N N 18  
ARG C   O    doub N N 19  
ARG C   OXT  sing N N 20  
ARG CB  CG   sing N N 21  
ARG CB  HB2  sing N N 22  
ARG CB  HB3  sing N N 23  
ARG CG  CD   sing N N 24  
ARG CG  HG2  sing N N 25  
ARG CG  HG3  sing N N 26  
ARG CD  NE   sing N N 27  
ARG CD  HD2  sing N N 28  
ARG CD  HD3  sing N N 29  
ARG NE  CZ   sing N N 30  
ARG NE  HE   sing N N 31  
ARG CZ  NH1  sing N N 32  
ARG CZ  NH2  doub N N 33  
ARG NH1 HH11 sing N N 34  
ARG NH1 HH12 sing N N 35  
ARG NH2 HH21 sing N N 36  
ARG NH2 HH22 sing N N 37  
ARG OXT HXT  sing N N 38  
ASN N   CA   sing N N 39  
ASN N   H    sing N N 40  
ASN N   H2   sing N N 41  
ASN CA  C    sing N N 42  
ASN CA  CB   sing N N 43  
ASN CA  HA   sing N N 44  
ASN C   O    doub N N 45  
ASN C   OXT  sing N N 46  
ASN CB  CG   sing N N 47  
ASN CB  HB2  sing N N 48  
ASN CB  HB3  sing N N 49  
ASN CG  OD1  doub N N 50  
ASN CG  ND2  sing N N 51  
ASN ND2 HD21 sing N N 52  
ASN ND2 HD22 sing N N 53  
ASN OXT HXT  sing N N 54  
ASP N   CA   sing N N 55  
ASP N   H    sing N N 56  
ASP N   H2   sing N N 57  
ASP CA  C    sing N N 58  
ASP CA  CB   sing N N 59  
ASP CA  HA   sing N N 60  
ASP C   O    doub N N 61  
ASP C   OXT  sing N N 62  
ASP CB  CG   sing N N 63  
ASP CB  HB2  sing N N 64  
ASP CB  HB3  sing N N 65  
ASP CG  OD1  doub N N 66  
ASP CG  OD2  sing N N 67  
ASP OD2 HD2  sing N N 68  
ASP OXT HXT  sing N N 69  
CYS N   CA   sing N N 70  
CYS N   H    sing N N 71  
CYS N   H2   sing N N 72  
CYS CA  C    sing N N 73  
CYS CA  CB   sing N N 74  
CYS CA  HA   sing N N 75  
CYS C   O    doub N N 76  
CYS C   OXT  sing N N 77  
CYS CB  SG   sing N N 78  
CYS CB  HB2  sing N N 79  
CYS CB  HB3  sing N N 80  
CYS SG  HG   sing N N 81  
CYS OXT HXT  sing N N 82  
GLN N   CA   sing N N 83  
GLN N   H    sing N N 84  
GLN N   H2   sing N N 85  
GLN CA  C    sing N N 86  
GLN CA  CB   sing N N 87  
GLN CA  HA   sing N N 88  
GLN C   O    doub N N 89  
GLN C   OXT  sing N N 90  
GLN CB  CG   sing N N 91  
GLN CB  HB2  sing N N 92  
GLN CB  HB3  sing N N 93  
GLN CG  CD   sing N N 94  
GLN CG  HG2  sing N N 95  
GLN CG  HG3  sing N N 96  
GLN CD  OE1  doub N N 97  
GLN CD  NE2  sing N N 98  
GLN NE2 HE21 sing N N 99  
GLN NE2 HE22 sing N N 100 
GLN OXT HXT  sing N N 101 
GLU N   CA   sing N N 102 
GLU N   H    sing N N 103 
GLU N   H2   sing N N 104 
GLU CA  C    sing N N 105 
GLU CA  CB   sing N N 106 
GLU CA  HA   sing N N 107 
GLU C   O    doub N N 108 
GLU C   OXT  sing N N 109 
GLU CB  CG   sing N N 110 
GLU CB  HB2  sing N N 111 
GLU CB  HB3  sing N N 112 
GLU CG  CD   sing N N 113 
GLU CG  HG2  sing N N 114 
GLU CG  HG3  sing N N 115 
GLU CD  OE1  doub N N 116 
GLU CD  OE2  sing N N 117 
GLU OE2 HE2  sing N N 118 
GLU OXT HXT  sing N N 119 
GLY N   CA   sing N N 120 
GLY N   H    sing N N 121 
GLY N   H2   sing N N 122 
GLY CA  C    sing N N 123 
GLY CA  HA2  sing N N 124 
GLY CA  HA3  sing N N 125 
GLY C   O    doub N N 126 
GLY C   OXT  sing N N 127 
GLY OXT HXT  sing N N 128 
HIS N   CA   sing N N 129 
HIS N   H    sing N N 130 
HIS N   H2   sing N N 131 
HIS CA  C    sing N N 132 
HIS CA  CB   sing N N 133 
HIS CA  HA   sing N N 134 
HIS C   O    doub N N 135 
HIS C   OXT  sing N N 136 
HIS CB  CG   sing N N 137 
HIS CB  HB2  sing N N 138 
HIS CB  HB3  sing N N 139 
HIS CG  ND1  sing Y N 140 
HIS CG  CD2  doub Y N 141 
HIS ND1 CE1  doub Y N 142 
HIS ND1 HD1  sing N N 143 
HIS CD2 NE2  sing Y N 144 
HIS CD2 HD2  sing N N 145 
HIS CE1 NE2  sing Y N 146 
HIS CE1 HE1  sing N N 147 
HIS NE2 HE2  sing N N 148 
HIS OXT HXT  sing N N 149 
HOH O   H1   sing N N 150 
HOH O   H2   sing N N 151 
ILE N   CA   sing N N 152 
ILE N   H    sing N N 153 
ILE N   H2   sing N N 154 
ILE CA  C    sing N N 155 
ILE CA  CB   sing N N 156 
ILE CA  HA   sing N N 157 
ILE C   O    doub N N 158 
ILE C   OXT  sing N N 159 
ILE CB  CG1  sing N N 160 
ILE CB  CG2  sing N N 161 
ILE CB  HB   sing N N 162 
ILE CG1 CD1  sing N N 163 
ILE CG1 HG12 sing N N 164 
ILE CG1 HG13 sing N N 165 
ILE CG2 HG21 sing N N 166 
ILE CG2 HG22 sing N N 167 
ILE CG2 HG23 sing N N 168 
ILE CD1 HD11 sing N N 169 
ILE CD1 HD12 sing N N 170 
ILE CD1 HD13 sing N N 171 
ILE OXT HXT  sing N N 172 
LEU N   CA   sing N N 173 
LEU N   H    sing N N 174 
LEU N   H2   sing N N 175 
LEU CA  C    sing N N 176 
LEU CA  CB   sing N N 177 
LEU CA  HA   sing N N 178 
LEU C   O    doub N N 179 
LEU C   OXT  sing N N 180 
LEU CB  CG   sing N N 181 
LEU CB  HB2  sing N N 182 
LEU CB  HB3  sing N N 183 
LEU CG  CD1  sing N N 184 
LEU CG  CD2  sing N N 185 
LEU CG  HG   sing N N 186 
LEU CD1 HD11 sing N N 187 
LEU CD1 HD12 sing N N 188 
LEU CD1 HD13 sing N N 189 
LEU CD2 HD21 sing N N 190 
LEU CD2 HD22 sing N N 191 
LEU CD2 HD23 sing N N 192 
LEU OXT HXT  sing N N 193 
LYS N   CA   sing N N 194 
LYS N   H    sing N N 195 
LYS N   H2   sing N N 196 
LYS CA  C    sing N N 197 
LYS CA  CB   sing N N 198 
LYS CA  HA   sing N N 199 
LYS C   O    doub N N 200 
LYS C   OXT  sing N N 201 
LYS CB  CG   sing N N 202 
LYS CB  HB2  sing N N 203 
LYS CB  HB3  sing N N 204 
LYS CG  CD   sing N N 205 
LYS CG  HG2  sing N N 206 
LYS CG  HG3  sing N N 207 
LYS CD  CE   sing N N 208 
LYS CD  HD2  sing N N 209 
LYS CD  HD3  sing N N 210 
LYS CE  NZ   sing N N 211 
LYS CE  HE2  sing N N 212 
LYS CE  HE3  sing N N 213 
LYS NZ  HZ1  sing N N 214 
LYS NZ  HZ2  sing N N 215 
LYS NZ  HZ3  sing N N 216 
LYS OXT HXT  sing N N 217 
MET N   CA   sing N N 218 
MET N   H    sing N N 219 
MET N   H2   sing N N 220 
MET CA  C    sing N N 221 
MET CA  CB   sing N N 222 
MET CA  HA   sing N N 223 
MET C   O    doub N N 224 
MET C   OXT  sing N N 225 
MET CB  CG   sing N N 226 
MET CB  HB2  sing N N 227 
MET CB  HB3  sing N N 228 
MET CG  SD   sing N N 229 
MET CG  HG2  sing N N 230 
MET CG  HG3  sing N N 231 
MET SD  CE   sing N N 232 
MET CE  HE1  sing N N 233 
MET CE  HE2  sing N N 234 
MET CE  HE3  sing N N 235 
MET OXT HXT  sing N N 236 
PHE N   CA   sing N N 237 
PHE N   H    sing N N 238 
PHE N   H2   sing N N 239 
PHE CA  C    sing N N 240 
PHE CA  CB   sing N N 241 
PHE CA  HA   sing N N 242 
PHE C   O    doub N N 243 
PHE C   OXT  sing N N 244 
PHE CB  CG   sing N N 245 
PHE CB  HB2  sing N N 246 
PHE CB  HB3  sing N N 247 
PHE CG  CD1  doub Y N 248 
PHE CG  CD2  sing Y N 249 
PHE CD1 CE1  sing Y N 250 
PHE CD1 HD1  sing N N 251 
PHE CD2 CE2  doub Y N 252 
PHE CD2 HD2  sing N N 253 
PHE CE1 CZ   doub Y N 254 
PHE CE1 HE1  sing N N 255 
PHE CE2 CZ   sing Y N 256 
PHE CE2 HE2  sing N N 257 
PHE CZ  HZ   sing N N 258 
PHE OXT HXT  sing N N 259 
PRO N   CA   sing N N 260 
PRO N   CD   sing N N 261 
PRO N   H    sing N N 262 
PRO CA  C    sing N N 263 
PRO CA  CB   sing N N 264 
PRO CA  HA   sing N N 265 
PRO C   O    doub N N 266 
PRO C   OXT  sing N N 267 
PRO CB  CG   sing N N 268 
PRO CB  HB2  sing N N 269 
PRO CB  HB3  sing N N 270 
PRO CG  CD   sing N N 271 
PRO CG  HG2  sing N N 272 
PRO CG  HG3  sing N N 273 
PRO CD  HD2  sing N N 274 
PRO CD  HD3  sing N N 275 
PRO OXT HXT  sing N N 276 
SER N   CA   sing N N 277 
SER N   H    sing N N 278 
SER N   H2   sing N N 279 
SER CA  C    sing N N 280 
SER CA  CB   sing N N 281 
SER CA  HA   sing N N 282 
SER C   O    doub N N 283 
SER C   OXT  sing N N 284 
SER CB  OG   sing N N 285 
SER CB  HB2  sing N N 286 
SER CB  HB3  sing N N 287 
SER OG  HG   sing N N 288 
SER OXT HXT  sing N N 289 
THR N   CA   sing N N 290 
THR N   H    sing N N 291 
THR N   H2   sing N N 292 
THR CA  C    sing N N 293 
THR CA  CB   sing N N 294 
THR CA  HA   sing N N 295 
THR C   O    doub N N 296 
THR C   OXT  sing N N 297 
THR CB  OG1  sing N N 298 
THR CB  CG2  sing N N 299 
THR CB  HB   sing N N 300 
THR OG1 HG1  sing N N 301 
THR CG2 HG21 sing N N 302 
THR CG2 HG22 sing N N 303 
THR CG2 HG23 sing N N 304 
THR OXT HXT  sing N N 305 
TRP N   CA   sing N N 306 
TRP N   H    sing N N 307 
TRP N   H2   sing N N 308 
TRP CA  C    sing N N 309 
TRP CA  CB   sing N N 310 
TRP CA  HA   sing N N 311 
TRP C   O    doub N N 312 
TRP C   OXT  sing N N 313 
TRP CB  CG   sing N N 314 
TRP CB  HB2  sing N N 315 
TRP CB  HB3  sing N N 316 
TRP CG  CD1  doub Y N 317 
TRP CG  CD2  sing Y N 318 
TRP CD1 NE1  sing Y N 319 
TRP CD1 HD1  sing N N 320 
TRP CD2 CE2  doub Y N 321 
TRP CD2 CE3  sing Y N 322 
TRP NE1 CE2  sing Y N 323 
TRP NE1 HE1  sing N N 324 
TRP CE2 CZ2  sing Y N 325 
TRP CE3 CZ3  doub Y N 326 
TRP CE3 HE3  sing N N 327 
TRP CZ2 CH2  doub Y N 328 
TRP CZ2 HZ2  sing N N 329 
TRP CZ3 CH2  sing Y N 330 
TRP CZ3 HZ3  sing N N 331 
TRP CH2 HH2  sing N N 332 
TRP OXT HXT  sing N N 333 
TYR N   CA   sing N N 334 
TYR N   H    sing N N 335 
TYR N   H2   sing N N 336 
TYR CA  C    sing N N 337 
TYR CA  CB   sing N N 338 
TYR CA  HA   sing N N 339 
TYR C   O    doub N N 340 
TYR C   OXT  sing N N 341 
TYR CB  CG   sing N N 342 
TYR CB  HB2  sing N N 343 
TYR CB  HB3  sing N N 344 
TYR CG  CD1  doub Y N 345 
TYR CG  CD2  sing Y N 346 
TYR CD1 CE1  sing Y N 347 
TYR CD1 HD1  sing N N 348 
TYR CD2 CE2  doub Y N 349 
TYR CD2 HD2  sing N N 350 
TYR CE1 CZ   doub Y N 351 
TYR CE1 HE1  sing N N 352 
TYR CE2 CZ   sing Y N 353 
TYR CE2 HE2  sing N N 354 
TYR CZ  OH   sing N N 355 
TYR OH  HH   sing N N 356 
TYR OXT HXT  sing N N 357 
VAL N   CA   sing N N 358 
VAL N   H    sing N N 359 
VAL N   H2   sing N N 360 
VAL CA  C    sing N N 361 
VAL CA  CB   sing N N 362 
VAL CA  HA   sing N N 363 
VAL C   O    doub N N 364 
VAL C   OXT  sing N N 365 
VAL CB  CG1  sing N N 366 
VAL CB  CG2  sing N N 367 
VAL CB  HB   sing N N 368 
VAL CG1 HG11 sing N N 369 
VAL CG1 HG12 sing N N 370 
VAL CG1 HG13 sing N N 371 
VAL CG2 HG21 sing N N 372 
VAL CG2 HG22 sing N N 373 
VAL CG2 HG23 sing N N 374 
VAL OXT HXT  sing N N 375 
ZPL C1  C2   sing N N 376 
ZPL C2  N1   sing Y N 377 
ZPL N1  C3   doub Y N 378 
ZPL C3  C4   sing N N 379 
ZPL C4  C5   sing N N 380 
ZPL C5  N2   sing N N 381 
ZPL N2  C6   sing N N 382 
ZPL C6  O1   doub N N 383 
ZPL C6  N3   sing N N 384 
ZPL N3  C7   sing N N 385 
ZPL C7  C8   sing N N 386 
ZPL C8  N4   sing N N 387 
ZPL N4  C9   sing N N 388 
ZPL C9  C10  sing N N 389 
ZPL N4  C11  sing N N 390 
ZPL C11 O2   doub N N 391 
ZPL C11 C12  sing N N 392 
ZPL C12 C13  doub Y N 393 
ZPL C13 C14  sing Y N 394 
ZPL C14 C15  doub Y N 395 
ZPL C15 S1   sing Y N 396 
ZPL C3  S2   sing Y N 397 
ZPL S2  C16  sing Y N 398 
ZPL C16 C17  sing N N 399 
ZPL C2  C16  doub Y N 400 
ZPL N3  C10  sing N N 401 
ZPL C12 S1   sing Y N 402 
ZPL C4  H5   sing N N 403 
ZPL C4  H4   sing N N 404 
ZPL C5  H6   sing N N 405 
ZPL C5  H7   sing N N 406 
ZPL C7  H10  sing N N 407 
ZPL C7  H9   sing N N 408 
ZPL C8  H12  sing N N 409 
ZPL C8  H11  sing N N 410 
ZPL C10 H16  sing N N 411 
ZPL C10 H15  sing N N 412 
ZPL C13 H17  sing N N 413 
ZPL C15 H19  sing N N 414 
ZPL C17 H21  sing N N 415 
ZPL C17 H22  sing N N 416 
ZPL C17 H20  sing N N 417 
ZPL C1  H2   sing N N 418 
ZPL C1  H1   sing N N 419 
ZPL C1  H3   sing N N 420 
ZPL C14 H18  sing N N 421 
ZPL C9  H13  sing N N 422 
ZPL C9  H14  sing N N 423 
ZPL N2  H8   sing N N 424 
# 
_pdbx_audit_support.ordinal                1 
_pdbx_audit_support.funding_organization   'Wellcome Trust' 
_pdbx_audit_support.grant_number           None 
_pdbx_audit_support.country                'United Kingdom' 
# 
_pdbx_deposit_group.group_id            G_1002265 
_pdbx_deposit_group.group_description   
;XDomainX of XOrganismX PHIP screened against predicted false negatives and catalogue compounds by X-ray Crystallography at the XChem facility of Diamond Light Source beamline I04-1
;
_pdbx_deposit_group.group_title         'PanDDA analysis group deposition' 
_pdbx_deposit_group.group_type          'changed state' 
# 
_pdbx_entity_instance_feature.ordinal        1 
_pdbx_entity_instance_feature.comp_id        ZPL 
_pdbx_entity_instance_feature.asym_id        ? 
_pdbx_entity_instance_feature.seq_num        ? 
_pdbx_entity_instance_feature.auth_comp_id   ZPL 
_pdbx_entity_instance_feature.auth_asym_id   ? 
_pdbx_entity_instance_feature.auth_seq_num   ? 
_pdbx_entity_instance_feature.feature_type   'SUBJECT OF INVESTIGATION' 
_pdbx_entity_instance_feature.details        ? 
# 
_atom_sites.entry_id                    7FVO 
_atom_sites.fract_transf_matrix[1][1]   0.01136228 
_atom_sites.fract_transf_matrix[1][2]   -0.00278430 
_atom_sites.fract_transf_matrix[1][3]   0.00402727 
_atom_sites.fract_transf_matrix[2][1]   0.00055667 
_atom_sites.fract_transf_matrix[2][2]   0.03037427 
_atom_sites.fract_transf_matrix[2][3]   0.01942909 
_atom_sites.fract_transf_matrix[3][1]   -0.00416397 
_atom_sites.fract_transf_matrix[3][2]   -0.00938861 
_atom_sites.fract_transf_matrix[3][3]   0.01479688 
_atom_sites.fract_transf_vector[1]      -0.146818 
_atom_sites.fract_transf_vector[2]      0.449266 
_atom_sites.fract_transf_vector[3]      0.216766 
# 
loop_
_atom_type.symbol 
C 
N 
O 
S 
# 
loop_
_atom_site.group_PDB 
_atom_site.id 
_atom_site.type_symbol 
_atom_site.label_atom_id 
_atom_site.label_alt_id 
_atom_site.label_comp_id 
_atom_site.label_asym_id 
_atom_site.label_entity_id 
_atom_site.label_seq_id 
_atom_site.pdbx_PDB_ins_code 
_atom_site.Cartn_x 
_atom_site.Cartn_y 
_atom_site.Cartn_z 
_atom_site.occupancy 
_atom_site.B_iso_or_equiv 
_atom_site.pdbx_formal_charge 
_atom_site.auth_seq_id 
_atom_site.auth_comp_id 
_atom_site.auth_asym_id 
_atom_site.auth_atom_id 
_atom_site.pdbx_PDB_model_num 
ATOM   1    N N   . SER A 1 24  ? 9.063   12.429  -19.403 1.00 26.61 ? 1315 SER A N   1 
ATOM   2    C CA  . SER A 1 24  ? 9.096   12.315  -17.907 1.00 25.17 ? 1315 SER A CA  1 
ATOM   3    C C   . SER A 1 24  ? 9.795   11.011  -17.504 1.00 21.95 ? 1315 SER A C   1 
ATOM   4    O O   . SER A 1 24  ? 9.107   10.141  -16.939 1.00 22.62 ? 1315 SER A O   1 
ATOM   5    C CB  . SER A 1 24  ? 7.686   12.401  -17.355 1.00 26.12 ? 1315 SER A CB  1 
ATOM   6    O OG  . SER A 1 24  ? 7.597   11.849  -16.053 1.00 29.13 ? 1315 SER A OG  1 
ATOM   7    N N   . TYR A 1 25  ? 11.104  10.876  -17.773 1.00 19.32 ? 1316 TYR A N   1 
ATOM   8    C CA  . TYR A 1 25  ? 11.774  9.551   -17.880 1.00 15.02 ? 1316 TYR A CA  1 
ATOM   9    C C   . TYR A 1 25  ? 12.733  9.351   -16.695 1.00 13.97 ? 1316 TYR A C   1 
ATOM   10   O O   . TYR A 1 25  ? 13.708  8.593   -16.820 1.00 14.01 ? 1316 TYR A O   1 
ATOM   11   C CB  . TYR A 1 25  ? 12.449  9.392   -19.238 1.00 15.25 ? 1316 TYR A CB  1 
ATOM   12   C CG  . TYR A 1 25  ? 11.559  9.627   -20.438 1.00 14.56 ? 1316 TYR A CG  1 
ATOM   13   C CD1 . TYR A 1 25  ? 10.414  8.875   -20.656 1.00 14.45 ? 1316 TYR A CD1 1 
ATOM   14   C CD2 . TYR A 1 25  ? 11.915  10.559  -21.399 1.00 14.74 ? 1316 TYR A CD2 1 
ATOM   15   C CE1 . TYR A 1 25  ? 9.624   9.070   -21.782 1.00 14.03 ? 1316 TYR A CE1 1 
ATOM   16   C CE2 . TYR A 1 25  ? 11.149  10.747  -22.543 1.00 14.42 ? 1316 TYR A CE2 1 
ATOM   17   C CZ  . TYR A 1 25  ? 9.996   10.009  -22.722 1.00 14.45 ? 1316 TYR A CZ  1 
ATOM   18   O OH  . TYR A 1 25  ? 9.205   10.204  -23.836 1.00 15.54 ? 1316 TYR A OH  1 
ATOM   19   N N   . ASP A 1 26  ? 12.396  9.920   -15.540 1.00 13.59 ? 1317 ASP A N   1 
ATOM   20   C CA  . ASP A 1 26  ? 13.236  9.721   -14.309 1.00 12.90 ? 1317 ASP A CA  1 
ATOM   21   C C   . ASP A 1 26  ? 12.886  8.344   -13.710 1.00 12.14 ? 1317 ASP A C   1 
ATOM   22   O O   . ASP A 1 26  ? 11.801  8.154   -13.185 1.00 13.43 ? 1317 ASP A O   1 
ATOM   23   C CB  . ASP A 1 26  ? 12.996  10.867  -13.325 1.00 14.21 ? 1317 ASP A CB  1 
ATOM   24   C CG  . ASP A 1 26  ? 13.819  10.835  -12.045 1.00 12.62 ? 1317 ASP A CG  1 
ATOM   25   O OD1 . ASP A 1 26  ? 14.376  9.761   -11.710 1.00 14.45 ? 1317 ASP A OD1 1 
ATOM   26   O OD2 . ASP A 1 26  ? 13.970  11.929  -11.406 1.00 18.84 ? 1317 ASP A OD2 1 
ATOM   27   N N   . ILE A 1 27  ? 13.832  7.414   -13.746 1.00 12.19 ? 1318 ILE A N   1 
ATOM   28   C CA  . ILE A 1 27  ? 13.682  6.011   -13.266 1.00 12.78 ? 1318 ILE A CA  1 
ATOM   29   C C   . ILE A 1 27  ? 13.558  5.986   -11.733 1.00 13.01 ? 1318 ILE A C   1 
ATOM   30   O O   . ILE A 1 27  ? 12.951  5.037   -11.209 1.00 14.04 ? 1318 ILE A O   1 
ATOM   31   C CB  . ILE A 1 27  ? 14.866  5.151   -13.756 1.00 12.93 ? 1318 ILE A CB  1 
ATOM   32   C CG1 . ILE A 1 27  ? 14.962  5.113   -15.287 1.00 14.80 ? 1318 ILE A CG1 1 
ATOM   33   C CG2 . ILE A 1 27  ? 14.793  3.747   -13.165 1.00 13.87 ? 1318 ILE A CG2 1 
ATOM   34   C CD1 . ILE A 1 27  ? 16.266  4.576   -15.800 1.00 15.57 ? 1318 ILE A CD1 1 
ATOM   35   N N   . GLN A 1 28  ? 14.085  7.003   -11.044 1.00 11.88 ? 1319 GLN A N   1 
ATOM   36   C CA  . GLN A 1 28  ? 14.084  7.052   -9.545  1.00 11.70 ? 1319 GLN A CA  1 
ATOM   37   C C   . GLN A 1 28  ? 12.887  7.790   -8.960  1.00 12.57 ? 1319 GLN A C   1 
ATOM   38   O O   . GLN A 1 28  ? 12.718  7.753   -7.710  1.00 12.58 ? 1319 GLN A O   1 
ATOM   39   C CB  . GLN A 1 28  ? 15.396  7.628   -9.030  1.00 12.90 ? 1319 GLN A CB  1 
ATOM   40   C CG  . GLN A 1 28  ? 16.538  6.603   -9.127  1.00 12.94 ? 1319 GLN A CG  1 
ATOM   41   C CD  . GLN A 1 28  ? 17.350  6.736   -10.403 1.00 11.15 ? 1319 GLN A CD  1 
ATOM   42   O OE1 . GLN A 1 28  ? 17.784  7.844   -10.780 1.00 13.53 ? 1319 GLN A OE1 1 
ATOM   43   N NE2 . GLN A 1 28  ? 17.650  5.634   -11.018 1.00 13.82 ? 1319 GLN A NE2 1 
ATOM   44   N N   . ALA A 1 29  ? 12.073  8.488   -9.773  1.00 11.74 ? 1320 ALA A N   1 
ATOM   45   C CA  . ALA A 1 29  ? 11.092  9.462   -9.252  1.00 12.30 ? 1320 ALA A CA  1 
ATOM   46   C C   . ALA A 1 29  ? 9.996   8.777   -8.398  1.00 11.21 ? 1320 ALA A C   1 
ATOM   47   O O   . ALA A 1 29  ? 9.423   9.448   -7.534  1.00 12.13 ? 1320 ALA A O   1 
ATOM   48   C CB  . ALA A 1 29  ? 10.482  10.319  -10.357 1.00 13.86 ? 1320 ALA A CB  1 
ATOM   49   N N   . TRP A 1 30  ? 9.715   7.499   -8.674  1.00 11.29 ? 1321 TRP A N   1 
ATOM   50   C CA  . TRP A 1 30  ? 8.667   6.779   -7.952  1.00 11.21 ? 1321 TRP A CA  1 
ATOM   51   C C   . TRP A 1 30  ? 8.869   6.861   -6.435  1.00 12.39 ? 1321 TRP A C   1 
ATOM   52   O O   . TRP A 1 30  ? 7.863   6.786   -5.716  1.00 11.54 ? 1321 TRP A O   1 
ATOM   53   C CB  . TRP A 1 30  ? 8.583   5.332   -8.429  1.00 11.75 ? 1321 TRP A CB  1 
ATOM   54   C CG  . TRP A 1 30  ? 9.805   4.527   -8.099  1.00 11.69 ? 1321 TRP A CG  1 
ATOM   55   C CD1 . TRP A 1 30  ? 10.938  4.473   -8.828  1.00 12.05 ? 1321 TRP A CD1 1 
ATOM   56   C CD2 . TRP A 1 30  ? 10.035  3.724   -6.914  1.00 11.82 ? 1321 TRP A CD2 1 
ATOM   57   N NE1 . TRP A 1 30  ? 11.863  3.670   -8.218  1.00 12.83 ? 1321 TRP A NE1 1 
ATOM   58   C CE2 . TRP A 1 30  ? 11.345  3.208   -7.053  1.00 12.19 ? 1321 TRP A CE2 1 
ATOM   59   C CE3 . TRP A 1 30  ? 9.285   3.347   -5.798  1.00 11.25 ? 1321 TRP A CE3 1 
ATOM   60   C CZ2 . TRP A 1 30  ? 11.932  2.380   -6.098  1.00 13.72 ? 1321 TRP A CZ2 1 
ATOM   61   C CZ3 . TRP A 1 30  ? 9.864   2.528   -4.847  1.00 12.82 ? 1321 TRP A CZ3 1 
ATOM   62   C CH2 . TRP A 1 30  ? 11.163  2.033   -5.017  1.00 14.26 ? 1321 TRP A CH2 1 
ATOM   63   N N   . LYS A 1 31  ? 10.110  6.941   -5.940  1.00 11.67 ? 1322 LYS A N   1 
ATOM   64   C CA  . LYS A 1 31  ? 10.349  6.726   -4.507  1.00 12.20 ? 1322 LYS A CA  1 
ATOM   65   C C   . LYS A 1 31  ? 9.764   7.892   -3.710  1.00 12.12 ? 1322 LYS A C   1 
ATOM   66   O O   . LYS A 1 31  ? 8.966   7.677   -2.776  1.00 13.22 ? 1322 LYS A O   1 
ATOM   67   C CB  . LYS A 1 31  ? 11.808  6.385   -4.246  1.00 12.32 ? 1322 LYS A CB  1 
ATOM   68   C CG  . LYS A 1 31  ? 12.114  6.200   -2.769  1.00 12.42 ? 1322 LYS A CG  1 
ATOM   69   C CD  . LYS A 1 31  ? 13.505  5.764   -2.530  1.00 13.54 ? 1322 LYS A CD  1 
ATOM   70   C CE  . LYS A 1 31  ? 13.854  5.398   -1.109  1.00 14.28 ? 1322 LYS A CE  1 
ATOM   71   N NZ  . LYS A 1 31  ? 15.284  4.979   -1.012  1.00 15.28 ? 1322 LYS A NZ  1 
ATOM   72   N N   . LYS A 1 32  ? 10.107  9.124   -4.086  1.00 13.50 ? 1323 LYS A N   1 
ATOM   73   C CA  . LYS A 1 32  ? 9.538   10.329  -3.441  1.00 14.19 ? 1323 LYS A CA  1 
ATOM   74   C C   . LYS A 1 32  ? 8.023   10.366  -3.680  1.00 13.11 ? 1323 LYS A C   1 
ATOM   75   O O   . LYS A 1 32  ? 7.301   10.734  -2.754  1.00 14.41 ? 1323 LYS A O   1 
ATOM   76   C CB  . LYS A 1 32  ? 10.258  11.578  -3.959  1.00 16.07 ? 1323 LYS A CB  1 
ATOM   77   C CG  . LYS A 1 32  ? 9.817   12.894  -3.340  1.00 19.75 ? 1323 LYS A CG  1 
ATOM   78   C CD  . LYS A 1 32  ? 10.798  14.017  -3.634  1.00 22.65 ? 1323 LYS A CD  1 
ATOM   79   C CE  . LYS A 1 32  ? 10.537  15.278  -2.840  1.00 25.17 ? 1323 LYS A CE  1 
ATOM   80   N NZ  . LYS A 1 32  ? 11.785  16.060  -2.658  1.00 27.61 ? 1323 LYS A NZ  1 
ATOM   81   N N   . GLN A 1 33  ? 7.555   9.954   -4.864  1.00 13.02 ? 1324 GLN A N   1 
ATOM   82   C CA  . GLN A 1 33  ? 6.095   9.998   -5.156  1.00 13.10 ? 1324 GLN A CA  1 
ATOM   83   C C   . GLN A 1 33  ? 5.379   9.057   -4.167  1.00 12.87 ? 1324 GLN A C   1 
ATOM   84   O O   . GLN A 1 33  ? 4.342   9.393   -3.601  1.00 13.02 ? 1324 GLN A O   1 
ATOM   85   C CB  . GLN A 1 33  ? 5.826   9.595   -6.599  1.00 13.77 ? 1324 GLN A CB  1 
ATOM   86   C CG  . GLN A 1 33  ? 6.287   10.683  -7.585  1.00 13.34 ? 1324 GLN A CG  1 
ATOM   87   C CD  . GLN A 1 33  ? 6.340   10.182  -8.989  1.00 15.67 ? 1324 GLN A CD  1 
ATOM   88   O OE1 . GLN A 1 33  ? 6.149   9.009   -9.293  1.00 17.23 ? 1324 GLN A OE1 1 
ATOM   89   N NE2 . GLN A 1 33  ? 6.773   11.050  -9.894  1.00 17.63 ? 1324 GLN A NE2 1 
ATOM   90   N N   . CYS A 1 34  ? 5.947   7.899   -3.886  1.00 11.62 ? 1325 CYS A N   1 
ATOM   91   C CA  . CYS A 1 34  ? 5.406   6.946   -2.897  1.00 11.54 ? 1325 CYS A CA  1 
ATOM   92   C C   . CYS A 1 34  ? 5.521   7.479   -1.471  1.00 12.85 ? 1325 CYS A C   1 
ATOM   93   O O   . CYS A 1 34  ? 4.563   7.253   -0.672  1.00 12.34 ? 1325 CYS A O   1 
ATOM   94   C CB  . CYS A 1 34  ? 6.066   5.585   -3.052  1.00 11.52 ? 1325 CYS A CB  1 
ATOM   95   S SG  . CYS A 1 34  ? 5.573   4.625   -4.530  1.00 12.92 ? 1325 CYS A SG  1 
ATOM   96   N N   . GLU A 1 35  ? 6.602   8.131   -1.094  1.00 12.56 ? 1326 GLU A N   1 
ATOM   97   C CA  . GLU A 1 35  ? 6.729   8.792   0.232   1.00 14.14 ? 1326 GLU A CA  1 
ATOM   98   C C   . GLU A 1 35  ? 5.582   9.782   0.409   1.00 13.99 ? 1326 GLU A C   1 
ATOM   99   O O   . GLU A 1 35  ? 4.955   9.775   1.472   1.00 15.53 ? 1326 GLU A O   1 
ATOM   100  C CB  . GLU A 1 35  ? 8.078   9.514   0.349   1.00 16.31 ? 1326 GLU A CB  1 
ATOM   101  C CG  . GLU A 1 35  ? 9.268   8.595   0.447   1.00 18.48 ? 1326 GLU A CG  1 
ATOM   102  C CD  . GLU A 1 35  ? 10.625  9.291   0.304   1.00 22.51 ? 1326 GLU A CD  1 
ATOM   103  O OE1 . GLU A 1 35  ? 10.664  10.523  0.092   1.00 29.12 ? 1326 GLU A OE1 1 
ATOM   104  O OE2 . GLU A 1 35  ? 11.652  8.593   0.365   1.00 24.20 ? 1326 GLU A OE2 1 
ATOM   105  N N   . GLU A 1 36  ? 5.317   10.609  -0.582  1.00 15.37 ? 1327 GLU A N   1 
ATOM   106  C CA  . GLU A 1 36  ? 4.265   11.644  -0.508  1.00 16.97 ? 1327 GLU A CA  1 
ATOM   107  C C   . GLU A 1 36  ? 2.918   10.967  -0.381  1.00 14.72 ? 1327 GLU A C   1 
ATOM   108  O O   . GLU A 1 36  ? 2.058   11.433  0.387   1.00 16.02 ? 1327 GLU A O   1 
ATOM   109  C CB  . GLU A 1 36  ? 4.398   12.583  -1.719  1.00 19.76 ? 1327 GLU A CB  1 
ATOM   110  C CG  . GLU A 1 36  ? 5.631   13.459  -1.601  1.00 26.77 ? 1327 GLU A CG  1 
ATOM   111  C CD  . GLU A 1 36  ? 5.929   14.441  -2.728  1.00 34.22 ? 1327 GLU A CD  1 
ATOM   112  O OE1 . GLU A 1 36  ? 5.003   14.769  -3.518  1.00 43.50 ? 1327 GLU A OE1 1 
ATOM   113  O OE2 . GLU A 1 36  ? 7.103   14.890  -2.814  1.00 42.56 ? 1327 GLU A OE2 1 
ATOM   114  N N   . LEU A 1 37  ? 2.647   9.911   -1.150  1.00 14.17 ? 1328 LEU A N   1 
ATOM   115  C CA  . LEU A 1 37  ? 1.315   9.268   -1.055  1.00 13.38 ? 1328 LEU A CA  1 
ATOM   116  C C   . LEU A 1 37  ? 1.156   8.615   0.324   1.00 12.45 ? 1328 LEU A C   1 
ATOM   117  O O   . LEU A 1 37  ? 0.035   8.611   0.874   1.00 13.83 ? 1328 LEU A O   1 
ATOM   118  C CB  . LEU A 1 37  ? 1.209   8.267   -2.193  1.00 13.57 ? 1328 LEU A CB  1 
ATOM   119  C CG  . LEU A 1 37  ? -0.043  7.400   -2.211  1.00 13.11 ? 1328 LEU A CG  1 
ATOM   120  C CD1 . LEU A 1 37  ? -1.306  8.243   -2.234  1.00 14.78 ? 1328 LEU A CD1 1 
ATOM   121  C CD2 . LEU A 1 37  ? -0.015  6.545   -3.428  1.00 14.45 ? 1328 LEU A CD2 1 
ATOM   122  N N   . LEU A 1 38  ? 2.202   8.005   0.857   1.00 13.01 ? 1329 LEU A N   1 
ATOM   123  C CA  . LEU A 1 38  ? 2.134   7.423   2.220   1.00 13.92 ? 1329 LEU A CA  1 
ATOM   124  C C   . LEU A 1 38  ? 1.836   8.498   3.241   1.00 14.75 ? 1329 LEU A C   1 
ATOM   125  O O   . LEU A 1 38  ? 1.035   8.250   4.163   1.00 16.57 ? 1329 LEU A O   1 
ATOM   126  C CB  . LEU A 1 38  ? 3.408   6.649   2.577   1.00 14.54 ? 1329 LEU A CB  1 
ATOM   127  C CG  . LEU A 1 38  ? 3.602   5.343   1.835   1.00 14.50 ? 1329 LEU A CG  1 
ATOM   128  C CD1 . LEU A 1 38  ? 5.027   4.825   2.030   1.00 16.34 ? 1329 LEU A CD1 1 
ATOM   129  C CD2 . LEU A 1 38  ? 2.594   4.298   2.285   1.00 17.75 ? 1329 LEU A CD2 1 
ATOM   130  N N   . ASN A 1 39  ? 2.411   9.656   3.082   1.00 14.93 ? 1330 ASN A N   1 
ATOM   131  C CA  . ASN A 1 39  ? 2.084   10.816  3.952   1.00 16.93 ? 1330 ASN A CA  1 
ATOM   132  C C   . ASN A 1 39  ? 0.590   11.142  3.865   1.00 16.95 ? 1330 ASN A C   1 
ATOM   133  O O   . ASN A 1 39  ? -0.065  11.297  4.958   1.00 20.03 ? 1330 ASN A O   1 
ATOM   134  C CB  . ASN A 1 39  ? 2.931   12.043  3.620   1.00 20.37 ? 1330 ASN A CB  1 
ATOM   135  C CG  . ASN A 1 39  ? 4.366   11.906  4.064   1.00 24.75 ? 1330 ASN A CG  1 
ATOM   136  O OD1 . ASN A 1 39  ? 4.695   11.049  4.882   1.00 30.32 ? 1330 ASN A OD1 1 
ATOM   137  N ND2 . ASN A 1 39  ? 5.229   12.764  3.537   1.00 27.91 ? 1330 ASN A ND2 1 
ATOM   138  N N   . LEU A 1 40  ? 0.014   11.216  2.673   1.00 15.97 ? 1331 LEU A N   1 
ATOM   139  C CA  . LEU A 1 40  ? -1.443  11.504  2.524   1.00 17.04 ? 1331 LEU A CA  1 
ATOM   140  C C   . LEU A 1 40  ? -2.240  10.406  3.215   1.00 17.06 ? 1331 LEU A C   1 
ATOM   141  O O   . LEU A 1 40  ? -3.205  10.694  3.956   1.00 19.66 ? 1331 LEU A O   1 
ATOM   142  C CB  . LEU A 1 40  ? -1.813  11.642  1.048   1.00 17.47 ? 1331 LEU A CB  1 
ATOM   143  C CG  . LEU A 1 40  ? -1.249  12.870  0.323   1.00 17.73 ? 1331 LEU A CG  1 
ATOM   144  C CD1 . LEU A 1 40  ? -1.600  12.865  -1.132  1.00 22.30 ? 1331 LEU A CD1 1 
ATOM   145  C CD2 . LEU A 1 40  ? -1.706  14.184  0.973   1.00 23.15 ? 1331 LEU A CD2 1 
ATOM   146  N N   . ILE A 1 41  ? -1.825  9.150   3.070   1.00 14.21 ? 1332 ILE A N   1 
ATOM   147  C CA  . ILE A 1 41  ? -2.585  8.021   3.666   1.00 14.55 ? 1332 ILE A CA  1 
ATOM   148  C C   . ILE A 1 41  ? -2.503  8.120   5.193   1.00 14.54 ? 1332 ILE A C   1 
ATOM   149  O O   . ILE A 1 41  ? -3.559  7.939   5.847   1.00 15.53 ? 1332 ILE A O   1 
ATOM   150  C CB  . ILE A 1 41  ? -2.009  6.686   3.132   1.00 14.34 ? 1332 ILE A CB  1 
ATOM   151  C CG1 . ILE A 1 41  ? -2.432  6.537   1.668   1.00 16.15 ? 1332 ILE A CG1 1 
ATOM   152  C CG2 . ILE A 1 41  ? -2.393  5.495   4.002   1.00 13.44 ? 1332 ILE A CG2 1 
ATOM   153  C CD1 . ILE A 1 41  ? -1.845  5.361   0.961   1.00 18.07 ? 1332 ILE A CD1 1 
ATOM   154  N N   . PHE A 1 42  ? -1.343  8.416   5.767   1.00 15.93 ? 1333 PHE A N   1 
ATOM   155  C CA  . PHE A 1 42  ? -1.234  8.659   7.237   1.00 19.13 ? 1333 PHE A CA  1 
ATOM   156  C C   . PHE A 1 42  ? -2.124  9.825   7.743   1.00 21.46 ? 1333 PHE A C   1 
ATOM   157  O O   . PHE A 1 42  ? -2.603  9.719   8.892   1.00 28.01 ? 1333 PHE A O   1 
ATOM   158  C CB  . PHE A 1 42  ? 0.226   8.783   7.677   1.00 19.39 ? 1333 PHE A CB  1 
ATOM   159  C CG  . PHE A 1 42  ? 0.884   7.450   7.936   1.00 18.96 ? 1333 PHE A CG  1 
ATOM   160  C CD1 . PHE A 1 42  ? 0.889   6.900   9.203   1.00 21.08 ? 1333 PHE A CD1 1 
ATOM   161  C CD2 . PHE A 1 42  ? 1.498   6.747   6.918   1.00 22.84 ? 1333 PHE A CD2 1 
ATOM   162  C CE1 . PHE A 1 42  ? 1.495   5.677   9.455   1.00 25.44 ? 1333 PHE A CE1 1 
ATOM   163  C CE2 . PHE A 1 42  ? 2.120   5.534   7.176   1.00 23.68 ? 1333 PHE A CE2 1 
ATOM   164  C CZ  . PHE A 1 42  ? 2.077   4.982   8.434   1.00 23.35 ? 1333 PHE A CZ  1 
ATOM   165  N N   . GLN A 1 43  ? -2.406  10.848  6.936   1.00 23.21 ? 1334 GLN A N   1 
ATOM   166  C CA  . GLN A 1 43  ? -3.281  11.986  7.365   1.00 24.48 ? 1334 GLN A CA  1 
ATOM   167  C C   . GLN A 1 43  ? -4.772  11.659  7.166   1.00 24.68 ? 1334 GLN A C   1 
ATOM   168  O O   . GLN A 1 43  ? -5.632  12.452  7.635   1.00 23.68 ? 1334 GLN A O   1 
ATOM   169  C CB  . GLN A 1 43  ? -2.859  13.261  6.640   1.00 25.52 ? 1334 GLN A CB  1 
ATOM   170  C CG  . GLN A 1 43  ? -1.504  13.775  7.093   1.00 26.17 ? 1334 GLN A CG  1 
ATOM   171  N N   A CYS A 1 44  ? -5.096  10.527  6.536   0.31 22.12 ? 1335 CYS A N   1 
ATOM   172  N N   B CYS A 1 44  ? -5.101  10.527  6.498   0.31 22.57 ? 1335 CYS A N   1 
ATOM   173  C CA  A CYS A 1 44  ? -6.486  10.037  6.347   0.31 20.42 ? 1335 CYS A CA  1 
ATOM   174  C CA  B CYS A 1 44  ? -6.484  10.003  6.317   0.31 21.06 ? 1335 CYS A CA  1 
ATOM   175  C C   A CYS A 1 44  ? -6.954  9.353   7.641   0.31 19.87 ? 1335 CYS A C   1 
ATOM   176  C C   B CYS A 1 44  ? -6.941  9.368   7.647   0.31 20.18 ? 1335 CYS A C   1 
ATOM   177  O O   A CYS A 1 44  ? -6.263  8.436   8.143   0.31 17.77 ? 1335 CYS A O   1 
ATOM   178  O O   B CYS A 1 44  ? -6.220  8.496   8.186   0.31 18.19 ? 1335 CYS A O   1 
ATOM   179  C CB  A CYS A 1 44  ? -6.581  9.077   5.161   0.31 18.73 ? 1335 CYS A CB  1 
ATOM   180  C CB  B CYS A 1 44  ? -6.565  8.967   5.188   0.31 19.35 ? 1335 CYS A CB  1 
ATOM   181  S SG  A CYS A 1 44  ? -6.231  9.931   3.604   0.31 22.38 ? 1335 CYS A SG  1 
ATOM   182  S SG  B CYS A 1 44  ? -8.208  8.848   4.427   0.31 24.94 ? 1335 CYS A SG  1 
ATOM   183  N N   . GLU A 1 45  ? -8.103  9.748   8.185   1.00 19.17 ? 1336 GLU A N   1 
ATOM   184  C CA  . GLU A 1 45  ? -8.641  9.050   9.401   1.00 17.52 ? 1336 GLU A CA  1 
ATOM   185  C C   . GLU A 1 45  ? -8.895  7.568   9.090   1.00 16.29 ? 1336 GLU A C   1 
ATOM   186  O O   . GLU A 1 45  ? -8.696  6.721   9.960   1.00 15.90 ? 1336 GLU A O   1 
ATOM   187  C CB  . GLU A 1 45  ? -9.935  9.702   9.861   1.00 18.48 ? 1336 GLU A CB  1 
ATOM   188  C CG  . GLU A 1 45  ? -9.667  11.051  10.508  1.00 20.96 ? 1336 GLU A CG  1 
ATOM   189  C CD  . GLU A 1 45  ? -10.890 11.788  11.009  1.00 25.28 ? 1336 GLU A CD  1 
ATOM   190  O OE1 . GLU A 1 45  ? -12.018 11.278  10.787  1.00 25.62 ? 1336 GLU A OE1 1 
ATOM   191  O OE2 . GLU A 1 45  ? -10.714 12.898  11.596  1.00 25.23 ? 1336 GLU A OE2 1 
ATOM   192  N N   . ASP A 1 46  ? -9.173  7.264   7.835   1.00 15.00 ? 1337 ASP A N   1 
ATOM   193  C CA  . ASP A 1 46  ? -9.440  5.888   7.377   1.00 15.49 ? 1337 ASP A CA  1 
ATOM   194  C C   . ASP A 1 46  ? -8.225  4.956   7.498   1.00 15.21 ? 1337 ASP A C   1 
ATOM   195  O O   . ASP A 1 46  ? -8.415  3.750   7.489   1.00 14.63 ? 1337 ASP A O   1 
ATOM   196  C CB  . ASP A 1 46  ? -9.967  5.828   5.957   1.00 15.08 ? 1337 ASP A CB  1 
ATOM   197  C CG  . ASP A 1 46  ? -11.439 6.276   5.847   1.00 17.15 ? 1337 ASP A CG  1 
ATOM   198  O OD1 . ASP A 1 46  ? -12.162 6.249   6.926   1.00 19.32 ? 1337 ASP A OD1 1 
ATOM   199  O OD2 . ASP A 1 46  ? -11.907 6.553   4.712   1.00 16.83 ? 1337 ASP A OD2 1 
ATOM   200  N N   . SER A 1 47  ? -7.009  5.489   7.624   1.00 14.02 ? 1338 SER A N   1 
ATOM   201  C CA  . SER A 1 47  ? -5.808  4.621   7.767   1.00 13.42 ? 1338 SER A CA  1 
ATOM   202  C C   . SER A 1 47  ? -5.572  4.157   9.209   1.00 13.33 ? 1338 SER A C   1 
ATOM   203  O O   . SER A 1 47  ? -4.732  3.275   9.415   1.00 12.53 ? 1338 SER A O   1 
ATOM   204  C CB  . SER A 1 47  ? -4.582  5.297   7.245   1.00 12.88 ? 1338 SER A CB  1 
ATOM   205  O OG  . SER A 1 47  ? -4.039  6.242   8.166   1.00 12.90 ? 1338 SER A OG  1 
ATOM   206  N N   . GLU A 1 48  ? -6.262  4.727   10.204  1.00 14.39 ? 1339 GLU A N   1 
ATOM   207  C CA  . GLU A 1 48  ? -5.932  4.474   11.635  1.00 16.24 ? 1339 GLU A CA  1 
ATOM   208  C C   . GLU A 1 48  ? -5.690  2.993   11.916  1.00 14.55 ? 1339 GLU A C   1 
ATOM   209  O O   . GLU A 1 48  ? -4.636  2.650   12.469  1.00 14.96 ? 1339 GLU A O   1 
ATOM   210  C CB  . GLU A 1 48  ? -7.018  5.002   12.570  1.00 20.65 ? 1339 GLU A CB  1 
ATOM   211  C CG  . GLU A 1 48  ? -6.627  4.847   14.027  1.00 23.72 ? 1339 GLU A CG  1 
ATOM   212  C CD  . GLU A 1 48  ? -6.969  3.523   14.684  1.00 28.55 ? 1339 GLU A CD  1 
ATOM   213  O OE1 . GLU A 1 48  ? -7.680  2.708   14.061  1.00 33.07 ? 1339 GLU A OE1 1 
ATOM   214  O OE2 . GLU A 1 48  ? -6.523  3.310   15.833  1.00 34.85 ? 1339 GLU A OE2 1 
ATOM   215  N N   . PRO A 1 49  ? -6.606  2.057   11.559  1.00 13.21 ? 1340 PRO A N   1 
ATOM   216  C CA  . PRO A 1 49  ? -6.430  0.651   11.935  1.00 12.78 ? 1340 PRO A CA  1 
ATOM   217  C C   . PRO A 1 49  ? -5.262  -0.059  11.243  1.00 12.41 ? 1340 PRO A C   1 
ATOM   218  O O   . PRO A 1 49  ? -4.917  -1.155  11.640  1.00 12.31 ? 1340 PRO A O   1 
ATOM   219  C CB  . PRO A 1 49  ? -7.746  -0.029  11.493  1.00 13.16 ? 1340 PRO A CB  1 
ATOM   220  C CG  . PRO A 1 49  ? -8.726  1.107   11.336  1.00 13.94 ? 1340 PRO A CG  1 
ATOM   221  C CD  . PRO A 1 49  ? -7.882  2.268   10.849  1.00 13.39 ? 1340 PRO A CD  1 
ATOM   222  N N   . PHE A 1 50  ? -4.721  0.569   10.193  1.00 12.52 ? 1341 PHE A N   1 
ATOM   223  C CA  . PHE A 1 50  ? -3.747  -0.067  9.261   1.00 12.32 ? 1341 PHE A CA  1 
ATOM   224  C C   . PHE A 1 50  ? -2.351  0.540   9.443   1.00 13.19 ? 1341 PHE A C   1 
ATOM   225  O O   . PHE A 1 50  ? -1.451  0.164   8.692   1.00 12.56 ? 1341 PHE A O   1 
ATOM   226  C CB  . PHE A 1 50  ? -4.216  0.046   7.806   1.00 11.80 ? 1341 PHE A CB  1 
ATOM   227  C CG  . PHE A 1 50  ? -5.669  -0.311  7.603   1.00 12.08 ? 1341 PHE A CG  1 
ATOM   228  C CD1 . PHE A 1 50  ? -6.104  -1.624  7.687   1.00 12.08 ? 1341 PHE A CD1 1 
ATOM   229  C CD2 . PHE A 1 50  ? -6.612  0.674   7.359   1.00 12.21 ? 1341 PHE A CD2 1 
ATOM   230  C CE1 . PHE A 1 50  ? -7.451  -1.934  7.560   1.00 11.96 ? 1341 PHE A CE1 1 
ATOM   231  C CE2 . PHE A 1 50  ? -7.956  0.366   7.227   1.00 12.09 ? 1341 PHE A CE2 1 
ATOM   232  C CZ  . PHE A 1 50  ? -8.376  -0.940  7.332   1.00 12.65 ? 1341 PHE A CZ  1 
ATOM   233  N N   . ARG A 1 51  ? -2.147  1.422   10.425  1.00 13.90 ? 1342 ARG A N   1 
ATOM   234  C CA  . ARG A 1 51  ? -0.865  2.159   10.591  1.00 14.39 ? 1342 ARG A CA  1 
ATOM   235  C C   . ARG A 1 51  ? 0.207   1.217   11.155  1.00 15.03 ? 1342 ARG A C   1 
ATOM   236  O O   . ARG A 1 51  ? 1.387   1.357   10.772  1.00 16.77 ? 1342 ARG A O   1 
ATOM   237  C CB  . ARG A 1 51  ? -1.074  3.387   11.484  1.00 15.08 ? 1342 ARG A CB  1 
ATOM   238  C CG  . ARG A 1 51  ? -1.713  4.539   10.731  1.00 15.59 ? 1342 ARG A CG  1 
ATOM   239  C CD  . ARG A 1 51  ? -2.154  5.660   11.649  1.00 15.91 ? 1342 ARG A CD  1 
ATOM   240  N NE  . ARG A 1 51  ? -3.156  6.491   11.001  1.00 16.84 ? 1342 ARG A NE  1 
ATOM   241  C CZ  . ARG A 1 51  ? -4.000  7.314   11.614  1.00 17.93 ? 1342 ARG A CZ  1 
ATOM   242  N NH1 . ARG A 1 51  ? -3.985  7.450   12.932  1.00 18.71 ? 1342 ARG A NH1 1 
ATOM   243  N NH2 . ARG A 1 51  ? -4.862  8.012   10.902  1.00 17.75 ? 1342 ARG A NH2 1 
ATOM   244  N N   . GLN A 1 52  ? -0.170  0.310   12.052  1.00 16.16 ? 1343 GLN A N   1 
ATOM   245  C CA  . GLN A 1 52  ? 0.794   -0.532  12.796  1.00 17.89 ? 1343 GLN A CA  1 
ATOM   246  C C   . GLN A 1 52  ? 0.366   -1.983  12.646  1.00 17.93 ? 1343 GLN A C   1 
ATOM   247  O O   . GLN A 1 52  ? -0.784  -2.246  12.286  1.00 16.57 ? 1343 GLN A O   1 
ATOM   248  C CB  . GLN A 1 52  ? 0.872   -0.060  14.257  1.00 21.38 ? 1343 GLN A CB  1 
ATOM   249  C CG  . GLN A 1 52  ? 1.058   1.444   14.403  1.00 25.66 ? 1343 GLN A CG  1 
ATOM   250  C CD  . GLN A 1 52  ? 2.351   1.960   13.812  1.00 28.67 ? 1343 GLN A CD  1 
ATOM   251  O OE1 . GLN A 1 52  ? 3.360   1.253   13.746  1.00 33.77 ? 1343 GLN A OE1 1 
ATOM   252  N NE2 . GLN A 1 52  ? 2.338   3.216   13.382  1.00 30.08 ? 1343 GLN A NE2 1 
ATOM   253  N N   . PRO A 1 53  ? 1.276   -2.959  12.856  1.00 18.56 ? 1344 PRO A N   1 
ATOM   254  C CA  . PRO A 1 53  ? 0.909   -4.371  12.782  1.00 18.36 ? 1344 PRO A CA  1 
ATOM   255  C C   . PRO A 1 53  ? -0.259  -4.676  13.733  1.00 19.32 ? 1344 PRO A C   1 
ATOM   256  O O   . PRO A 1 53  ? -0.295  -4.102  14.839  1.00 20.12 ? 1344 PRO A O   1 
ATOM   257  C CB  . PRO A 1 53  ? 2.182   -5.122  13.192  1.00 17.84 ? 1344 PRO A CB  1 
ATOM   258  C CG  . PRO A 1 53  ? 3.304   -4.133  12.914  1.00 18.58 ? 1344 PRO A CG  1 
ATOM   259  C CD  . PRO A 1 53  ? 2.707   -2.763  13.146  1.00 18.71 ? 1344 PRO A CD  1 
ATOM   260  N N   . VAL A 1 54  ? -1.194  -5.511  13.273  1.00 19.99 ? 1345 VAL A N   1 
ATOM   261  C CA  . VAL A 1 54  ? -2.431  -5.892  14.011  1.00 20.63 ? 1345 VAL A CA  1 
ATOM   262  C C   . VAL A 1 54  ? -2.060  -6.311  15.436  1.00 23.13 ? 1345 VAL A C   1 
ATOM   263  O O   . VAL A 1 54  ? -1.017  -6.980  15.605  1.00 23.79 ? 1345 VAL A O   1 
ATOM   264  C CB  . VAL A 1 54  ? -3.219  -7.010  13.303  1.00 21.30 ? 1345 VAL A CB  1 
ATOM   265  C CG1 . VAL A 1 54  ? -4.322  -7.563  14.192  1.00 22.05 ? 1345 VAL A CG1 1 
ATOM   266  C CG2 . VAL A 1 54  ? -3.798  -6.533  11.984  1.00 21.49 ? 1345 VAL A CG2 1 
ATOM   267  N N   . ASP A 1 55  ? -2.921  -5.901  16.381  1.00 24.79 ? 1346 ASP A N   1 
ATOM   268  C CA  . ASP A 1 55  ? -2.946  -6.289  17.817  1.00 24.41 ? 1346 ASP A CA  1 
ATOM   269  C C   . ASP A 1 55  ? -3.390  -7.750  17.925  1.00 22.25 ? 1346 ASP A C   1 
ATOM   270  O O   . ASP A 1 55  ? -4.586  -8.033  17.870  1.00 23.12 ? 1346 ASP A O   1 
ATOM   271  C CB  . ASP A 1 55  ? -3.886  -5.392  18.628  1.00 25.01 ? 1346 ASP A CB  1 
ATOM   272  C CG  . ASP A 1 55  ? -3.664  -5.452  20.127  1.00 25.79 ? 1346 ASP A CG  1 
ATOM   273  O OD1 . ASP A 1 55  ? -3.368  -6.550  20.633  1.00 26.55 ? 1346 ASP A OD1 1 
ATOM   274  O OD2 . ASP A 1 55  ? -3.794  -4.388  20.776  1.00 25.93 ? 1346 ASP A OD2 1 
ATOM   275  N N   . LEU A 1 56  ? -2.427  -8.633  18.124  1.00 20.86 ? 1347 LEU A N   1 
ATOM   276  C CA  . LEU A 1 56  ? -2.637  -10.095 18.224  1.00 21.62 ? 1347 LEU A CA  1 
ATOM   277  C C   . LEU A 1 56  ? -3.210  -10.468 19.600  1.00 21.54 ? 1347 LEU A C   1 
ATOM   278  O O   . LEU A 1 56  ? -3.751  -11.588 19.728  1.00 23.05 ? 1347 LEU A O   1 
ATOM   279  C CB  . LEU A 1 56  ? -1.300  -10.775 17.911  1.00 20.69 ? 1347 LEU A CB  1 
ATOM   280  C CG  . LEU A 1 56  ? -0.698  -10.400 16.550  1.00 20.97 ? 1347 LEU A CG  1 
ATOM   281  C CD1 . LEU A 1 56  ? 0.667   -11.049 16.342  1.00 21.95 ? 1347 LEU A CD1 1 
ATOM   282  C CD2 . LEU A 1 56  ? -1.635  -10.777 15.412  1.00 21.45 ? 1347 LEU A CD2 1 
ATOM   283  N N   . LEU A 1 57  ? -3.168  -9.557  20.576  1.00 23.85 ? 1348 LEU A N   1 
ATOM   284  C CA  . LEU A 1 57  ? -3.796  -9.793  21.903  1.00 24.15 ? 1348 LEU A CA  1 
ATOM   285  C C   . LEU A 1 57  ? -5.312  -9.595  21.782  1.00 22.98 ? 1348 LEU A C   1 
ATOM   286  O O   . LEU A 1 57  ? -6.072  -10.347 22.423  1.00 22.73 ? 1348 LEU A O   1 
ATOM   287  C CB  . LEU A 1 57  ? -3.162  -8.864  22.943  1.00 26.07 ? 1348 LEU A CB  1 
ATOM   288  C CG  . LEU A 1 57  ? -1.634  -8.876  22.979  1.00 28.25 ? 1348 LEU A CG  1 
ATOM   289  C CD1 . LEU A 1 57  ? -1.107  -7.873  23.989  1.00 29.07 ? 1348 LEU A CD1 1 
ATOM   290  C CD2 . LEU A 1 57  ? -1.095  -10.271 23.269  1.00 28.03 ? 1348 LEU A CD2 1 
ATOM   291  N N   . GLU A 1 58  ? -5.747  -8.637  20.965  1.00 22.65 ? 1349 GLU A N   1 
ATOM   292  C CA  . GLU A 1 58  ? -7.193  -8.322  20.780  1.00 24.29 ? 1349 GLU A CA  1 
ATOM   293  C C   . GLU A 1 58  ? -7.802  -9.292  19.752  1.00 22.61 ? 1349 GLU A C   1 
ATOM   294  O O   . GLU A 1 58  ? -9.042  -9.556  19.817  1.00 22.15 ? 1349 GLU A O   1 
ATOM   295  C CB  . GLU A 1 58  ? -7.336  -6.853  20.378  1.00 26.40 ? 1349 GLU A CB  1 
ATOM   296  C CG  . GLU A 1 58  ? -7.067  -5.895  21.526  1.00 30.25 ? 1349 GLU A CG  1 
ATOM   297  C CD  . GLU A 1 58  ? -6.792  -4.447  21.145  1.00 34.14 ? 1349 GLU A CD  1 
ATOM   298  O OE1 . GLU A 1 58  ? -6.889  -4.117  19.943  1.00 38.09 ? 1349 GLU A OE1 1 
ATOM   299  O OE2 . GLU A 1 58  ? -6.489  -3.642  22.056  1.00 36.71 ? 1349 GLU A OE2 1 
ATOM   300  N N   . TYR A 1 59  ? -6.960  -9.807  18.838  1.00 22.86 ? 1350 TYR A N   1 
ATOM   301  C CA  . TYR A 1 59  ? -7.327  -10.746 17.744  1.00 22.64 ? 1350 TYR A CA  1 
ATOM   302  C C   . TYR A 1 59  ? -6.416  -11.980 17.799  1.00 21.92 ? 1350 TYR A C   1 
ATOM   303  O O   . TYR A 1 59  ? -5.587  -12.181 16.916  1.00 21.71 ? 1350 TYR A O   1 
ATOM   304  C CB  . TYR A 1 59  ? -7.266  -9.974  16.415  1.00 23.45 ? 1350 TYR A CB  1 
ATOM   305  C CG  . TYR A 1 59  ? -8.212  -8.794  16.304  1.00 23.66 ? 1350 TYR A CG  1 
ATOM   306  C CD1 . TYR A 1 59  ? -9.553  -8.985  16.010  1.00 25.09 ? 1350 TYR A CD1 1 
ATOM   307  C CD2 . TYR A 1 59  ? -7.779  -7.481  16.435  1.00 24.40 ? 1350 TYR A CD2 1 
ATOM   308  C CE1 . TYR A 1 59  ? -10.444 -7.928  15.901  1.00 26.16 ? 1350 TYR A CE1 1 
ATOM   309  C CE2 . TYR A 1 59  ? -8.663  -6.409  16.339  1.00 25.35 ? 1350 TYR A CE2 1 
ATOM   310  C CZ  . TYR A 1 59  ? -10.000 -6.628  16.054  1.00 26.38 ? 1350 TYR A CZ  1 
ATOM   311  O OH  . TYR A 1 59  ? -10.897 -5.596  15.910  1.00 26.01 ? 1350 TYR A OH  1 
ATOM   312  N N   . PRO A 1 60  ? -6.520  -12.861 18.835  1.00 22.54 ? 1351 PRO A N   1 
ATOM   313  C CA  . PRO A 1 60  ? -5.617  -14.015 18.961  1.00 20.51 ? 1351 PRO A CA  1 
ATOM   314  C C   . PRO A 1 60  ? -5.776  -15.108 17.882  1.00 20.04 ? 1351 PRO A C   1 
ATOM   315  O O   . PRO A 1 60  ? -4.885  -15.944 17.769  1.00 20.00 ? 1351 PRO A O   1 
ATOM   316  C CB  . PRO A 1 60  ? -5.956  -14.636 20.337  1.00 22.11 ? 1351 PRO A CB  1 
ATOM   317  C CG  . PRO A 1 60  ? -6.803  -13.602 21.028  1.00 23.61 ? 1351 PRO A CG  1 
ATOM   318  C CD  . PRO A 1 60  ? -7.467  -12.773 19.951  1.00 23.28 ? 1351 PRO A CD  1 
ATOM   319  N N   . ASP A 1 61  ? -6.861  -15.061 17.100  1.00 20.07 ? 1352 ASP A N   1 
ATOM   320  C CA  . ASP A 1 61  ? -7.110  -15.967 15.940  1.00 18.80 ? 1352 ASP A CA  1 
ATOM   321  C C   . ASP A 1 61  ? -6.588  -15.349 14.632  1.00 17.28 ? 1352 ASP A C   1 
ATOM   322  O O   . ASP A 1 61  ? -6.750  -15.984 13.568  1.00 15.68 ? 1352 ASP A O   1 
ATOM   323  C CB  . ASP A 1 61  ? -8.599  -16.279 15.776  1.00 20.14 ? 1352 ASP A CB  1 
ATOM   324  C CG  . ASP A 1 61  ? -9.451  -15.082 15.404  1.00 20.61 ? 1352 ASP A CG  1 
ATOM   325  O OD1 . ASP A 1 61  ? -9.043  -13.938 15.749  1.00 23.30 ? 1352 ASP A OD1 1 
ATOM   326  O OD2 . ASP A 1 61  ? -10.517 -15.302 14.770  1.00 24.88 ? 1352 ASP A OD2 1 
ATOM   327  N N   . TYR A 1 62  ? -5.928  -14.188 14.677  1.00 16.63 ? 1353 TYR A N   1 
ATOM   328  C CA  . TYR A 1 62  ? -5.599  -13.438 13.431  1.00 15.50 ? 1353 TYR A CA  1 
ATOM   329  C C   . TYR A 1 62  ? -4.602  -14.240 12.572  1.00 16.02 ? 1353 TYR A C   1 
ATOM   330  O O   . TYR A 1 62  ? -4.808  -14.298 11.340  1.00 14.74 ? 1353 TYR A O   1 
ATOM   331  C CB  . TYR A 1 62  ? -5.163  -12.007 13.766  1.00 14.46 ? 1353 TYR A CB  1 
ATOM   332  C CG  . TYR A 1 62  ? -4.962  -11.136 12.549  1.00 14.18 ? 1353 TYR A CG  1 
ATOM   333  C CD1 . TYR A 1 62  ? -6.043  -10.488 11.980  1.00 14.18 ? 1353 TYR A CD1 1 
ATOM   334  C CD2 . TYR A 1 62  ? -3.727  -11.016 11.930  1.00 14.03 ? 1353 TYR A CD2 1 
ATOM   335  C CE1 . TYR A 1 62  ? -5.904  -9.714  10.839  1.00 13.65 ? 1353 TYR A CE1 1 
ATOM   336  C CE2 . TYR A 1 62  ? -3.566  -10.206 10.809  1.00 13.73 ? 1353 TYR A CE2 1 
ATOM   337  C CZ  . TYR A 1 62  ? -4.662  -9.580  10.245  1.00 13.25 ? 1353 TYR A CZ  1 
ATOM   338  O OH  . TYR A 1 62  ? -4.501  -8.823  9.109   1.00 13.56 ? 1353 TYR A OH  1 
ATOM   339  N N   . ARG A 1 63  ? -3.562  -14.852 13.150  1.00 16.17 ? 1354 ARG A N   1 
ATOM   340  C CA  . ARG A 1 63  ? -2.575  -15.644 12.366  1.00 17.67 ? 1354 ARG A CA  1 
ATOM   341  C C   . ARG A 1 63  ? -3.158  -16.991 11.898  1.00 16.83 ? 1354 ARG A C   1 
ATOM   342  O O   . ARG A 1 63  ? -2.564  -17.595 11.000  1.00 18.77 ? 1354 ARG A O   1 
ATOM   343  C CB  . ARG A 1 63  ? -1.271  -15.850 13.140  1.00 19.48 ? 1354 ARG A CB  1 
ATOM   344  C CG  . ARG A 1 63  ? -0.364  -14.626 13.167  1.00 22.91 ? 1354 ARG A CG  1 
ATOM   345  C CD  . ARG A 1 63  ? 0.108   -14.152 11.798  1.00 24.45 ? 1354 ARG A CD  1 
ATOM   346  N NE  . ARG A 1 63  ? 0.675   -15.237 11.002  1.00 27.62 ? 1354 ARG A NE  1 
ATOM   347  C CZ  . ARG A 1 63  ? 1.971   -15.528 10.901  1.00 28.15 ? 1354 ARG A CZ  1 
ATOM   348  N NH1 . ARG A 1 63  ? 2.885   -14.790 11.514  1.00 30.06 ? 1354 ARG A NH1 1 
ATOM   349  N NH2 . ARG A 1 63  ? 2.352   -16.548 10.152  1.00 30.07 ? 1354 ARG A NH2 1 
ATOM   350  N N   . ASP A 1 64  ? -4.297  -17.426 12.429  1.00 17.07 ? 1355 ASP A N   1 
ATOM   351  C CA  . ASP A 1 64  ? -4.979  -18.645 11.903  1.00 18.38 ? 1355 ASP A CA  1 
ATOM   352  C C   . ASP A 1 64  ? -5.579  -18.355 10.517  1.00 18.68 ? 1355 ASP A C   1 
ATOM   353  O O   . ASP A 1 64  ? -5.727  -19.261 9.715   1.00 22.55 ? 1355 ASP A O   1 
ATOM   354  C CB  . ASP A 1 64  ? -6.097  -19.108 12.826  1.00 18.37 ? 1355 ASP A CB  1 
ATOM   355  C CG  . ASP A 1 64  ? -5.625  -19.489 14.220  1.00 21.03 ? 1355 ASP A CG  1 
ATOM   356  O OD1 . ASP A 1 64  ? -4.438  -19.806 14.384  1.00 26.11 ? 1355 ASP A OD1 1 
ATOM   357  O OD2 . ASP A 1 64  ? -6.452  -19.423 15.129  1.00 24.63 ? 1355 ASP A OD2 1 
ATOM   358  N N   . ILE A 1 65  ? -5.935  -17.094 10.266  1.00 15.85 ? 1356 ILE A N   1 
ATOM   359  C CA  . ILE A 1 65  ? -6.628  -16.605 9.034   1.00 15.95 ? 1356 ILE A CA  1 
ATOM   360  C C   . ILE A 1 65  ? -5.587  -15.986 8.090   1.00 15.83 ? 1356 ILE A C   1 
ATOM   361  O O   . ILE A 1 65  ? -5.572  -16.337 6.880   1.00 16.76 ? 1356 ILE A O   1 
ATOM   362  C CB  . ILE A 1 65  ? -7.739  -15.603 9.421   1.00 16.09 ? 1356 ILE A CB  1 
ATOM   363  C CG1 . ILE A 1 65  ? -8.608  -16.113 10.583  1.00 16.41 ? 1356 ILE A CG1 1 
ATOM   364  C CG2 . ILE A 1 65  ? -8.575  -15.177 8.222   1.00 16.32 ? 1356 ILE A CG2 1 
ATOM   365  C CD1 . ILE A 1 65  ? -9.340  -17.413 10.317  1.00 17.62 ? 1356 ILE A CD1 1 
ATOM   366  N N   . ILE A 1 66  ? -4.693  -15.160 8.625   1.00 15.95 ? 1357 ILE A N   1 
ATOM   367  C CA  . ILE A 1 66  ? -3.787  -14.306 7.820   1.00 16.61 ? 1357 ILE A CA  1 
ATOM   368  C C   . ILE A 1 66  ? -2.362  -14.863 7.893   1.00 16.77 ? 1357 ILE A C   1 
ATOM   369  O O   . ILE A 1 66  ? -1.719  -14.835 8.989   1.00 17.96 ? 1357 ILE A O   1 
ATOM   370  C CB  . ILE A 1 66  ? -3.843  -12.865 8.354   1.00 14.70 ? 1357 ILE A CB  1 
ATOM   371  C CG1 . ILE A 1 66  ? -5.267  -12.301 8.231   1.00 16.96 ? 1357 ILE A CG1 1 
ATOM   372  C CG2 . ILE A 1 66  ? -2.821  -11.978 7.659   1.00 16.04 ? 1357 ILE A CG2 1 
ATOM   373  C CD1 . ILE A 1 66  ? -5.862  -12.408 6.854   1.00 17.31 ? 1357 ILE A CD1 1 
ATOM   374  N N   . ASP A 1 67  ? -1.842  -15.229 6.729   1.00 17.67 ? 1358 ASP A N   1 
ATOM   375  C CA  . ASP A 1 67  ? -0.469  -15.807 6.674   1.00 19.77 ? 1358 ASP A CA  1 
ATOM   376  C C   . ASP A 1 67  ? 0.618   -14.727 6.700   1.00 18.75 ? 1358 ASP A C   1 
ATOM   377  O O   . ASP A 1 67  ? 1.727   -15.020 7.135   1.00 19.84 ? 1358 ASP A O   1 
ATOM   378  C CB  . ASP A 1 67  ? -0.282  -16.569 5.367   1.00 21.88 ? 1358 ASP A CB  1 
ATOM   379  C CG  . ASP A 1 67  ? -1.082  -17.841 5.210   1.00 29.42 ? 1358 ASP A CG  1 
ATOM   380  O OD1 . ASP A 1 67  ? -1.502  -18.401 6.221   1.00 31.28 ? 1358 ASP A OD1 1 
ATOM   381  O OD2 . ASP A 1 67  ? -1.277  -18.243 4.063   1.00 36.29 ? 1358 ASP A OD2 1 
ATOM   382  N N   . THR A 1 68  ? 0.384   -13.560 6.082   1.00 16.46 ? 1359 THR A N   1 
ATOM   383  C CA  . THR A 1 68  ? 1.419   -12.510 5.951   1.00 17.12 ? 1359 THR A CA  1 
ATOM   384  C C   . THR A 1 68  ? 0.832   -11.177 6.413   1.00 15.18 ? 1359 THR A C   1 
ATOM   385  O O   . THR A 1 68  ? 0.252   -10.442 5.570   1.00 16.28 ? 1359 THR A O   1 
ATOM   386  C CB  . THR A 1 68  ? 1.965   -12.357 4.529   1.00 17.73 ? 1359 THR A CB  1 
ATOM   387  O OG1 . THR A 1 68  ? 2.323   -13.665 4.064   1.00 20.91 ? 1359 THR A OG1 1 
ATOM   388  C CG2 . THR A 1 68  ? 3.164   -11.424 4.446   1.00 19.35 ? 1359 THR A CG2 1 
ATOM   389  N N   . PRO A 1 69  ? 0.965   -10.805 7.694   1.00 14.72 ? 1360 PRO A N   1 
ATOM   390  C CA  . PRO A 1 69  ? 0.546   -9.487  8.177   1.00 14.93 ? 1360 PRO A CA  1 
ATOM   391  C C   . PRO A 1 69  ? 1.273   -8.377  7.404   1.00 13.71 ? 1360 PRO A C   1 
ATOM   392  O O   . PRO A 1 69  ? 2.428   -8.491  7.004   1.00 15.40 ? 1360 PRO A O   1 
ATOM   393  C CB  . PRO A 1 69  ? 0.939   -9.489  9.651   1.00 15.66 ? 1360 PRO A CB  1 
ATOM   394  C CG  . PRO A 1 69  ? 0.883   -10.976 10.014  1.00 18.77 ? 1360 PRO A CG  1 
ATOM   395  C CD  . PRO A 1 69  ? 1.545   -11.625 8.804   1.00 17.21 ? 1360 PRO A CD  1 
ATOM   396  N N   . MET A 1 70  ? 0.574   -7.260  7.214   1.00 12.99 ? 1361 MET A N   1 
ATOM   397  C CA  . MET A 1 70  ? 1.204   -6.066  6.592   1.00 12.44 ? 1361 MET A CA  1 
ATOM   398  C C   . MET A 1 70  ? 0.475   -4.831  7.122   1.00 11.91 ? 1361 MET A C   1 
ATOM   399  O O   . MET A 1 70  ? -0.707  -4.903  7.409   1.00 12.63 ? 1361 MET A O   1 
ATOM   400  C CB  . MET A 1 70  ? 1.152   -6.191  5.057   1.00 12.33 ? 1361 MET A CB  1 
ATOM   401  C CG  . MET A 1 70  ? 1.967   -5.156  4.295   1.00 12.36 ? 1361 MET A CG  1 
ATOM   402  S SD  . MET A 1 70  ? 3.667   -4.930  4.783   1.00 13.41 ? 1361 MET A SD  1 
ATOM   403  C CE  . MET A 1 70  ? 4.324   -6.585  4.498   1.00 16.51 ? 1361 MET A CE  1 
ATOM   404  N N   . ASP A 1 71  ? 1.170   -3.723  7.180   1.00 11.68 ? 1362 ASP A N   1 
ATOM   405  C CA  . ASP A 1 71  ? 0.651   -2.441  7.687   1.00 11.97 ? 1362 ASP A CA  1 
ATOM   406  C C   . ASP A 1 71  ? 1.453   -1.324  7.045   1.00 10.76 ? 1362 ASP A C   1 
ATOM   407  O O   . ASP A 1 71  ? 2.539   -1.534  6.504   1.00 11.32 ? 1362 ASP A O   1 
ATOM   408  C CB  . ASP A 1 71  ? 0.748   -2.412  9.216   1.00 13.82 ? 1362 ASP A CB  1 
ATOM   409  C CG  . ASP A 1 71  ? 2.197   -2.416  9.639   1.00 15.76 ? 1362 ASP A CG  1 
ATOM   410  O OD1 . ASP A 1 71  ? 2.787   -3.510  9.655   1.00 16.15 ? 1362 ASP A OD1 1 
ATOM   411  O OD2 . ASP A 1 71  ? 2.744   -1.327  9.799   1.00 16.34 ? 1362 ASP A OD2 1 
ATOM   412  N N   . PHE A 1 72  ? 0.951   -0.089  7.134   1.00 11.00 ? 1363 PHE A N   1 
ATOM   413  C CA  . PHE A 1 72  ? 1.586   1.041   6.428   1.00 11.40 ? 1363 PHE A CA  1 
ATOM   414  C C   . PHE A 1 72  ? 2.909   1.451   7.068   1.00 12.22 ? 1363 PHE A C   1 
ATOM   415  O O   . PHE A 1 72  ? 3.767   1.991   6.353   1.00 12.51 ? 1363 PHE A O   1 
ATOM   416  C CB  . PHE A 1 72  ? 0.624   2.221   6.339   1.00 11.40 ? 1363 PHE A CB  1 
ATOM   417  C CG  . PHE A 1 72  ? -0.414  2.035   5.263   1.00 10.85 ? 1363 PHE A CG  1 
ATOM   418  C CD1 . PHE A 1 72  ? -0.098  2.100   3.922   1.00 10.98 ? 1363 PHE A CD1 1 
ATOM   419  C CD2 . PHE A 1 72  ? -1.727  1.808   5.597   1.00 11.17 ? 1363 PHE A CD2 1 
ATOM   420  C CE1 . PHE A 1 72  ? -1.063  1.925   2.947   1.00 12.57 ? 1363 PHE A CE1 1 
ATOM   421  C CE2 . PHE A 1 72  ? -2.696  1.610   4.625   1.00 11.98 ? 1363 PHE A CE2 1 
ATOM   422  C CZ  . PHE A 1 72  ? -2.350  1.630   3.295   1.00 11.11 ? 1363 PHE A CZ  1 
ATOM   423  N N   . ALA A 1 73  ? 3.093   1.260   8.374   1.00 11.45 ? 1364 ALA A N   1 
ATOM   424  C CA  . ALA A 1 73  ? 4.414   1.567   8.962   1.00 12.96 ? 1364 ALA A CA  1 
ATOM   425  C C   . ALA A 1 73  ? 5.510   0.642   8.419   1.00 12.24 ? 1364 ALA A C   1 
ATOM   426  O O   . ALA A 1 73  ? 6.605   1.088   8.058   1.00 12.48 ? 1364 ALA A O   1 
ATOM   427  C CB  . ALA A 1 73  ? 4.392   1.447   10.474  1.00 13.70 ? 1364 ALA A CB  1 
ATOM   428  N N   . THR A 1 74  ? 5.192   -0.623  8.269   1.00 12.19 ? 1365 THR A N   1 
ATOM   429  C CA  . THR A 1 74  ? 6.110   -1.608  7.657   1.00 12.38 ? 1365 THR A CA  1 
ATOM   430  C C   . THR A 1 74  ? 6.416   -1.211  6.210   1.00 11.20 ? 1365 THR A C   1 
ATOM   431  O O   . THR A 1 74  ? 7.597   -1.203  5.814   1.00 12.43 ? 1365 THR A O   1 
ATOM   432  C CB  . THR A 1 74  ? 5.576   -3.006  7.743   1.00 12.95 ? 1365 THR A CB  1 
ATOM   433  O OG1 . THR A 1 74  ? 5.466   -3.321  9.140   1.00 14.93 ? 1365 THR A OG1 1 
ATOM   434  C CG2 . THR A 1 74  ? 6.451   -4.020  7.050   1.00 12.57 ? 1365 THR A CG2 1 
ATOM   435  N N   . VAL A 1 75  ? 5.405   -0.814  5.459   1.00 10.26 ? 1366 VAL A N   1 
ATOM   436  C CA  . VAL A 1 75  ? 5.653   -0.344  4.054   1.00 11.02 ? 1366 VAL A CA  1 
ATOM   437  C C   . VAL A 1 75  ? 6.592   0.865   4.032   1.00 10.57 ? 1366 VAL A C   1 
ATOM   438  O O   . VAL A 1 75  ? 7.581   0.919   3.247   1.00 11.09 ? 1366 VAL A O   1 
ATOM   439  C CB  . VAL A 1 75  ? 4.333   -0.057  3.297   1.00 11.53 ? 1366 VAL A CB  1 
ATOM   440  C CG1 . VAL A 1 75  ? 4.595   0.548   1.928   1.00 12.62 ? 1366 VAL A CG1 1 
ATOM   441  C CG2 . VAL A 1 75  ? 3.503   -1.318  3.156   1.00 12.96 ? 1366 VAL A CG2 1 
ATOM   442  N N   . ARG A 1 76  ? 6.331   1.888   4.846   1.00 11.15 ? 1367 ARG A N   1 
ATOM   443  C CA  . ARG A 1 76  ? 7.188   3.094   4.895   1.00 13.05 ? 1367 ARG A CA  1 
ATOM   444  C C   . ARG A 1 76  ? 8.626   2.743   5.313   1.00 12.19 ? 1367 ARG A C   1 
ATOM   445  O O   . ARG A 1 76  ? 9.562   3.298   4.717   1.00 12.68 ? 1367 ARG A O   1 
ATOM   446  C CB  . ARG A 1 76  ? 6.570   4.045   5.930   1.00 14.54 ? 1367 ARG A CB  1 
ATOM   447  C CG  . ARG A 1 76  ? 7.274   5.390   6.076   1.00 18.89 ? 1367 ARG A CG  1 
ATOM   448  C CD  . ARG A 1 76  ? 6.497   6.236   7.078   1.00 24.85 ? 1367 ARG A CD  1 
ATOM   449  N NE  . ARG A 1 76  ? 5.676   7.256   6.484   1.00 27.29 ? 1367 ARG A NE  1 
ATOM   450  C CZ  . ARG A 1 76  ? 4.797   8.007   7.154   1.00 27.88 ? 1367 ARG A CZ  1 
ATOM   451  N NH1 . ARG A 1 76  ? 4.493   7.740   8.419   1.00 26.96 ? 1367 ARG A NH1 1 
ATOM   452  N NH2 . ARG A 1 76  ? 4.198   8.996   6.523   1.00 28.36 ? 1367 ARG A NH2 1 
ATOM   453  N N   . GLU A 1 77  ? 8.798   1.883   6.315   1.00 12.02 ? 1368 GLU A N   1 
ATOM   454  C CA  . GLU A 1 77  ? 10.130  1.504   6.790   1.00 13.54 ? 1368 GLU A CA  1 
ATOM   455  C C   . GLU A 1 77  ? 10.866  0.730   5.685   1.00 12.98 ? 1368 GLU A C   1 
ATOM   456  O O   . GLU A 1 77  ? 12.080  0.912   5.517   1.00 13.58 ? 1368 GLU A O   1 
ATOM   457  C CB  . GLU A 1 77  ? 10.027  0.671   8.044   1.00 16.10 ? 1368 GLU A CB  1 
ATOM   458  C CG  . GLU A 1 77  ? 9.596   1.429   9.295   1.00 19.31 ? 1368 GLU A CG  1 
ATOM   459  C CD  . GLU A 1 77  ? 9.092   0.584   10.465  1.00 29.81 ? 1368 GLU A CD  1 
ATOM   460  O OE1 . GLU A 1 77  ? 8.959   -0.680  10.318  1.00 33.20 ? 1368 GLU A OE1 1 
ATOM   461  O OE2 . GLU A 1 77  ? 8.825   1.202   11.536  1.00 39.47 ? 1368 GLU A OE2 1 
ATOM   462  N N   . THR A 1 78  ? 10.199  -0.151  4.961   1.00 11.69 ? 1369 THR A N   1 
ATOM   463  C CA  . THR A 1 78  ? 10.826  -0.936  3.870   1.00 11.11 ? 1369 THR A CA  1 
ATOM   464  C C   . THR A 1 78  ? 11.265  0.004   2.741   1.00 11.92 ? 1369 THR A C   1 
ATOM   465  O O   . THR A 1 78  ? 12.426  -0.112  2.204   1.00 12.21 ? 1369 THR A O   1 
ATOM   466  C CB  . THR A 1 78  ? 9.815   -1.963  3.329   1.00 11.56 ? 1369 THR A CB  1 
ATOM   467  O OG1 . THR A 1 78  ? 9.375   -2.820  4.388   1.00 13.05 ? 1369 THR A OG1 1 
ATOM   468  C CG2 . THR A 1 78  ? 10.386  -2.805  2.211   1.00 12.37 ? 1369 THR A CG2 1 
ATOM   469  N N   . LEU A 1 79  ? 10.410  0.997   2.403   1.00 10.34 ? 1370 LEU A N   1 
ATOM   470  C CA  . LEU A 1 79  ? 10.798  2.047   1.420   1.00 11.12 ? 1370 LEU A CA  1 
ATOM   471  C C   . LEU A 1 79  ? 12.038  2.806   1.882   1.00 12.36 ? 1370 LEU A C   1 
ATOM   472  O O   . LEU A 1 79  ? 13.019  2.994   1.098   1.00 12.20 ? 1370 LEU A O   1 
ATOM   473  C CB  . LEU A 1 79  ? 9.581   2.931   1.173   1.00 11.70 ? 1370 LEU A CB  1 
ATOM   474  C CG  . LEU A 1 79  ? 9.728   3.969   0.048   1.00 12.30 ? 1370 LEU A CG  1 
ATOM   475  C CD1 . LEU A 1 79  ? 9.885   3.296   -1.300  1.00 12.44 ? 1370 LEU A CD1 1 
ATOM   476  C CD2 . LEU A 1 79  ? 8.503   4.879   0.049   1.00 14.11 ? 1370 LEU A CD2 1 
ATOM   477  N N   . GLU A 1 80  ? 12.024  3.311   3.116   1.00 13.33 ? 1371 GLU A N   1 
ATOM   478  C CA  . GLU A 1 80  ? 13.124  4.174   3.622   1.00 15.03 ? 1371 GLU A CA  1 
ATOM   479  C C   . GLU A 1 80  ? 14.406  3.359   3.818   1.00 14.06 ? 1371 GLU A C   1 
ATOM   480  O O   . GLU A 1 80  ? 15.498  3.927   3.673   1.00 15.93 ? 1371 GLU A O   1 
ATOM   481  C CB  . GLU A 1 80  ? 12.654  4.941   4.852   1.00 16.19 ? 1371 GLU A CB  1 
ATOM   482  C CG  . GLU A 1 80  ? 11.895  6.178   4.425   1.00 19.39 ? 1371 GLU A CG  1 
ATOM   483  C CD  . GLU A 1 80  ? 12.498  6.794   3.169   1.00 20.70 ? 1371 GLU A CD  1 
ATOM   484  O OE1 . GLU A 1 80  ? 13.639  7.294   3.284   1.00 21.66 ? 1371 GLU A OE1 1 
ATOM   485  O OE2 . GLU A 1 80  ? 11.834  6.757   2.071   1.00 21.39 ? 1371 GLU A OE2 1 
ATOM   486  N N   . ALA A 1 81  ? 14.301  2.058   4.041   1.00 13.44 ? 1372 ALA A N   1 
ATOM   487  C CA  . ALA A 1 81  ? 15.500  1.178   4.148   1.00 13.85 ? 1372 ALA A CA  1 
ATOM   488  C C   . ALA A 1 81  ? 16.151  0.982   2.772   1.00 14.08 ? 1372 ALA A C   1 
ATOM   489  O O   . ALA A 1 81  ? 17.236  0.364   2.671   1.00 15.36 ? 1372 ALA A O   1 
ATOM   490  C CB  . ALA A 1 81  ? 15.103  -0.141  4.782   1.00 15.33 ? 1372 ALA A CB  1 
ATOM   491  N N   . GLY A 1 82  ? 15.495  1.365   1.661   1.00 13.50 ? 1373 GLY A N   1 
ATOM   492  C CA  . GLY A 1 82  ? 15.977  1.005   0.340   1.00 11.38 ? 1373 GLY A CA  1 
ATOM   493  C C   . GLY A 1 82  ? 15.765  -0.444  0.006   1.00 12.37 ? 1373 GLY A C   1 
ATOM   494  O O   . GLY A 1 82  ? 16.597  -1.074  -0.680  1.00 13.37 ? 1373 GLY A O   1 
ATOM   495  N N   . ASN A 1 83  ? 14.674  -1.073  0.469   1.00 11.60 ? 1374 ASN A N   1 
ATOM   496  C CA  . ASN A 1 83  ? 14.373  -2.505  0.257   1.00 11.83 ? 1374 ASN A CA  1 
ATOM   497  C C   . ASN A 1 83  ? 13.177  -2.758  -0.688  1.00 11.36 ? 1374 ASN A C   1 
ATOM   498  O O   . ASN A 1 83  ? 12.721  -3.921  -0.827  1.00 13.37 ? 1374 ASN A O   1 
ATOM   499  C CB  . ASN A 1 83  ? 14.186  -3.185  1.603   1.00 14.08 ? 1374 ASN A CB  1 
ATOM   500  C CG  . ASN A 1 83  ? 15.443  -3.338  2.449   1.00 15.33 ? 1374 ASN A CG  1 
ATOM   501  O OD1 . ASN A 1 83  ? 15.331  -3.866  3.557   1.00 18.04 ? 1374 ASN A OD1 1 
ATOM   502  N ND2 . ASN A 1 83  ? 16.633  -3.011  1.963   1.00 15.35 ? 1374 ASN A ND2 1 
ATOM   503  N N   . TYR A 1 84  ? 12.730  -1.722  -1.382  1.00 12.03 ? 1375 TYR A N   1 
ATOM   504  C CA  . TYR A 1 84  ? 11.901  -1.866  -2.587  1.00 12.49 ? 1375 TYR A CA  1 
ATOM   505  C C   . TYR A 1 84  ? 12.757  -1.510  -3.806  1.00 12.17 ? 1375 TYR A C   1 
ATOM   506  O O   . TYR A 1 84  ? 13.373  -0.442  -3.808  1.00 13.66 ? 1375 TYR A O   1 
ATOM   507  C CB  . TYR A 1 84  ? 10.641  -0.997  -2.563  1.00 11.84 ? 1375 TYR A CB  1 
ATOM   508  C CG  . TYR A 1 84  ? 9.587   -1.425  -1.578  1.00 11.37 ? 1375 TYR A CG  1 
ATOM   509  C CD1 . TYR A 1 84  ? 9.074   -2.698  -1.539  1.00 11.87 ? 1375 TYR A CD1 1 
ATOM   510  C CD2 . TYR A 1 84  ? 9.048   -0.541  -0.660  1.00 11.28 ? 1375 TYR A CD2 1 
ATOM   511  C CE1 . TYR A 1 84  ? 8.089   -3.083  -0.634  1.00 11.64 ? 1375 TYR A CE1 1 
ATOM   512  C CE2 . TYR A 1 84  ? 8.052   -0.895  0.244   1.00 10.68 ? 1375 TYR A CE2 1 
ATOM   513  C CZ  . TYR A 1 84  ? 7.572   -2.178  0.270   1.00 10.93 ? 1375 TYR A CZ  1 
ATOM   514  O OH  . TYR A 1 84  ? 6.622   -2.484  1.207   1.00 12.29 ? 1375 TYR A OH  1 
ATOM   515  N N   . GLU A 1 85  ? 12.711  -2.365  -4.836  1.00 13.06 ? 1376 GLU A N   1 
ATOM   516  C CA  . GLU A 1 85  ? 13.396  -2.022  -6.126  1.00 14.79 ? 1376 GLU A CA  1 
ATOM   517  C C   . GLU A 1 85  ? 12.460  -1.264  -7.080  1.00 15.18 ? 1376 GLU A C   1 
ATOM   518  O O   . GLU A 1 85  ? 12.953  -0.597  -8.001  1.00 19.41 ? 1376 GLU A O   1 
ATOM   519  C CB  . GLU A 1 85  ? 13.831  -3.314  -6.793  1.00 17.96 ? 1376 GLU A CB  1 
ATOM   520  C CG  . GLU A 1 85  ? 14.606  -3.058  -8.073  1.00 24.82 ? 1376 GLU A CG  1 
ATOM   521  C CD  . GLU A 1 85  ? 15.269  -4.298  -8.623  1.00 27.99 ? 1376 GLU A CD  1 
ATOM   522  O OE1 . GLU A 1 85  ? 14.852  -5.418  -8.201  1.00 38.15 ? 1376 GLU A OE1 1 
ATOM   523  O OE2 . GLU A 1 85  ? 16.304  -4.113  -9.386  1.00 37.85 ? 1376 GLU A OE2 1 
ATOM   524  N N   . SER A 1 86  ? 11.145  -1.378  -6.922  1.00 13.05 ? 1377 SER A N   1 
ATOM   525  C CA  . SER A 1 86  ? 10.169  -0.793  -7.877  1.00 13.16 ? 1377 SER A CA  1 
ATOM   526  C C   . SER A 1 86  ? 8.899   -0.416  -7.150  1.00 11.30 ? 1377 SER A C   1 
ATOM   527  O O   . SER A 1 86  ? 8.602   -0.962  -6.087  1.00 12.45 ? 1377 SER A O   1 
ATOM   528  C CB  . SER A 1 86  ? 9.845   -1.756  -8.985  1.00 13.12 ? 1377 SER A CB  1 
ATOM   529  O OG  . SER A 1 86  ? 9.101   -2.833  -8.484  1.00 14.99 ? 1377 SER A OG  1 
ATOM   530  N N   . PRO A 1 87  ? 8.084   0.493   -7.730  1.00 11.96 ? 1378 PRO A N   1 
ATOM   531  C CA  . PRO A 1 87  ? 6.809   0.810   -7.115  1.00 12.23 ? 1378 PRO A CA  1 
ATOM   532  C C   . PRO A 1 87  ? 5.835   -0.365  -7.184  1.00 12.16 ? 1378 PRO A C   1 
ATOM   533  O O   . PRO A 1 87  ? 4.895   -0.419  -6.408  1.00 12.07 ? 1378 PRO A O   1 
ATOM   534  C CB  . PRO A 1 87  ? 6.262   1.985   -7.943  1.00 12.44 ? 1378 PRO A CB  1 
ATOM   535  C CG  . PRO A 1 87  ? 7.005   1.907   -9.286  1.00 11.56 ? 1378 PRO A CG  1 
ATOM   536  C CD  . PRO A 1 87  ? 8.368   1.344   -8.927  1.00 12.78 ? 1378 PRO A CD  1 
ATOM   537  N N   . MET A 1 88  ? 6.033   -1.291  -8.121  1.00 11.65 ? 1379 MET A N   1 
ATOM   538  C CA  . MET A 1 88  ? 5.203   -2.512  -8.209  1.00 11.90 ? 1379 MET A CA  1 
ATOM   539  C C   . MET A 1 88  ? 5.329   -3.336  -6.919  1.00 10.69 ? 1379 MET A C   1 
ATOM   540  O O   . MET A 1 88  ? 4.345   -3.911  -6.438  1.00 11.28 ? 1379 MET A O   1 
ATOM   541  C CB  . MET A 1 88  ? 5.513   -3.406  -9.419  1.00 12.62 ? 1379 MET A CB  1 
ATOM   542  C CG  . MET A 1 88  ? 5.219   -2.717  -10.766 1.00 13.25 ? 1379 MET A CG  1 
ATOM   543  S SD  . MET A 1 88  ? 6.534   -1.605  -11.388 1.00 15.49 ? 1379 MET A SD  1 
ATOM   544  C CE  . MET A 1 88  ? 7.607   -2.880  -12.083 1.00 18.20 ? 1379 MET A CE  1 
ATOM   545  N N   . GLU A 1 89  ? 6.527   -3.449  -6.357  1.00 11.21 ? 1380 GLU A N   1 
ATOM   546  C CA  . GLU A 1 89  ? 6.724   -4.232  -5.121  1.00 11.80 ? 1380 GLU A CA  1 
ATOM   547  C C   . GLU A 1 89  ? 6.007   -3.502  -3.963  1.00 11.29 ? 1380 GLU A C   1 
ATOM   548  O O   . GLU A 1 89  ? 5.392   -4.159  -3.109  1.00 11.53 ? 1380 GLU A O   1 
ATOM   549  C CB  . GLU A 1 89  ? 8.209   -4.335  -4.779  1.00 13.22 ? 1380 GLU A CB  1 
ATOM   550  C CG  . GLU A 1 89  ? 8.989   -5.202  -5.746  1.00 13.83 ? 1380 GLU A CG  1 
ATOM   551  C CD  . GLU A 1 89  ? 10.471  -5.273  -5.397  1.00 16.73 ? 1380 GLU A CD  1 
ATOM   552  O OE1 . GLU A 1 89  ? 10.905  -4.545  -4.550  1.00 15.79 ? 1380 GLU A OE1 1 
ATOM   553  O OE2 . GLU A 1 89  ? 11.166  -6.139  -6.011  1.00 20.54 ? 1380 GLU A OE2 1 
ATOM   554  N N   . LEU A 1 90  ? 6.108   -2.169  -3.856  1.00 10.24 ? 1381 LEU A N   1 
ATOM   555  C CA  . LEU A 1 90  ? 5.387   -1.410  -2.816  1.00 11.11 ? 1381 LEU A CA  1 
ATOM   556  C C   . LEU A 1 90  ? 3.875   -1.640  -2.966  1.00 11.89 ? 1381 LEU A C   1 
ATOM   557  O O   . LEU A 1 90  ? 3.167   -1.838  -1.955  1.00 10.92 ? 1381 LEU A O   1 
ATOM   558  C CB  . LEU A 1 90  ? 5.733   0.078   -2.914  1.00 11.44 ? 1381 LEU A CB  1 
ATOM   559  C CG  . LEU A 1 90  ? 5.052   1.006   -1.888  1.00 12.13 ? 1381 LEU A CG  1 
ATOM   560  C CD1 . LEU A 1 90  ? 6.010   2.072   -1.402  1.00 12.19 ? 1381 LEU A CD1 1 
ATOM   561  C CD2 . LEU A 1 90  ? 3.783   1.646   -2.448  1.00 11.63 ? 1381 LEU A CD2 1 
ATOM   562  N N   A CYS A 1 91  ? 3.372   -1.590  -4.201  0.35 11.66 ? 1382 CYS A N   1 
ATOM   563  N N   B CYS A 1 91  ? 3.356   -1.584  -4.194  0.15 11.49 ? 1382 CYS A N   1 
ATOM   564  C CA  A CYS A 1 91  ? 1.938   -1.719  -4.506  0.35 12.64 ? 1382 CYS A CA  1 
ATOM   565  C CA  B CYS A 1 91  ? 1.916   -1.795  -4.470  0.15 11.89 ? 1382 CYS A CA  1 
ATOM   566  C C   A CYS A 1 91  ? 1.481   -3.129  -4.056  0.35 12.07 ? 1382 CYS A C   1 
ATOM   567  C C   B CYS A 1 91  ? 1.484   -3.162  -3.967  0.15 11.80 ? 1382 CYS A C   1 
ATOM   568  O O   A CYS A 1 91  ? 0.374   -3.260  -3.495  0.35 13.06 ? 1382 CYS A O   1 
ATOM   569  O O   B CYS A 1 91  ? 0.390   -3.284  -3.376  0.15 12.34 ? 1382 CYS A O   1 
ATOM   570  C CB  A CYS A 1 91  ? 1.702   -1.393  -5.984  0.35 14.05 ? 1382 CYS A CB  1 
ATOM   571  C CB  B CYS A 1 91  ? 1.609   -1.774  -5.955  0.15 12.18 ? 1382 CYS A CB  1 
ATOM   572  S SG  A CYS A 1 91  ? -0.043  -1.327  -6.460  0.35 14.84 ? 1382 CYS A SG  1 
ATOM   573  S SG  B CYS A 1 91  ? 1.612   -0.081  -6.563  0.15 11.75 ? 1382 CYS A SG  1 
ATOM   574  N N   . LYS A 1 92  ? 2.291   -4.171  -4.266  1.00 12.13 ? 1383 LYS A N   1 
ATOM   575  C CA  . LYS A 1 92  ? 1.911   -5.522  -3.859  1.00 12.40 ? 1383 LYS A CA  1 
ATOM   576  C C   . LYS A 1 92  ? 1.691   -5.524  -2.326  1.00 11.42 ? 1383 LYS A C   1 
ATOM   577  O O   . LYS A 1 92  ? 0.768   -6.107  -1.808  1.00 13.06 ? 1383 LYS A O   1 
ATOM   578  C CB  . LYS A 1 92  ? 2.966   -6.523  -4.342  1.00 15.33 ? 1383 LYS A CB  1 
ATOM   579  C CG  . LYS A 1 92  ? 2.647   -7.939  -3.965  1.00 17.69 ? 1383 LYS A CG  1 
ATOM   580  C CD  . LYS A 1 92  ? 3.635   -8.896  -4.605  1.00 22.60 ? 1383 LYS A CD  1 
ATOM   581  C CE  . LYS A 1 92  ? 3.495   -10.327 -4.131  1.00 30.12 ? 1383 LYS A CE  1 
ATOM   582  N NZ  . LYS A 1 92  ? 4.581   -11.206 -4.659  1.00 35.29 ? 1383 LYS A NZ  1 
ATOM   583  N N   . ASP A 1 93  ? 2.601   -4.943  -1.554  1.00 11.28 ? 1384 ASP A N   1 
ATOM   584  C CA  . ASP A 1 93  ? 2.496   -4.921  -0.073  1.00 11.89 ? 1384 ASP A CA  1 
ATOM   585  C C   . ASP A 1 93  ? 1.291   -4.075  0.383   1.00 10.80 ? 1384 ASP A C   1 
ATOM   586  O O   . ASP A 1 93  ? 0.552   -4.483  1.280   1.00 10.78 ? 1384 ASP A O   1 
ATOM   587  C CB  . ASP A 1 93  ? 3.761   -4.420  0.588   1.00 11.75 ? 1384 ASP A CB  1 
ATOM   588  C CG  . ASP A 1 93  ? 4.863   -5.466  0.717   1.00 14.52 ? 1384 ASP A CG  1 
ATOM   589  O OD1 . ASP A 1 93  ? 4.602   -6.670  0.393   1.00 19.86 ? 1384 ASP A OD1 1 
ATOM   590  O OD2 . ASP A 1 93  ? 6.005   -5.073  1.073   1.00 14.71 ? 1384 ASP A OD2 1 
ATOM   591  N N   . VAL A 1 94  ? 1.014   -2.946  -0.259  1.00 10.11 ? 1385 VAL A N   1 
ATOM   592  C CA  . VAL A 1 94  ? -0.160  -2.135  0.118   1.00 10.11 ? 1385 VAL A CA  1 
ATOM   593  C C   . VAL A 1 94  ? -1.440  -2.917  -0.177  1.00 10.96 ? 1385 VAL A C   1 
ATOM   594  O O   . VAL A 1 94  ? -2.366  -2.997  0.645   1.00 11.03 ? 1385 VAL A O   1 
ATOM   595  C CB  . VAL A 1 94  ? -0.178  -0.767  -0.574  1.00 10.18 ? 1385 VAL A CB  1 
ATOM   596  C CG1 . VAL A 1 94  ? -1.528  -0.081  -0.372  1.00 10.92 ? 1385 VAL A CG1 1 
ATOM   597  C CG2 . VAL A 1 94  ? 0.951   0.122   -0.061  1.00 10.44 ? 1385 VAL A CG2 1 
ATOM   598  N N   . ARG A 1 95  ? -1.495  -3.593  -1.329  1.00 10.61 ? 1386 ARG A N   1 
ATOM   599  C CA  . ARG A 1 95  ? -2.681  -4.392  -1.693  1.00 11.02 ? 1386 ARG A CA  1 
ATOM   600  C C   . ARG A 1 95  ? -2.882  -5.553  -0.705  1.00 10.30 ? 1386 ARG A C   1 
ATOM   601  O O   . ARG A 1 95  ? -4.042  -5.943  -0.441  1.00 11.56 ? 1386 ARG A O   1 
ATOM   602  C CB  . ARG A 1 95  ? -2.596  -4.828  -3.157  1.00 11.71 ? 1386 ARG A CB  1 
ATOM   603  C CG  . ARG A 1 95  ? -2.796  -3.666  -4.120  1.00 11.98 ? 1386 ARG A CG  1 
ATOM   604  C CD  . ARG A 1 95  ? -2.481  -4.070  -5.554  1.00 15.48 ? 1386 ARG A CD  1 
ATOM   605  N NE  . ARG A 1 95  ? -2.793  -2.979  -6.442  1.00 16.42 ? 1386 ARG A NE  1 
ATOM   606  C CZ  . ARG A 1 95  ? -2.524  -2.974  -7.750  1.00 20.97 ? 1386 ARG A CZ  1 
ATOM   607  N NH1 . ARG A 1 95  ? -1.827  -3.968  -8.302  1.00 22.28 ? 1386 ARG A NH1 1 
ATOM   608  N NH2 . ARG A 1 95  ? -2.882  -1.919  -8.480  1.00 23.91 ? 1386 ARG A NH2 1 
ATOM   609  N N   . LEU A 1 96  ? -1.803  -6.063  -0.119  1.00 10.15 ? 1387 LEU A N   1 
ATOM   610  C CA  . LEU A 1 96  ? -1.874  -7.127  0.921   1.00 10.69 ? 1387 LEU A CA  1 
ATOM   611  C C   . LEU A 1 96  ? -2.535  -6.580  2.207   1.00 10.56 ? 1387 LEU A C   1 
ATOM   612  O O   . LEU A 1 96  ? -3.298  -7.288  2.869   1.00 11.18 ? 1387 LEU A O   1 
ATOM   613  C CB  . LEU A 1 96  ? -0.462  -7.633  1.206   1.00 12.55 ? 1387 LEU A CB  1 
ATOM   614  C CG  . LEU A 1 96  ? -0.311  -8.735  2.245   1.00 13.69 ? 1387 LEU A CG  1 
ATOM   615  C CD1 . LEU A 1 96  ? -1.085  -9.968  1.854   1.00 14.75 ? 1387 LEU A CD1 1 
ATOM   616  C CD2 . LEU A 1 96  ? 1.154   -9.076  2.425   1.00 14.42 ? 1387 LEU A CD2 1 
ATOM   617  N N   . ILE A 1 97  ? -2.295  -5.311  2.572   1.00 10.89 ? 1388 ILE A N   1 
ATOM   618  C CA  . ILE A 1 97  ? -3.026  -4.689  3.728   1.00 10.83 ? 1388 ILE A CA  1 
ATOM   619  C C   . ILE A 1 97  ? -4.526  -4.850  3.481   1.00 10.38 ? 1388 ILE A C   1 
ATOM   620  O O   . ILE A 1 97  ? -5.271  -5.243  4.368   1.00 11.12 ? 1388 ILE A O   1 
ATOM   621  C CB  . ILE A 1 97  ? -2.650  -3.209  3.925   1.00 11.30 ? 1388 ILE A CB  1 
ATOM   622  C CG1 . ILE A 1 97  ? -1.145  -3.092  4.233   1.00 10.25 ? 1388 ILE A CG1 1 
ATOM   623  C CG2 . ILE A 1 97  ? -3.489  -2.538  5.004   1.00 11.96 ? 1388 ILE A CG2 1 
ATOM   624  C CD1 . ILE A 1 97  ? -0.598  -1.663  4.177   1.00 11.05 ? 1388 ILE A CD1 1 
ATOM   625  N N   . PHE A 1 98  ? -4.971  -4.550  2.272   1.00 10.67 ? 1389 PHE A N   1 
ATOM   626  C CA  . PHE A 1 98  ? -6.408  -4.524  1.947   1.00 11.30 ? 1389 PHE A CA  1 
ATOM   627  C C   . PHE A 1 98  ? -6.954  -5.944  1.819   1.00 10.46 ? 1389 PHE A C   1 
ATOM   628  O O   . PHE A 1 98  ? -8.068  -6.203  2.314   1.00 10.80 ? 1389 PHE A O   1 
ATOM   629  C CB  . PHE A 1 98  ? -6.656  -3.651  0.720   1.00 11.97 ? 1389 PHE A CB  1 
ATOM   630  C CG  . PHE A 1 98  ? -6.218  -2.233  0.865   1.00 12.66 ? 1389 PHE A CG  1 
ATOM   631  C CD1 . PHE A 1 98  ? -6.510  -1.485  1.997   1.00 14.03 ? 1389 PHE A CD1 1 
ATOM   632  C CD2 . PHE A 1 98  ? -5.509  -1.600  -0.157  1.00 12.47 ? 1389 PHE A CD2 1 
ATOM   633  C CE1 . PHE A 1 98  ? -6.094  -0.148  2.119   1.00 16.32 ? 1389 PHE A CE1 1 
ATOM   634  C CE2 . PHE A 1 98  ? -5.064  -0.287  0.014   1.00 13.74 ? 1389 PHE A CE2 1 
ATOM   635  C CZ  . PHE A 1 98  ? -5.371  0.397   1.114   1.00 15.40 ? 1389 PHE A CZ  1 
ATOM   636  N N   . SER A 1 99  ? -6.213  -6.867  1.196   1.00 10.77 ? 1390 SER A N   1 
ATOM   637  C CA  . SER A 1 99  ? -6.696  -8.267  1.089   1.00 11.41 ? 1390 SER A CA  1 
ATOM   638  C C   . SER A 1 99  ? -6.732  -8.912  2.448   1.00 11.55 ? 1390 SER A C   1 
ATOM   639  O O   . SER A 1 99  ? -7.662  -9.741  2.717   1.00 12.20 ? 1390 SER A O   1 
ATOM   640  C CB  . SER A 1 99  ? -5.891  -9.046  0.076   1.00 13.13 ? 1390 SER A CB  1 
ATOM   641  O OG  . SER A 1 99  ? -4.555  -9.163  0.451   1.00 13.51 ? 1390 SER A OG  1 
ATOM   642  N N   . ASN A 1 100 ? -5.825  -8.571  3.365   1.00 11.16 ? 1391 ASN A N   1 
ATOM   643  C CA  . ASN A 1 100 ? -5.868  -9.116  4.745   1.00 11.19 ? 1391 ASN A CA  1 
ATOM   644  C C   . ASN A 1 100 ? -7.139  -8.606  5.445   1.00 11.25 ? 1391 ASN A C   1 
ATOM   645  O O   . ASN A 1 100 ? -7.861  -9.416  6.140   1.00 12.03 ? 1391 ASN A O   1 
ATOM   646  C CB  . ASN A 1 100 ? -4.655  -8.757  5.553   1.00 12.13 ? 1391 ASN A CB  1 
ATOM   647  C CG  . ASN A 1 100 ? -3.402  -9.490  5.118   1.00 12.11 ? 1391 ASN A CG  1 
ATOM   648  O OD1 . ASN A 1 100 ? -3.419  -10.500 4.432   1.00 13.18 ? 1391 ASN A OD1 1 
ATOM   649  N ND2 . ASN A 1 100 ? -2.295  -9.061  5.668   1.00 12.36 ? 1391 ASN A ND2 1 
ATOM   650  N N   . SER A 1 101 ? -7.476  -7.332  5.298   1.00 11.05 ? 1392 SER A N   1 
ATOM   651  C CA  . SER A 1 101 ? -8.716  -6.815  5.914   1.00 11.90 ? 1392 SER A CA  1 
ATOM   652  C C   . SER A 1 101 ? -9.938  -7.561  5.362   1.00 11.58 ? 1392 SER A C   1 
ATOM   653  O O   . SER A 1 101 ? -10.851 -7.974  6.133   1.00 13.12 ? 1392 SER A O   1 
ATOM   654  C CB  . SER A 1 101 ? -8.812  -5.316  5.757   1.00 11.67 ? 1392 SER A CB  1 
ATOM   655  O OG  . SER A 1 101 ? -9.979  -4.812  6.410   1.00 13.63 ? 1392 SER A OG  1 
ATOM   656  N N   . LYS A 1 102 ? -10.043 -7.771  4.065   1.00 12.38 ? 1393 LYS A N   1 
ATOM   657  C CA  . LYS A 1 102 ? -11.180 -8.518  3.450   1.00 12.74 ? 1393 LYS A CA  1 
ATOM   658  C C   . LYS A 1 102 ? -11.245 -9.967  3.918   1.00 13.98 ? 1393 LYS A C   1 
ATOM   659  O O   . LYS A 1 102 ? -12.332 -10.469 4.181   1.00 15.35 ? 1393 LYS A O   1 
ATOM   660  C CB  . LYS A 1 102 ? -11.009 -8.507  1.927   1.00 12.86 ? 1393 LYS A CB  1 
ATOM   661  C CG  . LYS A 1 102 ? -12.213 -9.049  1.135   1.00 14.14 ? 1393 LYS A CG  1 
ATOM   662  C CD  . LYS A 1 102 ? -12.105 -8.805  -0.317  1.00 15.60 ? 1393 LYS A CD  1 
ATOM   663  C CE  . LYS A 1 102 ? -13.362 -9.220  -1.074  1.00 18.86 ? 1393 LYS A CE  1 
ATOM   664  N NZ  . LYS A 1 102 ? -13.167 -8.951  -2.521  1.00 21.17 ? 1393 LYS A NZ  1 
ATOM   665  N N   . ALA A 1 103 ? -10.105 -10.585 4.132   1.00 13.73 ? 1394 ALA A N   1 
ATOM   666  C CA  . ALA A 1 103 ? -10.087 -11.989 4.584   1.00 14.58 ? 1394 ALA A CA  1 
ATOM   667  C C   . ALA A 1 103 ? -10.471 -12.094 6.064   1.00 14.83 ? 1394 ALA A C   1 
ATOM   668  O O   . ALA A 1 103 ? -11.109 -13.094 6.457   1.00 16.18 ? 1394 ALA A O   1 
ATOM   669  C CB  . ALA A 1 103 ? -8.698  -12.571 4.371   1.00 14.79 ? 1394 ALA A CB  1 
ATOM   670  N N   . TYR A 1 104 ? -10.109 -11.116 6.889   1.00 13.96 ? 1395 TYR A N   1 
ATOM   671  C CA  . TYR A 1 104 ? -10.345 -11.211 8.355   1.00 15.01 ? 1395 TYR A CA  1 
ATOM   672  C C   . TYR A 1 104 ? -11.769 -10.780 8.700   1.00 15.01 ? 1395 TYR A C   1 
ATOM   673  O O   . TYR A 1 104 ? -12.292 -11.249 9.701   1.00 14.86 ? 1395 TYR A O   1 
ATOM   674  C CB  . TYR A 1 104 ? -9.349  -10.401 9.187   1.00 15.72 ? 1395 TYR A CB  1 
ATOM   675  C CG  . TYR A 1 104 ? -9.493  -10.714 10.654  1.00 16.69 ? 1395 TYR A CG  1 
ATOM   676  C CD1 . TYR A 1 104 ? -9.129  -11.948 11.165  1.00 17.05 ? 1395 TYR A CD1 1 
ATOM   677  C CD2 . TYR A 1 104 ? -10.078 -9.801  11.518  1.00 18.78 ? 1395 TYR A CD2 1 
ATOM   678  C CE1 . TYR A 1 104 ? -9.329  -12.270 12.498  1.00 17.08 ? 1395 TYR A CE1 1 
ATOM   679  C CE2 . TYR A 1 104 ? -10.263 -10.092 12.859  1.00 18.88 ? 1395 TYR A CE2 1 
ATOM   680  C CZ  . TYR A 1 104 ? -9.900  -11.336 13.341  1.00 18.37 ? 1395 TYR A CZ  1 
ATOM   681  O OH  . TYR A 1 104 ? -10.089 -11.639 14.658  1.00 19.03 ? 1395 TYR A OH  1 
ATOM   682  N N   . THR A 1 105 ? -12.402 -9.923  7.904   1.00 14.47 ? 1396 THR A N   1 
ATOM   683  C CA  . THR A 1 105 ? -13.703 -9.341  8.253   1.00 14.56 ? 1396 THR A CA  1 
ATOM   684  C C   . THR A 1 105 ? -14.824 -10.386 8.376   1.00 16.89 ? 1396 THR A C   1 
ATOM   685  O O   . THR A 1 105 ? -14.912 -11.308 7.565   1.00 16.60 ? 1396 THR A O   1 
ATOM   686  C CB  . THR A 1 105 ? -14.103 -8.225  7.312   1.00 13.75 ? 1396 THR A CB  1 
ATOM   687  O OG1 . THR A 1 105 ? -15.173 -7.534  7.956   1.00 15.66 ? 1396 THR A OG1 1 
ATOM   688  C CG2 . THR A 1 105 ? -14.593 -8.702  5.968   1.00 14.17 ? 1396 THR A CG2 1 
ATOM   689  N N   . PRO A 1 106 ? -15.631 -10.343 9.457   1.00 17.79 ? 1397 PRO A N   1 
ATOM   690  C CA  . PRO A 1 106 ? -16.725 -11.310 9.594   1.00 18.38 ? 1397 PRO A CA  1 
ATOM   691  C C   . PRO A 1 106 ? -17.926 -10.919 8.733   1.00 21.13 ? 1397 PRO A C   1 
ATOM   692  O O   . PRO A 1 106 ? -18.862 -11.717 8.589   1.00 19.23 ? 1397 PRO A O   1 
ATOM   693  C CB  . PRO A 1 106 ? -17.018 -11.260 11.108  1.00 20.68 ? 1397 PRO A CB  1 
ATOM   694  C CG  . PRO A 1 106 ? -16.649 -9.852  11.534  1.00 21.40 ? 1397 PRO A CG  1 
ATOM   695  C CD  . PRO A 1 106 ? -15.463 -9.493  10.640  1.00 17.80 ? 1397 PRO A CD  1 
ATOM   696  N N   . SER A 1 107 ? -17.957 -9.672  8.244   1.00 17.76 ? 1398 SER A N   1 
ATOM   697  C CA  . SER A 1 107 ? -19.057 -9.103  7.457   1.00 18.05 ? 1398 SER A CA  1 
ATOM   698  C C   . SER A 1 107 ? -18.548 -8.056  6.454   1.00 17.88 ? 1398 SER A C   1 
ATOM   699  O O   . SER A 1 107 ? -17.565 -7.317  6.746   1.00 17.30 ? 1398 SER A O   1 
ATOM   700  C CB  . SER A 1 107 ? -20.022 -8.503  8.439   1.00 21.75 ? 1398 SER A CB  1 
ATOM   701  O OG  . SER A 1 107 ? -20.855 -7.650  7.742   1.00 24.29 ? 1398 SER A OG  1 
ATOM   702  N N   . LYS A 1 108 ? -19.241 -7.858  5.343   1.00 19.77 ? 1399 LYS A N   1 
ATOM   703  C CA  . LYS A 1 108 ? -18.821 -6.868  4.349   1.00 21.82 ? 1399 LYS A CA  1 
ATOM   704  C C   . LYS A 1 108 ? -19.240 -5.460  4.793   1.00 23.89 ? 1399 LYS A C   1 
ATOM   705  O O   . LYS A 1 108 ? -18.834 -4.508  4.108   1.00 22.58 ? 1399 LYS A O   1 
ATOM   706  C CB  . LYS A 1 108 ? -19.226 -7.360  2.955   1.00 28.21 ? 1399 LYS A CB  1 
ATOM   707  C CG  . LYS A 1 108 ? -18.421 -8.597  2.526   1.00 32.40 ? 1399 LYS A CG  1 
ATOM   708  C CD  . LYS A 1 108 ? -18.386 -8.872  1.044   1.00 38.88 ? 1399 LYS A CD  1 
ATOM   709  C CE  . LYS A 1 108 ? -17.402 -9.953  0.649   1.00 39.86 ? 1399 LYS A CE  1 
ATOM   710  N NZ  . LYS A 1 108 ? -17.295 -10.040 -0.827  1.00 43.75 ? 1399 LYS A NZ  1 
ATOM   711  N N   . ARG A 1 109 ? -20.026 -5.268  5.850   1.00 22.97 ? 1400 ARG A N   1 
ATOM   712  C CA  . ARG A 1 109 ? -20.414 -3.870  6.205   1.00 23.76 ? 1400 ARG A CA  1 
ATOM   713  C C   . ARG A 1 109 ? -19.646 -3.417  7.450   1.00 21.17 ? 1400 ARG A C   1 
ATOM   714  O O   . ARG A 1 109 ? -19.946 -2.319  7.950   1.00 21.68 ? 1400 ARG A O   1 
ATOM   715  C CB  . ARG A 1 109 ? -21.935 -3.718  6.342   1.00 26.44 ? 1400 ARG A CB  1 
ATOM   716  C CG  . ARG A 1 109 ? -22.579 -4.564  7.430   1.00 27.50 ? 1400 ARG A CG  1 
ATOM   717  C CD  . ARG A 1 109 ? -24.096 -4.592  7.328   1.00 30.67 ? 1400 ARG A CD  1 
ATOM   718  N NE  . ARG A 1 109 ? -24.742 -3.643  8.232   1.00 32.50 ? 1400 ARG A NE  1 
ATOM   719  C CZ  . ARG A 1 109 ? -25.761 -2.847  7.918   1.00 34.15 ? 1400 ARG A CZ  1 
ATOM   720  N NH1 . ARG A 1 109 ? -26.286 -2.852  6.700   1.00 35.78 ? 1400 ARG A NH1 1 
ATOM   721  N NH2 . ARG A 1 109 ? -26.252 -2.028  8.834   1.00 33.67 ? 1400 ARG A NH2 1 
ATOM   722  N N   . SER A 1 110 ? -18.680 -4.204  7.927   1.00 19.16 ? 1401 SER A N   1 
ATOM   723  C CA  . SER A 1 110 ? -17.922 -3.917  9.168   1.00 16.15 ? 1401 SER A CA  1 
ATOM   724  C C   . SER A 1 110 ? -17.202 -2.569  9.054   1.00 14.85 ? 1401 SER A C   1 
ATOM   725  O O   . SER A 1 110 ? -16.873 -2.139  7.937   1.00 13.72 ? 1401 SER A O   1 
ATOM   726  C CB  . SER A 1 110 ? -16.972 -5.020  9.522   1.00 16.42 ? 1401 SER A CB  1 
ATOM   727  O OG  . SER A 1 110 ? -15.653 -4.763  9.048   1.00 19.76 ? 1401 SER A OG  1 
ATOM   728  N N   . ARG A 1 111 ? -17.002 -1.904  10.189  1.00 15.03 ? 1402 ARG A N   1 
ATOM   729  C CA  . ARG A 1 111 ? -16.357 -0.573  10.249  1.00 15.47 ? 1402 ARG A CA  1 
ATOM   730  C C   . ARG A 1 111 ? -14.932 -0.650  9.683   1.00 14.78 ? 1402 ARG A C   1 
ATOM   731  O O   . ARG A 1 111 ? -14.630 0.096   8.735   1.00 14.45 ? 1402 ARG A O   1 
ATOM   732  C CB  . ARG A 1 111 ? -16.318 -0.088  11.698  1.00 16.15 ? 1402 ARG A CB  1 
ATOM   733  C CG  . ARG A 1 111 ? -15.568 1.220   11.896  1.00 16.80 ? 1402 ARG A CG  1 
ATOM   734  C CD  . ARG A 1 111 ? -16.413 2.424   11.527  1.00 18.30 ? 1402 ARG A CD  1 
ATOM   735  N NE  . ARG A 1 111 ? -15.644 3.639   11.280  1.00 20.58 ? 1402 ARG A NE  1 
ATOM   736  C CZ  . ARG A 1 111 ? -15.294 4.548   12.189  1.00 19.79 ? 1402 ARG A CZ  1 
ATOM   737  N NH1 . ARG A 1 111 ? -15.627 4.418   13.458  1.00 20.48 ? 1402 ARG A NH1 1 
ATOM   738  N NH2 . ARG A 1 111 ? -14.582 5.601   11.819  1.00 21.46 ? 1402 ARG A NH2 1 
ATOM   739  N N   . ILE A 1 112 ? -14.059 -1.460  10.274  1.00 13.53 ? 1403 ILE A N   1 
ATOM   740  C CA  . ILE A 1 112 ? -12.622 -1.492  9.854   1.00 13.64 ? 1403 ILE A CA  1 
ATOM   741  C C   . ILE A 1 112 ? -12.533 -1.961  8.390   1.00 13.44 ? 1403 ILE A C   1 
ATOM   742  O O   . ILE A 1 112 ? -11.727 -1.382  7.626   1.00 12.23 ? 1403 ILE A O   1 
ATOM   743  C CB  . ILE A 1 112 ? -11.741 -2.292  10.834  1.00 13.34 ? 1403 ILE A CB  1 
ATOM   744  C CG1 . ILE A 1 112 ? -11.666 -1.575  12.188  1.00 14.36 ? 1403 ILE A CG1 1 
ATOM   745  C CG2 . ILE A 1 112 ? -10.337 -2.510  10.266  1.00 14.01 ? 1403 ILE A CG2 1 
ATOM   746  C CD1 . ILE A 1 112 ? -11.057 -2.391  13.308  1.00 15.00 ? 1403 ILE A CD1 1 
ATOM   747  N N   . TYR A 1 113 ? -13.351 -2.904  7.931   1.00 13.28 ? 1404 TYR A N   1 
ATOM   748  C CA  . TYR A 1 113 ? -13.324 -3.313  6.501   1.00 13.14 ? 1404 TYR A CA  1 
ATOM   749  C C   . TYR A 1 113 ? -13.792 -2.143  5.637   1.00 13.34 ? 1404 TYR A C   1 
ATOM   750  O O   . TYR A 1 113 ? -13.217 -1.933  4.570   1.00 13.13 ? 1404 TYR A O   1 
ATOM   751  C CB  . TYR A 1 113 ? -14.174 -4.560  6.261   1.00 14.05 ? 1404 TYR A CB  1 
ATOM   752  C CG  . TYR A 1 113 ? -14.245 -5.004  4.818   1.00 13.50 ? 1404 TYR A CG  1 
ATOM   753  C CD1 . TYR A 1 113 ? -13.098 -5.268  4.088   1.00 14.87 ? 1404 TYR A CD1 1 
ATOM   754  C CD2 . TYR A 1 113 ? -15.461 -5.150  4.169   1.00 14.42 ? 1404 TYR A CD2 1 
ATOM   755  C CE1 . TYR A 1 113 ? -13.151 -5.690  2.766   1.00 15.46 ? 1404 TYR A CE1 1 
ATOM   756  C CE2 . TYR A 1 113 ? -15.532 -5.578  2.856   1.00 15.69 ? 1404 TYR A CE2 1 
ATOM   757  C CZ  . TYR A 1 113 ? -14.379 -5.835  2.147   1.00 16.03 ? 1404 TYR A CZ  1 
ATOM   758  O OH  . TYR A 1 113 ? -14.462 -6.252  0.842   1.00 16.55 ? 1404 TYR A OH  1 
ATOM   759  N N   A SER A 1 114 ? -14.840 -1.426  6.064   0.31 13.26 ? 1405 SER A N   1 
ATOM   760  N N   B SER A 1 114 ? -14.831 -1.426  6.035   0.31 13.37 ? 1405 SER A N   1 
ATOM   761  C CA  A SER A 1 114 ? -15.385 -0.237  5.345   0.31 14.02 ? 1405 SER A CA  1 
ATOM   762  C CA  B SER A 1 114 ? -15.349 -0.268  5.253   0.31 14.34 ? 1405 SER A CA  1 
ATOM   763  C C   A SER A 1 114 ? -14.286 0.817   5.122   0.31 13.13 ? 1405 SER A C   1 
ATOM   764  C C   B SER A 1 114 ? -14.281 0.832   5.102   0.31 13.24 ? 1405 SER A C   1 
ATOM   765  O O   A SER A 1 114 ? -14.220 1.407   4.019   0.31 12.13 ? 1405 SER A O   1 
ATOM   766  O O   B SER A 1 114 ? -14.216 1.460   4.020   0.31 12.26 ? 1405 SER A O   1 
ATOM   767  C CB  A SER A 1 114 ? -16.612 0.373   6.006   0.31 15.29 ? 1405 SER A CB  1 
ATOM   768  C CB  B SER A 1 114 ? -16.647 0.264   5.799   0.31 15.29 ? 1405 SER A CB  1 
ATOM   769  O OG  A SER A 1 114 ? -16.271 1.218   7.094   0.31 15.83 ? 1405 SER A OG  1 
ATOM   770  O OG  B SER A 1 114 ? -17.709 -0.602  5.421   0.31 16.01 ? 1405 SER A OG  1 
ATOM   771  N N   . MET A 1 115 ? -13.504 1.098   6.158   1.00 12.97 ? 1406 MET A N   1 
ATOM   772  C CA  . MET A 1 115 ? -12.366 2.045   6.110   1.00 12.91 ? 1406 MET A CA  1 
ATOM   773  C C   . MET A 1 115 ? -11.365 1.530   5.064   1.00 12.08 ? 1406 MET A C   1 
ATOM   774  O O   . MET A 1 115 ? -10.813 2.356   4.303   1.00 11.52 ? 1406 MET A O   1 
ATOM   775  C CB  . MET A 1 115 ? -11.728 2.151   7.496   1.00 13.51 ? 1406 MET A CB  1 
ATOM   776  C CG  . MET A 1 115 ? -12.600 2.916   8.494   1.00 13.73 ? 1406 MET A CG  1 
ATOM   777  S SD  . MET A 1 115 ? -12.095 2.657   10.218  1.00 15.44 ? 1406 MET A SD  1 
ATOM   778  C CE  . MET A 1 115 ? -11.054 4.089   10.483  1.00 16.75 ? 1406 MET A CE  1 
ATOM   779  N N   . SER A 1 116 ? -11.141 0.211   5.011   1.00 11.93 ? 1407 SER A N   1 
ATOM   780  C CA  . SER A 1 116 ? -10.205 -0.407  4.035   1.00 12.34 ? 1407 SER A CA  1 
ATOM   781  C C   . SER A 1 116 ? -10.643 -0.087  2.601   1.00 12.19 ? 1407 SER A C   1 
ATOM   782  O O   . SER A 1 116 ? -9.787  0.240   1.787   1.00 12.56 ? 1407 SER A O   1 
ATOM   783  C CB  . SER A 1 116 ? -10.033 -1.901  4.249   1.00 13.15 ? 1407 SER A CB  1 
ATOM   784  O OG  . SER A 1 116 ? -10.934 -2.675  3.479   1.00 12.81 ? 1407 SER A OG  1 
ATOM   785  N N   . LEU A 1 117 ? -11.928 -0.220  2.279   1.00 12.55 ? 1408 LEU A N   1 
ATOM   786  C CA  . LEU A 1 117 ? -12.423 -0.029  0.907   1.00 13.03 ? 1408 LEU A CA  1 
ATOM   787  C C   . LEU A 1 117 ? -12.238 1.415   0.471   1.00 12.55 ? 1408 LEU A C   1 
ATOM   788  O O   . LEU A 1 117 ? -11.839 1.645   -0.708  1.00 13.56 ? 1408 LEU A O   1 
ATOM   789  C CB  . LEU A 1 117 ? -13.859 -0.495  0.732   1.00 14.67 ? 1408 LEU A CB  1 
ATOM   790  C CG  . LEU A 1 117 ? -14.088 -2.000  0.927   1.00 15.63 ? 1408 LEU A CG  1 
ATOM   791  C CD1 . LEU A 1 117 ? -15.575 -2.302  0.762   1.00 17.96 ? 1408 LEU A CD1 1 
ATOM   792  C CD2 . LEU A 1 117 ? -13.251 -2.851  -0.021  1.00 17.20 ? 1408 LEU A CD2 1 
ATOM   793  N N   . ARG A 1 118 ? -12.536 2.368   1.347   1.00 12.85 ? 1409 ARG A N   1 
ATOM   794  C CA  . ARG A 1 118 ? -12.369 3.788   0.961   1.00 12.76 ? 1409 ARG A CA  1 
ATOM   795  C C   . ARG A 1 118 ? -10.869 4.049   0.757   1.00 12.35 ? 1409 ARG A C   1 
ATOM   796  O O   . ARG A 1 118 ? -10.447 4.756   -0.203  1.00 13.05 ? 1409 ARG A O   1 
ATOM   797  C CB  . ARG A 1 118 ? -12.971 4.746   1.986   1.00 12.73 ? 1409 ARG A CB  1 
ATOM   798  C CG  . ARG A 1 118 ? -14.506 4.726   2.048   1.00 13.05 ? 1409 ARG A CG  1 
ATOM   799  C CD  . ARG A 1 118 ? -15.052 5.833   2.957   1.00 14.01 ? 1409 ARG A CD  1 
ATOM   800  N NE  . ARG A 1 118 ? -14.617 5.700   4.318   1.00 14.45 ? 1409 ARG A NE  1 
ATOM   801  C CZ  . ARG A 1 118 ? -15.323 5.186   5.313   1.00 17.28 ? 1409 ARG A CZ  1 
ATOM   802  N NH1 . ARG A 1 118 ? -16.519 4.693   5.073   1.00 17.07 ? 1409 ARG A NH1 1 
ATOM   803  N NH2 . ARG A 1 118 ? -14.811 5.167   6.544   1.00 16.90 ? 1409 ARG A NH2 1 
ATOM   804  N N   . LEU A 1 119 ? -10.019 3.549   1.652   1.00 12.40 ? 1410 LEU A N   1 
ATOM   805  C CA  . LEU A 1 119 ? -8.590  3.835   1.559   1.00 11.97 ? 1410 LEU A CA  1 
ATOM   806  C C   . LEU A 1 119 ? -7.987  3.177   0.328   1.00 11.55 ? 1410 LEU A C   1 
ATOM   807  O O   . LEU A 1 119 ? -7.130  3.800   -0.342  1.00 12.04 ? 1410 LEU A O   1 
ATOM   808  C CB  . LEU A 1 119 ? -7.900  3.357   2.833   1.00 13.59 ? 1410 LEU A CB  1 
ATOM   809  C CG  . LEU A 1 119 ? -6.514  3.940   3.090   1.00 14.32 ? 1410 LEU A CG  1 
ATOM   810  C CD1 . LEU A 1 119 ? -6.605  5.446   3.356   1.00 15.37 ? 1410 LEU A CD1 1 
ATOM   811  C CD2 . LEU A 1 119 ? -5.896  3.234   4.287   1.00 14.44 ? 1410 LEU A CD2 1 
ATOM   812  N N   . SER A 1 120 ? -8.442  1.970   -0.008  1.00 10.54 ? 1411 SER A N   1 
ATOM   813  C CA  . SER A 1 120 ? -8.023  1.280   -1.234  1.00 11.90 ? 1411 SER A CA  1 
ATOM   814  C C   . SER A 1 120 ? -8.346  2.147   -2.449  1.00 11.99 ? 1411 SER A C   1 
ATOM   815  O O   . SER A 1 120 ? -7.523  2.279   -3.374  1.00 12.20 ? 1411 SER A O   1 
ATOM   816  C CB  . SER A 1 120 ? -8.653  -0.079  -1.301  1.00 12.37 ? 1411 SER A CB  1 
ATOM   817  O OG  . SER A 1 120 ? -8.308  -0.717  -2.527  1.00 14.13 ? 1411 SER A OG  1 
ATOM   818  N N   . ALA A 1 121 ? -9.557  2.661   -2.561  1.00 11.38 ? 1412 ALA A N   1 
ATOM   819  C CA  . ALA A 1 121 ? -9.970  3.477   -3.726  1.00 12.16 ? 1412 ALA A CA  1 
ATOM   820  C C   . ALA A 1 121 ? -9.062  4.696   -3.831  1.00 11.49 ? 1412 ALA A C   1 
ATOM   821  O O   . ALA A 1 121 ? -8.603  5.070   -4.942  1.00 12.05 ? 1412 ALA A O   1 
ATOM   822  C CB  . ALA A 1 121 ? -11.420 3.921   -3.580  1.00 13.57 ? 1412 ALA A CB  1 
ATOM   823  N N   . PHE A 1 122 ? -8.740  5.329   -2.690  1.00 11.45 ? 1413 PHE A N   1 
ATOM   824  C CA  . PHE A 1 122 ? -7.846  6.509   -2.682  1.00 12.11 ? 1413 PHE A CA  1 
ATOM   825  C C   . PHE A 1 122 ? -6.448  6.125   -3.176  1.00 12.97 ? 1413 PHE A C   1 
ATOM   826  O O   . PHE A 1 122 ? -5.823  6.800   -4.023  1.00 12.76 ? 1413 PHE A O   1 
ATOM   827  C CB  . PHE A 1 122 ? -7.806  7.124   -1.280  1.00 12.76 ? 1413 PHE A CB  1 
ATOM   828  C CG  . PHE A 1 122 ? -6.863  8.277   -1.128  1.00 13.67 ? 1413 PHE A CG  1 
ATOM   829  C CD1 . PHE A 1 122 ? -7.220  9.568   -1.505  1.00 16.09 ? 1413 PHE A CD1 1 
ATOM   830  C CD2 . PHE A 1 122 ? -5.600  8.093   -0.575  1.00 14.56 ? 1413 PHE A CD2 1 
ATOM   831  C CE1 . PHE A 1 122 ? -6.334  10.632  -1.359  1.00 18.84 ? 1413 PHE A CE1 1 
ATOM   832  C CE2 . PHE A 1 122 ? -4.744  9.179   -0.427  1.00 16.62 ? 1413 PHE A CE2 1 
ATOM   833  C CZ  . PHE A 1 122 ? -5.116  10.446  -0.793  1.00 18.22 ? 1413 PHE A CZ  1 
ATOM   834  N N   . PHE A 1 123 ? -5.927  5.029   -2.622  1.00 12.04 ? 1414 PHE A N   1 
ATOM   835  C CA  . PHE A 1 123 ? -4.587  4.550   -3.000  1.00 12.35 ? 1414 PHE A CA  1 
ATOM   836  C C   . PHE A 1 123 ? -4.506  4.230   -4.496  1.00 11.46 ? 1414 PHE A C   1 
ATOM   837  O O   . PHE A 1 123 ? -3.595  4.687   -5.195  1.00 12.45 ? 1414 PHE A O   1 
ATOM   838  C CB  . PHE A 1 123 ? -4.185  3.334   -2.149  1.00 12.46 ? 1414 PHE A CB  1 
ATOM   839  C CG  . PHE A 1 123 ? -2.891  2.694   -2.618  1.00 12.13 ? 1414 PHE A CG  1 
ATOM   840  C CD1 . PHE A 1 123 ? -1.659  3.233   -2.293  1.00 12.15 ? 1414 PHE A CD1 1 
ATOM   841  C CD2 . PHE A 1 123 ? -2.916  1.540   -3.383  1.00 12.64 ? 1414 PHE A CD2 1 
ATOM   842  C CE1 . PHE A 1 123 ? -0.483  2.629   -2.772  1.00 11.82 ? 1414 PHE A CE1 1 
ATOM   843  C CE2 . PHE A 1 123 ? -1.732  0.949   -3.836  1.00 13.54 ? 1414 PHE A CE2 1 
ATOM   844  C CZ  . PHE A 1 123 ? -0.545  1.514   -3.559  1.00 13.43 ? 1414 PHE A CZ  1 
ATOM   845  N N   . GLU A 1 124 ? -5.475  3.494   -5.010  1.00 11.07 ? 1415 GLU A N   1 
ATOM   846  C CA  . GLU A 1 124 ? -5.462  3.063   -6.434  1.00 12.08 ? 1415 GLU A CA  1 
ATOM   847  C C   . GLU A 1 124 ? -5.567  4.277   -7.357  1.00 13.23 ? 1415 GLU A C   1 
ATOM   848  O O   . GLU A 1 124 ? -4.893  4.338   -8.405  1.00 14.09 ? 1415 GLU A O   1 
ATOM   849  C CB  . GLU A 1 124 ? -6.588  2.084   -6.733  1.00 14.14 ? 1415 GLU A CB  1 
ATOM   850  C CG  . GLU A 1 124 ? -6.372  0.706   -6.070  1.00 14.13 ? 1415 GLU A CG  1 
ATOM   851  C CD  . GLU A 1 124 ? -5.129  -0.074  -6.499  1.00 15.58 ? 1415 GLU A CD  1 
ATOM   852  O OE1 . GLU A 1 124 ? -4.656  0.097   -7.642  1.00 17.56 ? 1415 GLU A OE1 1 
ATOM   853  O OE2 . GLU A 1 124 ? -4.631  -0.898  -5.707  1.00 15.40 ? 1415 GLU A OE2 1 
ATOM   854  N N   . GLU A 1 125 ? -6.337  5.301   -6.955  1.00 12.30 ? 1416 GLU A N   1 
ATOM   855  C CA  . GLU A 1 125 ? -6.503  6.547   -7.754  1.00 14.15 ? 1416 GLU A CA  1 
ATOM   856  C C   . GLU A 1 125 ? -5.159  7.239   -7.927  1.00 13.94 ? 1416 GLU A C   1 
ATOM   857  O O   . GLU A 1 125 ? -4.861  7.762   -9.006  1.00 14.66 ? 1416 GLU A O   1 
ATOM   858  C CB  . GLU A 1 125 ? -7.492  7.441   -6.989  1.00 13.66 ? 1416 GLU A CB  1 
ATOM   859  C CG  . GLU A 1 125 ? -7.720  8.851   -7.558  1.00 15.42 ? 1416 GLU A CG  1 
ATOM   860  C CD  . GLU A 1 125 ? -8.812  9.550   -6.734  1.00 16.47 ? 1416 GLU A CD  1 
ATOM   861  O OE1 . GLU A 1 125 ? -9.988  9.023   -6.804  1.00 16.17 ? 1416 GLU A OE1 1 
ATOM   862  O OE2 . GLU A 1 125 ? -8.498  10.497  -5.942  1.00 17.95 ? 1416 GLU A OE2 1 
ATOM   863  N N   . HIS A 1 126 ? -4.351  7.241   -6.865  1.00 13.82 ? 1417 HIS A N   1 
ATOM   864  C CA  . HIS A 1 126 ? -3.056  7.967   -6.777  1.00 14.60 ? 1417 HIS A CA  1 
ATOM   865  C C   . HIS A 1 126 ? -1.886  7.137   -7.348  1.00 14.16 ? 1417 HIS A C   1 
ATOM   866  O O   . HIS A 1 126 ? -1.011  7.728   -8.038  1.00 15.58 ? 1417 HIS A O   1 
ATOM   867  C CB  . HIS A 1 126 ? -2.815  8.422   -5.325  1.00 15.30 ? 1417 HIS A CB  1 
ATOM   868  C CG  . HIS A 1 126 ? -3.652  9.586   -4.888  1.00 16.80 ? 1417 HIS A CG  1 
ATOM   869  N ND1 . HIS A 1 126 ? -4.997  9.484   -4.582  1.00 18.23 ? 1417 HIS A ND1 1 
ATOM   870  C CD2 . HIS A 1 126 ? -3.324  10.883  -4.706  1.00 17.05 ? 1417 HIS A CD2 1 
ATOM   871  C CE1 . HIS A 1 126 ? -5.452  10.679  -4.240  1.00 19.04 ? 1417 HIS A CE1 1 
ATOM   872  N NE2 . HIS A 1 126 ? -4.452  11.544  -4.295  1.00 17.87 ? 1417 HIS A NE2 1 
ATOM   873  N N   . ILE A 1 127 ? -1.857  5.811   -7.137  1.00 13.75 ? 1418 ILE A N   1 
ATOM   874  C CA  . ILE A 1 127 ? -0.686  4.985   -7.528  1.00 12.96 ? 1418 ILE A CA  1 
ATOM   875  C C   . ILE A 1 127 ? -0.623  4.766   -9.046  1.00 13.45 ? 1418 ILE A C   1 
ATOM   876  O O   . ILE A 1 127 ? 0.469   4.482   -9.591  1.00 13.31 ? 1418 ILE A O   1 
ATOM   877  C CB  . ILE A 1 127 ? -0.648  3.659   -6.753  1.00 12.74 ? 1418 ILE A CB  1 
ATOM   878  C CG1 . ILE A 1 127 ? 0.758   3.032   -6.672  1.00 13.24 ? 1418 ILE A CG1 1 
ATOM   879  C CG2 . ILE A 1 127 ? -1.629  2.678   -7.318  1.00 12.98 ? 1418 ILE A CG2 1 
ATOM   880  C CD1 . ILE A 1 127 ? 1.767   3.851   -5.935  1.00 14.29 ? 1418 ILE A CD1 1 
ATOM   881  N N   A SER A 1 128 ? -1.759  4.883   -9.736  0.25 12.90 ? 1419 SER A N   1 
ATOM   882  N N   B SER A 1 128 ? -1.764  4.900   -9.728  0.25 13.11 ? 1419 SER A N   1 
ATOM   883  C CA  A SER A 1 128 ? -1.864  4.592   -11.191 0.25 13.65 ? 1419 SER A CA  1 
ATOM   884  C CA  B SER A 1 128 ? -1.890  4.629   -11.185 0.25 14.08 ? 1419 SER A CA  1 
ATOM   885  C C   A SER A 1 128 ? -0.789  5.369   -11.984 0.25 13.08 ? 1419 SER A C   1 
ATOM   886  C C   B SER A 1 128 ? -0.791  5.369   -11.971 0.25 13.34 ? 1419 SER A C   1 
ATOM   887  O O   A SER A 1 128 ? -0.049  4.734   -12.772 0.25 14.09 ? 1419 SER A O   1 
ATOM   888  O O   B SER A 1 128 ? -0.053  4.711   -12.744 0.25 14.48 ? 1419 SER A O   1 
ATOM   889  C CB  A SER A 1 128 ? -3.271  4.870   -11.675 0.25 14.37 ? 1419 SER A CB  1 
ATOM   890  C CB  B SER A 1 128 ? -3.273  4.983   -11.686 0.25 15.09 ? 1419 SER A CB  1 
ATOM   891  O OG  A SER A 1 128 ? -3.691  6.155   -11.247 0.25 15.71 ? 1419 SER A OG  1 
ATOM   892  O OG  B SER A 1 128 ? -3.355  4.754   -13.086 0.25 17.40 ? 1419 SER A OG  1 
ATOM   893  N N   . SER A 1 129 ? -0.644  6.673   -11.746 1.00 12.57 ? 1420 SER A N   1 
ATOM   894  C CA  . SER A 1 129 ? 0.317   7.510   -12.500 1.00 13.81 ? 1420 SER A CA  1 
ATOM   895  C C   . SER A 1 129 ? 1.746   7.136   -12.096 1.00 13.87 ? 1420 SER A C   1 
ATOM   896  O O   . SER A 1 129 ? 2.656   7.265   -12.923 1.00 14.12 ? 1420 SER A O   1 
ATOM   897  C CB  . SER A 1 129 ? 0.048   8.980   -12.330 1.00 15.20 ? 1420 SER A CB  1 
ATOM   898  O OG  . SER A 1 129 ? 0.189   9.394   -11.002 1.00 22.77 ? 1420 SER A OG  1 
ATOM   899  N N   . VAL A 1 130 ? 1.964   6.843   -10.814 1.00 12.48 ? 1421 VAL A N   1 
ATOM   900  C CA  . VAL A 1 130 ? 3.325   6.453   -10.335 1.00 12.39 ? 1421 VAL A CA  1 
ATOM   901  C C   . VAL A 1 130 ? 3.785   5.218   -11.114 1.00 11.60 ? 1421 VAL A C   1 
ATOM   902  O O   . VAL A 1 130 ? 4.957   5.178   -11.622 1.00 11.25 ? 1421 VAL A O   1 
ATOM   903  C CB  . VAL A 1 130 ? 3.325   6.222   -8.823  1.00 11.38 ? 1421 VAL A CB  1 
ATOM   904  C CG1 . VAL A 1 130 ? 4.689   5.752   -8.337  1.00 11.90 ? 1421 VAL A CG1 1 
ATOM   905  C CG2 . VAL A 1 130 ? 2.861   7.474   -8.082  1.00 12.81 ? 1421 VAL A CG2 1 
ATOM   906  N N   . LEU A 1 131 ? 2.948   4.190   -11.216 1.00 11.37 ? 1422 LEU A N   1 
ATOM   907  C CA  . LEU A 1 131 ? 3.269   2.966   -11.949 1.00 11.74 ? 1422 LEU A CA  1 
ATOM   908  C C   . LEU A 1 131 ? 3.482   3.249   -13.422 1.00 12.04 ? 1422 LEU A C   1 
ATOM   909  O O   . LEU A 1 131 ? 4.472   2.793   -14.003 1.00 12.33 ? 1422 LEU A O   1 
ATOM   910  C CB  . LEU A 1 131 ? 2.153   1.931   -11.749 1.00 11.88 ? 1422 LEU A CB  1 
ATOM   911  C CG  . LEU A 1 131 ? 1.998   1.384   -10.334 1.00 13.71 ? 1422 LEU A CG  1 
ATOM   912  C CD1 . LEU A 1 131 ? 0.738   0.544   -10.238 1.00 15.33 ? 1422 LEU A CD1 1 
ATOM   913  C CD2 . LEU A 1 131 ? 3.200   0.573   -9.886  1.00 15.87 ? 1422 LEU A CD2 1 
ATOM   914  N N   A SER A 1 132 ? 2.573   3.972   -14.057 0.40 12.23 ? 1423 SER A N   1 
ATOM   915  N N   B SER A 1 132 ? 2.551   3.982   -14.034 0.10 12.55 ? 1423 SER A N   1 
ATOM   916  C CA  A SER A 1 132 ? 2.709   4.272   -15.505 0.40 12.41 ? 1423 SER A CA  1 
ATOM   917  C CA  B SER A 1 132 ? 2.602   4.367   -15.469 0.10 12.97 ? 1423 SER A CA  1 
ATOM   918  C C   A SER A 1 132 ? 4.005   5.047   -15.769 0.40 12.45 ? 1423 SER A C   1 
ATOM   919  C C   B SER A 1 132 ? 3.939   5.058   -15.772 0.10 12.85 ? 1423 SER A C   1 
ATOM   920  O O   A SER A 1 132 ? 4.728   4.690   -16.747 0.40 12.85 ? 1423 SER A O   1 
ATOM   921  O O   B SER A 1 132 ? 4.647   4.607   -16.707 0.10 13.14 ? 1423 SER A O   1 
ATOM   922  C CB  A SER A 1 132 ? 1.503   5.066   -15.987 0.40 13.18 ? 1423 SER A CB  1 
ATOM   923  C CB  B SER A 1 132 ? 1.421   5.240   -15.829 0.10 13.26 ? 1423 SER A CB  1 
ATOM   924  O OG  A SER A 1 132 ? 0.314   4.292   -15.937 0.40 15.24 ? 1423 SER A OG  1 
ATOM   925  O OG  B SER A 1 132 ? 1.561   5.776   -17.137 0.10 14.04 ? 1423 SER A OG  1 
ATOM   926  N N   . ASP A 1 133 ? 4.293   6.082   -14.992 1.00 12.91 ? 1424 ASP A N   1 
ATOM   927  C CA  . ASP A 1 133 ? 5.522   6.860   -15.253 1.00 12.41 ? 1424 ASP A CA  1 
ATOM   928  C C   . ASP A 1 133 ? 6.762   6.019   -15.056 1.00 11.61 ? 1424 ASP A C   1 
ATOM   929  O O   . ASP A 1 133 ? 7.722   6.131   -15.864 1.00 12.87 ? 1424 ASP A O   1 
ATOM   930  C CB  . ASP A 1 133 ? 5.626   8.103   -14.369 1.00 14.52 ? 1424 ASP A CB  1 
ATOM   931  C CG  . ASP A 1 133 ? 4.602   9.198   -14.668 1.00 19.86 ? 1424 ASP A CG  1 
ATOM   932  O OD1 . ASP A 1 133 ? 3.816   9.074   -15.600 1.00 20.22 ? 1424 ASP A OD1 1 
ATOM   933  O OD2 . ASP A 1 133 ? 4.619   10.191  -13.935 1.00 26.83 ? 1424 ASP A OD2 1 
ATOM   934  N N   . TYR A 1 134 ? 6.806   5.206   -14.018 1.00 11.31 ? 1425 TYR A N   1 
ATOM   935  C CA  . TYR A 1 134 ? 7.966   4.318   -13.823 1.00 10.51 ? 1425 TYR A CA  1 
ATOM   936  C C   . TYR A 1 134 ? 8.153   3.391   -15.022 1.00 10.91 ? 1425 TYR A C   1 
ATOM   937  O O   . TYR A 1 134 ? 9.303   3.227   -15.548 1.00 11.95 ? 1425 TYR A O   1 
ATOM   938  C CB  . TYR A 1 134 ? 7.845   3.514   -12.515 1.00 12.33 ? 1425 TYR A CB  1 
ATOM   939  C CG  . TYR A 1 134 ? 8.938   2.507   -12.307 1.00 12.64 ? 1425 TYR A CG  1 
ATOM   940  C CD1 . TYR A 1 134 ? 10.172  2.929   -11.886 1.00 14.00 ? 1425 TYR A CD1 1 
ATOM   941  C CD2 . TYR A 1 134 ? 8.766   1.167   -12.604 1.00 14.14 ? 1425 TYR A CD2 1 
ATOM   942  C CE1 . TYR A 1 134 ? 11.204  2.037   -11.680 1.00 14.70 ? 1425 TYR A CE1 1 
ATOM   943  C CE2 . TYR A 1 134 ? 9.788   0.251   -12.397 1.00 14.29 ? 1425 TYR A CE2 1 
ATOM   944  C CZ  . TYR A 1 134 ? 11.017  0.700   -11.964 1.00 15.19 ? 1425 TYR A CZ  1 
ATOM   945  O OH  . TYR A 1 134 ? 12.056  -0.185  -11.736 1.00 19.38 ? 1425 TYR A OH  1 
ATOM   946  N N   . LYS A 1 135 ? 7.079   2.705   -15.418 1.00 11.30 ? 1426 LYS A N   1 
ATOM   947  C CA  . LYS A 1 135 ? 7.217   1.721   -16.506 1.00 11.30 ? 1426 LYS A CA  1 
ATOM   948  C C   . LYS A 1 135 ? 7.626   2.437   -17.815 1.00 11.50 ? 1426 LYS A C   1 
ATOM   949  O O   . LYS A 1 135 ? 8.394   1.857   -18.605 1.00 11.71 ? 1426 LYS A O   1 
ATOM   950  C CB  . LYS A 1 135 ? 5.902   0.935   -16.649 1.00 13.43 ? 1426 LYS A CB  1 
ATOM   951  C CG  . LYS A 1 135 ? 5.640   0.066   -15.418 1.00 14.20 ? 1426 LYS A CG  1 
ATOM   952  C CD  . LYS A 1 135 ? 4.324   -0.687  -15.520 1.00 16.05 ? 1426 LYS A CD  1 
ATOM   953  C CE  . LYS A 1 135 ? 3.890   -1.428  -14.272 1.00 20.22 ? 1426 LYS A CE  1 
ATOM   954  N NZ  . LYS A 1 135 ? 2.470   -1.809  -14.399 1.00 25.89 ? 1426 LYS A NZ  1 
ATOM   955  N N   A SER A 1 136 ? 7.080   3.618   -18.063 0.40 11.58 ? 1427 SER A N   1 
ATOM   956  N N   B SER A 1 136 ? 7.152   3.659   -18.039 0.10 11.49 ? 1427 SER A N   1 
ATOM   957  C CA  A SER A 1 136 ? 7.469   4.462   -19.227 0.40 12.65 ? 1427 SER A CA  1 
ATOM   958  C CA  B SER A 1 136 ? 7.477   4.440   -19.262 0.10 11.67 ? 1427 SER A CA  1 
ATOM   959  C C   A SER A 1 136 ? 8.969   4.791   -19.161 0.40 12.18 ? 1427 SER A C   1 
ATOM   960  C C   B SER A 1 136 ? 8.913   4.992   -19.186 0.10 11.91 ? 1427 SER A C   1 
ATOM   961  O O   A SER A 1 136 ? 9.676   4.640   -20.194 0.40 11.10 ? 1427 SER A O   1 
ATOM   962  O O   B SER A 1 136 ? 9.512   5.200   -20.252 0.10 11.84 ? 1427 SER A O   1 
ATOM   963  C CB  A SER A 1 136 ? 6.642   5.713   -19.251 0.40 13.81 ? 1427 SER A CB  1 
ATOM   964  C CB  B SER A 1 136 ? 6.442   5.509   -19.494 0.10 11.55 ? 1427 SER A CB  1 
ATOM   965  O OG  A SER A 1 136 ? 7.240   6.693   -20.098 0.40 17.05 ? 1427 SER A OG  1 
ATOM   966  O OG  B SER A 1 136 ? 6.671   6.643   -18.675 0.10 11.43 ? 1427 SER A OG  1 
ATOM   967  N N   . ALA A 1 137 ? 9.469   5.193   -17.985 1.00 12.53 ? 1428 ALA A N   1 
ATOM   968  C CA  . ALA A 1 137 ? 10.902  5.558   -17.800 1.00 13.01 ? 1428 ALA A CA  1 
ATOM   969  C C   . ALA A 1 137 ? 11.763  4.350   -18.087 1.00 13.86 ? 1428 ALA A C   1 
ATOM   970  O O   . ALA A 1 137 ? 12.831  4.484   -18.738 1.00 13.42 ? 1428 ALA A O   1 
ATOM   971  C CB  . ALA A 1 137 ? 11.150  6.058   -16.397 1.00 14.08 ? 1428 ALA A CB  1 
ATOM   972  N N   . LEU A 1 138 ? 11.409  3.145   -17.661 1.00 14.09 ? 1429 LEU A N   1 
ATOM   973  C CA  . LEU A 1 138 ? 12.233  1.955   -17.909 1.00 15.89 ? 1429 LEU A CA  1 
ATOM   974  C C   . LEU A 1 138 ? 12.213  1.652   -19.400 1.00 14.44 ? 1429 LEU A C   1 
ATOM   975  O O   . LEU A 1 138 ? 13.266  1.249   -19.956 1.00 14.63 ? 1429 LEU A O   1 
ATOM   976  C CB  . LEU A 1 138 ? 11.726  0.753   -17.123 1.00 19.46 ? 1429 LEU A CB  1 
ATOM   977  C CG  . LEU A 1 138 ? 12.724  -0.027  -16.303 1.00 26.81 ? 1429 LEU A CG  1 
ATOM   978  C CD1 . LEU A 1 138 ? 13.811  0.820   -15.638 1.00 27.35 ? 1429 LEU A CD1 1 
ATOM   979  C CD2 . LEU A 1 138 ? 11.935  -0.876  -15.306 1.00 24.21 ? 1429 LEU A CD2 1 
ATOM   980  N N   . ARG A 1 139 ? 11.051  1.777   -20.070 1.00 11.81 ? 1430 ARG A N   1 
ATOM   981  C CA  . ARG A 1 139 ? 11.031  1.519   -21.516 1.00 11.81 ? 1430 ARG A CA  1 
ATOM   982  C C   . ARG A 1 139 ? 11.918  2.540   -22.244 1.00 10.75 ? 1430 ARG A C   1 
ATOM   983  O O   . ARG A 1 139 ? 12.650  2.108   -23.175 1.00 13.20 ? 1430 ARG A O   1 
ATOM   984  C CB  . ARG A 1 139 ? 9.616   1.527   -22.099 1.00 11.86 ? 1430 ARG A CB  1 
ATOM   985  C CG  . ARG A 1 139 ? 8.715   0.371   -21.659 1.00 12.60 ? 1430 ARG A CG  1 
ATOM   986  C CD  . ARG A 1 139 ? 7.377   0.409   -22.368 1.00 12.79 ? 1430 ARG A CD  1 
ATOM   987  N NE  . ARG A 1 139 ? 6.522   1.544   -22.075 1.00 13.64 ? 1430 ARG A NE  1 
ATOM   988  C CZ  . ARG A 1 139 ? 5.532   1.592   -21.175 1.00 13.44 ? 1430 ARG A CZ  1 
ATOM   989  N NH1 . ARG A 1 139 ? 5.369   0.599   -20.309 1.00 14.60 ? 1430 ARG A NH1 1 
ATOM   990  N NH2 . ARG A 1 139 ? 4.753   2.659   -21.113 1.00 14.41 ? 1430 ARG A NH2 1 
ATOM   991  N N   . PHE A 1 140 ? 11.944  3.805   -21.822 1.00 10.18 ? 1431 PHE A N   1 
ATOM   992  C CA  . PHE A 1 140 ? 12.793  4.810   -22.489 1.00 11.37 ? 1431 PHE A CA  1 
ATOM   993  C C   . PHE A 1 140 ? 14.268  4.428   -22.299 1.00 11.85 ? 1431 PHE A C   1 
ATOM   994  O O   . PHE A 1 140 ? 15.071  4.524   -23.218 1.00 12.79 ? 1431 PHE A O   1 
ATOM   995  C CB  . PHE A 1 140 ? 12.482  6.191   -21.956 1.00 11.13 ? 1431 PHE A CB  1 
ATOM   996  C CG  . PHE A 1 140 ? 13.195  7.295   -22.692 1.00 13.26 ? 1431 PHE A CG  1 
ATOM   997  C CD1 . PHE A 1 140 ? 12.688  7.751   -23.910 1.00 15.63 ? 1431 PHE A CD1 1 
ATOM   998  C CD2 . PHE A 1 140 ? 14.298  7.931   -22.157 1.00 15.91 ? 1431 PHE A CD2 1 
ATOM   999  C CE1 . PHE A 1 140 ? 13.333  8.749   -24.631 1.00 17.06 ? 1431 PHE A CE1 1 
ATOM   1000 C CE2 . PHE A 1 140 ? 14.943  8.928   -22.889 1.00 17.38 ? 1431 PHE A CE2 1 
ATOM   1001 C CZ  . PHE A 1 140 ? 14.446  9.362   -24.096 1.00 16.97 ? 1431 PHE A CZ  1 
ATOM   1002 N N   . HIS A 1 141 ? 14.626  3.995   -21.086 1.00 13.74 ? 1432 HIS A N   1 
ATOM   1003 C CA  . HIS A 1 141 ? 16.028  3.562   -20.792 1.00 15.85 ? 1432 HIS A CA  1 
ATOM   1004 C C   . HIS A 1 141 ? 16.486  2.471   -21.766 1.00 19.18 ? 1432 HIS A C   1 
ATOM   1005 O O   . HIS A 1 141 ? 17.678  2.459   -22.149 1.00 19.41 ? 1432 HIS A O   1 
ATOM   1006 C CB  . HIS A 1 141 ? 16.127  3.156   -19.322 1.00 15.46 ? 1432 HIS A CB  1 
ATOM   1007 C CG  . HIS A 1 141 ? 17.551  3.003   -18.869 1.00 14.76 ? 1432 HIS A CG  1 
ATOM   1008 N ND1 . HIS A 1 141 ? 18.372  4.115   -18.689 1.00 14.80 ? 1432 HIS A ND1 1 
ATOM   1009 C CD2 . HIS A 1 141 ? 18.262  1.893   -18.593 1.00 17.09 ? 1432 HIS A CD2 1 
ATOM   1010 C CE1 . HIS A 1 141 ? 19.556  3.676   -18.260 1.00 16.16 ? 1432 HIS A CE1 1 
ATOM   1011 N NE2 . HIS A 1 141 ? 19.524  2.318   -18.240 1.00 16.36 ? 1432 HIS A NE2 1 
ATOM   1012 N N   . LYS A 1 142 ? 15.599  1.552   -22.156 1.00 19.63 ? 1433 LYS A N   1 
ATOM   1013 C CA  . LYS A 1 142 ? 15.949  0.398   -23.041 1.00 21.62 ? 1433 LYS A CA  1 
ATOM   1014 C C   . LYS A 1 142 ? 15.591  0.674   -24.512 1.00 22.21 ? 1433 LYS A C   1 
ATOM   1015 O O   . LYS A 1 142 ? 15.688  -0.277  -25.320 1.00 23.43 ? 1433 LYS A O   1 
ATOM   1016 C CB  . LYS A 1 142 ? 15.243  -0.870  -22.547 1.00 24.73 ? 1433 LYS A CB  1 
ATOM   1017 C CG  . LYS A 1 142 ? 13.750  -0.906  -22.825 1.00 25.66 ? 1433 LYS A CG  1 
ATOM   1018 C CD  . LYS A 1 142 ? 12.973  -2.061  -22.216 1.00 26.42 ? 1433 LYS A CD  1 
ATOM   1019 C CE  . LYS A 1 142 ? 11.527  -2.061  -22.674 1.00 26.53 ? 1433 LYS A CE  1 
ATOM   1020 N NZ  . LYS A 1 142 ? 10.657  -2.973  -21.891 1.00 27.09 ? 1433 LYS A NZ  1 
ATOM   1021 N N   . ARG A 1 143 ? 15.253  1.913   -24.883 1.00 21.11 ? 1434 ARG A N   1 
ATOM   1022 C CA  . ARG A 1 143 ? 14.687  2.247   -26.218 1.00 23.26 ? 1434 ARG A CA  1 
ATOM   1023 C C   . ARG A 1 143 ? 15.613  1.881   -27.399 1.00 30.98 ? 1434 ARG A C   1 
ATOM   1024 O O   . ARG A 1 143 ? 15.087  1.640   -28.512 1.00 34.04 ? 1434 ARG A O   1 
ATOM   1025 C CB  . ARG A 1 143 ? 14.313  3.720   -26.300 1.00 19.81 ? 1434 ARG A CB  1 
ATOM   1026 C CG  . ARG A 1 143 ? 15.516  4.647   -26.361 1.00 18.60 ? 1434 ARG A CG  1 
ATOM   1027 C CD  . ARG A 1 143 ? 15.118  6.088   -26.114 1.00 20.10 ? 1434 ARG A CD  1 
ATOM   1028 N NE  . ARG A 1 143 ? 16.253  7.001   -26.137 1.00 20.44 ? 1434 ARG A NE  1 
ATOM   1029 C CZ  . ARG A 1 143 ? 17.096  7.229   -25.164 1.00 23.20 ? 1434 ARG A CZ  1 
ATOM   1030 N NH1 . ARG A 1 143 ? 16.999  6.562   -24.030 1.00 18.27 ? 1434 ARG A NH1 1 
ATOM   1031 N NH2 . ARG A 1 143 ? 18.076  8.123   -25.319 1.00 25.37 ? 1434 ARG A NH2 1 
ATOM   1032 N N   . ASN A 1 144 ? 16.929  1.992   -27.219 1.00 26.69 ? 1435 ASN A N   1 
ATOM   1033 C CA  . ASN A 1 144 ? 17.934  1.741   -28.290 1.00 27.73 ? 1435 ASN A CA  1 
ATOM   1034 C C   . ASN A 1 144 ? 18.459  0.317   -28.112 1.00 28.28 ? 1435 ASN A C   1 
ATOM   1035 O O   . ASN A 1 144 ? 18.387  -0.146  -26.958 1.00 29.43 ? 1435 ASN A O   1 
ATOM   1036 C CB  . ASN A 1 144 ? 19.060  2.777   -28.270 1.00 27.55 ? 1435 ASN A CB  1 
ATOM   1037 C CG  . ASN A 1 144 ? 18.591  4.143   -28.724 1.00 26.88 ? 1435 ASN A CG  1 
ATOM   1038 O OD1 . ASN A 1 144 ? 18.001  4.274   -29.792 1.00 27.46 ? 1435 ASN A OD1 1 
ATOM   1039 N ND2 . ASN A 1 144 ? 18.837  5.157   -27.915 1.00 23.80 ? 1435 ASN A ND2 1 
HETATM 1040 N N1  . ZPL B 2 .   ? -2.801  -0.128  16.332  0.62 31.66 ? 1901 ZPL A N1  1 
HETATM 1041 N N3  . ZPL B 2 .   ? -6.703  -4.416  13.097  0.62 25.57 ? 1901 ZPL A N3  1 
HETATM 1042 C C4  . ZPL B 2 .   ? -2.986  -2.131  14.899  0.62 28.62 ? 1901 ZPL A C4  1 
HETATM 1043 C C5  . ZPL B 2 .   ? -4.498  -2.058  14.767  0.62 27.67 ? 1901 ZPL A C5  1 
HETATM 1044 C C6  . ZPL B 2 .   ? -5.913  -3.944  14.103  0.62 26.42 ? 1901 ZPL A C6  1 
HETATM 1045 C C7  . ZPL B 2 .   ? -7.774  -5.378  13.387  0.62 24.84 ? 1901 ZPL A C7  1 
HETATM 1046 C C8  . ZPL B 2 .   ? -7.851  -6.484  12.349  0.62 24.07 ? 1901 ZPL A C8  1 
HETATM 1047 C C10 . ZPL B 2 .   ? -6.669  -3.942  11.709  0.62 24.99 ? 1901 ZPL A C10 1 
HETATM 1048 C C13 . ZPL B 2 .   ? -10.917 -6.228  11.858  0.62 19.72 ? 1901 ZPL A C13 1 
HETATM 1049 C C15 . ZPL B 2 .   ? -12.768 -6.526  10.496  0.62 20.70 ? 1901 ZPL A C15 1 
HETATM 1050 C C17 . ZPL B 2 .   ? -0.245  -0.259  19.104  0.62 34.63 ? 1901 ZPL A C17 1 
HETATM 1051 C C1  . ZPL B 2 .   ? -2.462  1.735   17.930  0.62 34.11 ? 1901 ZPL A C1  1 
HETATM 1052 C C11 . ZPL B 2 .   ? -8.967  -5.878  10.162  0.62 22.21 ? 1901 ZPL A C11 1 
HETATM 1053 C C12 . ZPL B 2 .   ? -10.325 -6.174  10.599  0.62 21.92 ? 1901 ZPL A C12 1 
HETATM 1054 C C14 . ZPL B 2 .   ? -12.323 -6.424  11.767  0.62 23.06 ? 1901 ZPL A C14 1 
HETATM 1055 C C16 . ZPL B 2 .   ? -1.230  -0.494  18.002  0.62 33.06 ? 1901 ZPL A C16 1 
HETATM 1056 C C2  . ZPL B 2 .   ? -2.139  0.353   17.450  0.62 33.32 ? 1901 ZPL A C2  1 
HETATM 1057 C C3  . ZPL B 2 .   ? -2.457  -1.362  16.081  0.62 30.20 ? 1901 ZPL A C3  1 
HETATM 1058 C C9  . ZPL B 2 .   ? -6.747  -5.094  10.726  0.62 24.37 ? 1901 ZPL A C9  1 
HETATM 1059 N N2  . ZPL B 2 .   ? -4.995  -3.048  13.812  0.62 26.65 ? 1901 ZPL A N2  1 
HETATM 1060 N N4  . ZPL B 2 .   ? -7.942  -5.879  11.024  0.62 23.62 ? 1901 ZPL A N4  1 
HETATM 1061 O O1  . ZPL B 2 .   ? -6.102  -4.291  15.281  0.62 26.35 ? 1901 ZPL A O1  1 
HETATM 1062 O O2  . ZPL B 2 .   ? -8.785  -5.558  8.997   0.62 21.24 ? 1901 ZPL A O2  1 
HETATM 1063 S S1  . ZPL B 2 .   ? -11.496 -6.470  9.371   0.62 23.86 ? 1901 ZPL A S1  1 
HETATM 1064 S S2  . ZPL B 2 .   ? -1.327  -2.026  17.211  0.62 32.27 ? 1901 ZPL A S2  1 
HETATM 1065 O O   . HOH C 3 .   ? 9.165   12.820  -15.977 1.00 44.32 ? 2001 HOH A O   1 
HETATM 1066 O O   . HOH C 3 .   ? -4.566  -4.310  16.541  0.62 51.59 ? 2002 HOH A O   1 
HETATM 1067 O O   . HOH C 3 .   ? -16.262 3.147   8.332   1.00 28.55 ? 2003 HOH A O   1 
HETATM 1068 O O   . HOH C 3 .   ? 5.149   -0.274  13.733  0.62 30.91 ? 2004 HOH A O   1 
HETATM 1069 O O   . HOH C 3 .   ? -12.551 -14.734 15.963  0.62 25.43 ? 2005 HOH A O   1 
HETATM 1070 O O   . HOH C 3 .   ? -24.854 -1.641  5.110   1.00 37.67 ? 2006 HOH A O   1 
HETATM 1071 O O   . HOH C 3 .   ? -5.833  0.956   15.524  1.00 35.43 ? 2007 HOH A O   1 
HETATM 1072 O O   . HOH C 3 .   ? 14.367  0.527   -11.102 1.00 33.04 ? 2008 HOH A O   1 
HETATM 1073 O O   . HOH C 3 .   ? 6.720   9.163   -18.616 1.00 34.99 ? 2009 HOH A O   1 
HETATM 1074 O O   . HOH C 3 .   ? -6.485  -7.414  8.424   0.62 12.86 ? 2010 HOH A O   1 
HETATM 1075 O O   . HOH C 3 .   ? 19.921  3.542   -21.624 1.00 36.22 ? 2011 HOH A O   1 
HETATM 1076 O O   . HOH C 3 .   ? 4.641   -9.690  7.503   1.00 29.03 ? 2012 HOH A O   1 
HETATM 1077 O O   . HOH C 3 .   ? -2.873  -18.346 15.841  1.00 32.47 ? 2013 HOH A O   1 
HETATM 1078 O O   . HOH C 3 .   ? 20.164  4.800   -25.694 1.00 47.04 ? 2014 HOH A O   1 
HETATM 1079 O O   . HOH C 3 .   ? -4.156  13.102  4.428   0.62 26.32 ? 2015 HOH A O   1 
HETATM 1080 O O   . HOH C 3 .   ? 11.010  -1.951  -19.484 1.00 33.38 ? 2016 HOH A O   1 
HETATM 1081 O O   . HOH C 3 .   ? -3.014  -4.381  8.586   0.62 11.88 ? 2017 HOH A O   1 
HETATM 1082 O O   . HOH C 3 .   ? 9.557   -5.067  -9.828  1.00 31.15 ? 2018 HOH A O   1 
HETATM 1083 O O   . HOH C 3 .   ? -10.903 -17.792 13.959  1.00 31.28 ? 2019 HOH A O   1 
HETATM 1084 O O   . HOH C 3 .   ? -16.410 -8.061  -2.348  1.00 42.57 ? 2020 HOH A O   1 
HETATM 1085 O O   . HOH C 3 .   ? -11.020 -15.592 5.555   0.62 16.23 ? 2021 HOH A O   1 
HETATM 1086 O O   . HOH C 3 .   ? 16.661  4.848   1.467   1.00 18.70 ? 2022 HOH A O   1 
HETATM 1087 O O   . HOH C 3 .   ? -10.877 7.638   -8.897  1.00 24.96 ? 2023 HOH A O   1 
HETATM 1088 O O   . HOH C 3 .   ? 2.893   -17.412 7.325   1.00 36.03 ? 2024 HOH A O   1 
HETATM 1089 O O   . HOH C 3 .   ? 3.568   -8.911  -0.637  1.00 32.55 ? 2025 HOH A O   1 
HETATM 1090 O O   . HOH C 3 .   ? -10.164 -4.474  1.656   1.00 15.92 ? 2026 HOH A O   1 
HETATM 1091 O O   . HOH C 3 .   ? -13.017 6.720   9.417   1.00 37.07 ? 2027 HOH A O   1 
HETATM 1092 O O   . HOH C 3 .   ? 12.144  13.877  -11.240 1.00 36.56 ? 2028 HOH A O   1 
HETATM 1093 O O   . HOH C 3 .   ? -2.702  8.570   -10.649 1.00 20.16 ? 2029 HOH A O   1 
HETATM 1094 O O   . HOH C 3 .   ? -21.076 -11.983 7.105   1.00 27.02 ? 2030 HOH A O   1 
HETATM 1095 O O   . HOH C 3 .   ? -5.822  -1.574  -3.403  1.00 18.62 ? 2031 HOH A O   1 
HETATM 1096 O O   . HOH C 3 .   ? -14.898 6.764   14.543  0.62 39.11 ? 2032 HOH A O   1 
HETATM 1097 O O   . HOH C 3 .   ? -0.045  -17.700 9.755   1.00 34.14 ? 2033 HOH A O   1 
HETATM 1098 O O   . HOH C 3 .   ? -0.186  10.287  -7.964  1.00 28.71 ? 2034 HOH A O   1 
HETATM 1099 O O   . HOH C 3 .   ? 6.641   6.781   -22.719 1.00 23.64 ? 2035 HOH A O   1 
HETATM 1100 O O   . HOH C 3 .   ? -12.597 7.276   12.527  1.00 32.57 ? 2036 HOH A O   1 
HETATM 1101 O O   . HOH C 3 .   ? 17.261  6.498   -19.279 1.00 14.67 ? 2037 HOH A O   1 
HETATM 1102 O O   . HOH C 3 .   ? 13.610  1.956   7.479   1.00 24.60 ? 2038 HOH A O   1 
HETATM 1103 O O   . HOH C 3 .   ? 8.348   -6.369  0.645   1.00 37.23 ? 2039 HOH A O   1 
HETATM 1104 O O   . HOH C 3 .   ? -7.363  -1.969  18.350  0.62 23.97 ? 2040 HOH A O   1 
HETATM 1105 O O   . HOH C 3 .   ? -1.303  9.910   11.271  0.62 21.80 ? 2041 HOH A O   1 
HETATM 1106 O O   . HOH C 3 .   ? -15.803 -12.287 -1.219  0.62 27.28 ? 2042 HOH A O   1 
HETATM 1107 O O   . HOH C 3 .   ? -4.341  1.910   -9.657  1.00 18.05 ? 2043 HOH A O   1 
HETATM 1108 O O   . HOH C 3 .   ? -14.145 -12.799 5.412   1.00 22.77 ? 2044 HOH A O   1 
HETATM 1109 O O   . HOH C 3 .   ? -13.183 8.821   3.889   0.62 18.83 ? 2045 HOH A O   1 
HETATM 1110 O O   . HOH C 3 .   ? 1.769   -6.042  9.854   0.62 14.82 ? 2046 HOH A O   1 
HETATM 1111 O O   . HOH C 3 .   ? 17.287  -3.705  5.467   1.00 31.10 ? 2047 HOH A O   1 
HETATM 1112 O O   . HOH C 3 .   ? -2.897  0.863   13.603  0.62 21.80 ? 2048 HOH A O   1 
HETATM 1113 O O   . HOH C 3 .   ? 11.877  -2.854  -12.331 1.00 27.37 ? 2049 HOH A O   1 
HETATM 1114 O O   . HOH C 3 .   ? 18.795  0.405   4.927   1.00 31.94 ? 2050 HOH A O   1 
HETATM 1115 O O   . HOH C 3 .   ? -10.055 10.379  -3.689  1.00 16.29 ? 2051 HOH A O   1 
HETATM 1116 O O   . HOH C 3 .   ? -4.516  -11.386 2.074   1.00 16.60 ? 2052 HOH A O   1 
HETATM 1117 O O   . HOH C 3 .   ? -3.124  -9.297  -1.892  1.00 16.17 ? 2053 HOH A O   1 
HETATM 1118 O O   . HOH C 3 .   ? 10.785  -5.770  -0.186  1.00 23.99 ? 2054 HOH A O   1 
HETATM 1119 O O   . HOH C 3 .   ? -3.079  -3.097  10.970  0.62 11.88 ? 2055 HOH A O   1 
HETATM 1120 O O   . HOH C 3 .   ? -20.441 -0.621  5.824   1.00 42.69 ? 2056 HOH A O   1 
HETATM 1121 O O   . HOH C 3 .   ? -12.363 0.176   -2.988  1.00 23.74 ? 2057 HOH A O   1 
HETATM 1122 O O   . HOH C 3 .   ? 14.529  6.697   -18.667 1.00 14.50 ? 2058 HOH A O   1 
HETATM 1123 O O   . HOH C 3 .   ? -0.622  -8.345  -2.690  1.00 15.98 ? 2059 HOH A O   1 
HETATM 1124 O O   . HOH C 3 .   ? 12.473  9.742   -5.787  1.00 13.93 ? 2060 HOH A O   1 
HETATM 1125 O O   . HOH C 3 .   ? -9.416  -3.256  -2.749  1.00 26.00 ? 2061 HOH A O   1 
HETATM 1126 O O   . HOH C 3 .   ? 6.410   -1.948  11.366  1.00 32.96 ? 2062 HOH A O   1 
HETATM 1127 O O   . HOH C 3 .   ? 9.755   12.209  -7.474  1.00 22.04 ? 2063 HOH A O   1 
HETATM 1128 O O   . HOH C 3 .   ? -6.047  -6.195  -2.352  1.00 14.86 ? 2064 HOH A O   1 
HETATM 1129 O O   . HOH C 3 .   ? -6.586  7.810   -11.193 1.00 27.83 ? 2065 HOH A O   1 
HETATM 1130 O O   . HOH C 3 .   ? 6.349   -5.863  9.864   1.00 31.58 ? 2066 HOH A O   1 
HETATM 1131 O O   . HOH C 3 .   ? -1.015  2.331   -13.850 1.00 19.68 ? 2067 HOH A O   1 
HETATM 1132 O O   . HOH C 3 .   ? -0.793  -3.533  -10.867 1.00 35.97 ? 2068 HOH A O   1 
HETATM 1133 O O   . HOH C 3 .   ? 8.852   -5.565  4.196   1.00 35.48 ? 2069 HOH A O   1 
HETATM 1134 O O   . HOH C 3 .   ? 11.866  0.127   -24.995 1.00 25.90 ? 2070 HOH A O   1 
HETATM 1135 O O   . HOH C 3 .   ? -7.598  12.571  -7.601  1.00 26.26 ? 2071 HOH A O   1 
HETATM 1136 O O   . HOH C 3 .   ? 16.965  7.032   -1.921  1.00 21.14 ? 2072 HOH A O   1 
HETATM 1137 O O   . HOH C 3 .   ? -2.278  -7.269  8.387   0.62 12.89 ? 2073 HOH A O   1 
HETATM 1138 O O   . HOH C 3 .   ? 0.243   -7.873  18.560  1.00 42.08 ? 2074 HOH A O   1 
HETATM 1139 O O   . HOH C 3 .   ? 2.581   11.206  -4.828  1.00 22.62 ? 2075 HOH A O   1 
HETATM 1140 O O   . HOH C 3 .   ? 7.157   3.536   -23.955 1.00 19.02 ? 2076 HOH A O   1 
HETATM 1141 O O   . HOH C 3 .   ? 8.926   5.325   -23.000 1.00 14.54 ? 2077 HOH A O   1 
HETATM 1142 O O   . HOH C 3 .   ? 13.910  9.494   -1.057  1.00 31.44 ? 2078 HOH A O   1 
HETATM 1143 O O   . HOH C 3 .   ? -9.643  -3.115  16.370  0.62 27.49 ? 2079 HOH A O   1 
HETATM 1144 O O   . HOH C 3 .   ? -8.442  13.546  13.140  1.00 21.89 ? 2080 HOH A O   1 
HETATM 1145 O O   . HOH C 3 .   ? -11.539 7.344   -0.477  1.00 19.14 ? 2081 HOH A O   1 
HETATM 1146 O O   . HOH C 3 .   ? 8.766   -0.907  -18.143 1.00 18.26 ? 2082 HOH A O   1 
HETATM 1147 O O   . HOH C 3 .   ? 18.514  2.970   -24.804 1.00 36.82 ? 2083 HOH A O   1 
HETATM 1148 O O   . HOH C 3 .   ? -9.175  -19.995 14.600  1.00 25.56 ? 2084 HOH A O   1 
HETATM 1149 O O   . HOH C 3 .   ? -0.619  -6.753  10.793  0.62 13.42 ? 2085 HOH A O   1 
HETATM 1150 O O   . HOH C 3 .   ? 18.375  7.328   -21.672 1.00 22.45 ? 2086 HOH A O   1 
HETATM 1151 O O   . HOH C 3 .   ? 7.116   7.137   -11.197 1.00 12.70 ? 2087 HOH A O   1 
HETATM 1152 O O   . HOH C 3 .   ? 5.754   -8.851  1.806   1.00 36.38 ? 2088 HOH A O   1 
HETATM 1153 O O   . HOH C 3 .   ? -5.045  -5.265  7.202   0.62 12.50 ? 2089 HOH A O   1 
HETATM 1154 O O   . HOH C 3 .   ? -8.871  -11.263 0.639   1.00 19.50 ? 2090 HOH A O   1 
HETATM 1155 O O   . HOH C 3 .   ? -10.056 4.166   -7.216  1.00 23.09 ? 2091 HOH A O   1 
HETATM 1156 O O   . HOH C 3 .   ? 9.351   12.945  0.821   1.00 36.83 ? 2092 HOH A O   1 
HETATM 1157 O O   . HOH C 3 .   ? -1.804  6.158   -15.523 1.00 22.28 ? 2093 HOH A O   1 
HETATM 1158 O O   . HOH C 3 .   ? -10.060 6.622   12.469  1.00 27.56 ? 2094 HOH A O   1 
HETATM 1159 O O   . HOH C 3 .   ? -10.034 0.000   -4.691  1.00 21.52 ? 2095 HOH A O   1 
HETATM 1160 O O   . HOH C 3 .   ? 6.007   8.688   3.935   1.00 29.09 ? 2096 HOH A O   1 
HETATM 1161 O O   . HOH C 3 .   ? -6.512  5.667   -11.294 1.00 32.71 ? 2097 HOH A O   1 
HETATM 1162 O O   . HOH C 3 .   ? -9.391  12.137  7.272   1.00 33.51 ? 2098 HOH A O   1 
HETATM 1163 O O   . HOH C 3 .   ? 15.184  4.637   -30.197 1.00 44.43 ? 2099 HOH A O   1 
HETATM 1164 O O   . HOH C 3 .   ? 6.432   -6.733  -2.366  1.00 21.67 ? 2100 HOH A O   1 
HETATM 1165 O O   . HOH C 3 .   ? 9.333   5.909   3.536   1.00 27.57 ? 2101 HOH A O   1 
HETATM 1166 O O   . HOH C 3 .   ? 2.222   -5.001  -8.046  1.00 21.41 ? 2102 HOH A O   1 
HETATM 1167 O O   . HOH C 3 .   ? -12.398 -11.029 16.272  1.00 50.00 ? 2103 HOH A O   1 
HETATM 1168 O O   . HOH C 3 .   ? 13.032  1.299   -1.241  1.00 12.02 ? 2104 HOH A O   1 
HETATM 1169 O O   . HOH C 3 .   ? 13.203  -3.327  5.437   1.00 41.26 ? 2105 HOH A O   1 
HETATM 1170 O O   . HOH C 3 .   ? -1.829  -12.912 4.295   1.00 17.88 ? 2106 HOH A O   1 
HETATM 1171 O O   . HOH C 3 .   ? 1.199   12.516  7.259   1.00 30.98 ? 2107 HOH A O   1 
HETATM 1172 O O   . HOH C 3 .   ? 2.909   10.906  8.295   1.00 37.41 ? 2108 HOH A O   1 
HETATM 1173 O O   . HOH C 3 .   ? -18.025 3.942   2.698   1.00 16.53 ? 2109 HOH A O   1 
HETATM 1174 O O   . HOH C 3 .   ? 2.254   14.302  0.866   1.00 29.48 ? 2110 HOH A O   1 
HETATM 1175 O O   . HOH C 3 .   ? 7.377   10.655  -12.721 1.00 22.09 ? 2111 HOH A O   1 
HETATM 1176 O O   . HOH C 3 .   ? -16.569 1.594   2.291   1.00 18.95 ? 2112 HOH A O   1 
HETATM 1177 O O   . HOH C 3 .   ? -3.681  -15.114 4.457   1.00 26.83 ? 2113 HOH A O   1 
HETATM 1178 O O   . HOH C 3 .   ? -10.127 7.133   2.461   1.00 24.25 ? 2114 HOH A O   1 
HETATM 1179 O O   . HOH C 3 .   ? 17.370  2.822   -10.231 1.00 24.16 ? 2115 HOH A O   1 
HETATM 1180 O O   . HOH C 3 .   ? 12.030  -6.230  -8.817  1.00 33.56 ? 2116 HOH A O   1 
HETATM 1181 O O   . HOH C 3 .   ? -2.309  -1.531  -11.337 1.00 25.39 ? 2117 HOH A O   1 
HETATM 1182 O O   . HOH C 3 .   ? 6.723   -1.970  -19.785 1.00 19.57 ? 2118 HOH A O   1 
HETATM 1183 O O   . HOH C 3 .   ? 17.007  5.099   5.925   1.00 51.98 ? 2119 HOH A O   1 
HETATM 1184 O O   . HOH C 3 .   ? 9.859   6.585   -11.484 1.00 12.81 ? 2120 HOH A O   1 
HETATM 1185 O O   . HOH C 3 .   ? 14.081  10.921  -8.624  1.00 18.20 ? 2121 HOH A O   1 
HETATM 1186 O O   . HOH C 3 .   ? -17.009 -5.834  -0.637  1.00 32.25 ? 2122 HOH A O   1 
HETATM 1187 O O   . HOH C 3 .   ? -10.103 9.329   5.904   0.62 23.28 ? 2123 HOH A O   1 
HETATM 1188 O O   . HOH C 3 .   ? 3.105   -13.771 -4.297  1.00 37.12 ? 2124 HOH A O   1 
HETATM 1189 O O   . HOH C 3 .   ? 14.420  5.731   -6.321  1.00 16.08 ? 2125 HOH A O   1 
HETATM 1190 O O   . HOH C 3 .   ? 5.283   5.470   10.205  1.00 37.93 ? 2126 HOH A O   1 
HETATM 1191 O O   . HOH C 3 .   ? -5.374  4.151   -15.214 1.00 48.30 ? 2127 HOH A O   1 
HETATM 1192 O O   . HOH C 3 .   ? 18.779  -1.969  3.791   1.00 27.48 ? 2128 HOH A O   1 
HETATM 1193 O O   . HOH C 3 .   ? -14.762 -3.425  12.440  0.62 14.67 ? 2129 HOH A O   1 
HETATM 1194 O O   . HOH C 3 .   ? -3.455  7.988   -13.623 1.00 30.23 ? 2130 HOH A O   1 
HETATM 1195 O O   . HOH C 3 .   ? 14.903  3.553   -8.034  1.00 21.65 ? 2131 HOH A O   1 
HETATM 1196 O O   . HOH C 3 .   ? -5.733  10.797  11.800  1.00 37.43 ? 2132 HOH A O   1 
HETATM 1197 O O   . HOH C 3 .   ? -8.090  -16.398 5.129   1.00 34.31 ? 2133 HOH A O   1 
HETATM 1198 O O   . HOH C 3 .   ? -12.960 -5.848  -1.803  1.00 26.94 ? 2134 HOH A O   1 
HETATM 1199 O O   . HOH C 3 .   ? 8.368   13.625  -9.378  1.00 40.66 ? 2135 HOH A O   1 
HETATM 1200 O O   . HOH C 3 .   ? 7.581   -3.303  -21.880 1.00 30.79 ? 2136 HOH A O   1 
HETATM 1201 O O   . HOH C 3 .   ? 3.222   7.080   -19.442 1.00 44.80 ? 2137 HOH A O   1 
HETATM 1202 O O   . HOH C 3 .   ? 9.328   9.957   -13.822 1.00 65.18 ? 2138 HOH A O   1 
HETATM 1203 O O   . HOH C 3 .   ? -5.309  12.714  2.818   1.00 36.14 ? 2139 HOH A O   1 
HETATM 1204 O O   . HOH C 3 .   ? -0.258  -8.519  12.981  1.00 23.63 ? 2140 HOH A O   1 
HETATM 1205 O O   . HOH C 3 .   ? 0.006   -6.186  -6.997  1.00 18.19 ? 2141 HOH A O   1 
HETATM 1206 O O   . HOH C 3 .   ? -9.098  5.491   14.691  1.00 33.65 ? 2142 HOH A O   1 
HETATM 1207 O O   . HOH C 3 .   ? 3.391   9.978   -10.966 1.00 30.70 ? 2143 HOH A O   1 
HETATM 1208 O O   . HOH C 3 .   ? 7.469   3.797   9.631   1.00 34.99 ? 2144 HOH A O   1 
HETATM 1209 O O   . HOH C 3 .   ? -18.472 -0.226  2.160   1.00 25.00 ? 2145 HOH A O   1 
HETATM 1210 O O   . HOH C 3 .   ? -6.588  13.051  10.842  1.00 29.06 ? 2146 HOH A O   1 
HETATM 1211 O O   . HOH C 3 .   ? 2.923   -4.726  -12.581 1.00 30.03 ? 2147 HOH A O   1 
HETATM 1212 O O   . HOH C 3 .   ? -0.466  8.634   -17.165 1.00 30.04 ? 2148 HOH A O   1 
HETATM 1213 O O   . HOH C 3 .   ? 6.064   -6.760  -7.593  1.00 31.42 ? 2149 HOH A O   1 
HETATM 1214 O O   . HOH C 3 .   ? 2.461   -7.625  15.774  0.62 31.24 ? 2150 HOH A O   1 
HETATM 1215 O O   . HOH C 3 .   ? -8.343  3.972   -9.600  1.00 41.54 ? 2151 HOH A O   1 
HETATM 1216 O O   . HOH C 3 .   ? -8.527  -7.062  -1.543  1.00 18.12 ? 2152 HOH A O   1 
HETATM 1217 O O   . HOH C 3 .   ? 10.798  4.742   -25.154 1.00 16.56 ? 2153 HOH A O   1 
HETATM 1218 O O   . HOH C 3 .   ? -14.792 3.499   -2.073  1.00 25.93 ? 2154 HOH A O   1 
HETATM 1219 O O   . HOH C 3 .   ? 10.486  2.256   -26.321 1.00 37.20 ? 2155 HOH A O   1 
HETATM 1220 O O   . HOH C 3 .   ? 1.644   -3.150  -9.760  1.00 30.01 ? 2156 HOH A O   1 
HETATM 1221 O O   . HOH C 3 .   ? -2.740  1.140   -11.870 1.00 20.10 ? 2157 HOH A O   1 
HETATM 1222 O O   . HOH C 3 .   ? -2.111  12.413  -11.920 1.00 43.45 ? 2158 HOH A O   1 
HETATM 1223 O O   . HOH C 3 .   ? -3.317  -11.933 -2.037  1.00 26.04 ? 2159 HOH A O   1 
HETATM 1224 O O   . HOH C 3 .   ? -0.843  -13.558 1.736   1.00 39.57 ? 2160 HOH A O   1 
HETATM 1225 O O   . HOH C 3 .   ? -6.692  -4.076  -3.904  1.00 22.34 ? 2161 HOH A O   1 
HETATM 1226 O O   . HOH C 3 .   ? -11.184 -12.860 1.037   1.00 25.38 ? 2162 HOH A O   1 
HETATM 1227 O O   . HOH C 3 .   ? -16.022 2.012   -0.625  1.00 38.16 ? 2163 HOH A O   1 
HETATM 1228 O O   . HOH C 3 .   ? -12.343 10.273  6.734   1.00 39.70 ? 2164 HOH A O   1 
HETATM 1229 O O   . HOH C 3 .   ? -2.465  10.268  15.434  1.00 26.50 ? 2165 HOH A O   1 
HETATM 1230 O O   . HOH C 3 .   ? 0.790   -12.660 -3.971  1.00 34.58 ? 2166 HOH A O   1 
HETATM 1231 O O   . HOH C 3 .   ? 1.286   15.045  -1.435  1.00 45.05 ? 2167 HOH A O   1 
HETATM 1232 O O   . HOH C 3 .   ? -3.264  15.589  8.899   0.62 22.48 ? 2168 HOH A O   1 
HETATM 1233 O O   . HOH C 3 .   ? -18.847 -4.255  -0.057  1.00 36.56 ? 2169 HOH A O   1 
HETATM 1234 O O   . HOH C 3 .   ? -4.913  -8.296  -3.777  0.62 14.49 ? 2170 HOH A O   1 
HETATM 1235 O O   . HOH C 3 .   ? 12.355  12.371  -6.835  1.00 24.41 ? 2171 HOH A O   1 
HETATM 1236 O O   . HOH C 3 .   ? -10.422 -5.090  -1.005  1.00 16.32 ? 2172 HOH A O   1 
HETATM 1237 O O   . HOH C 3 .   ? 14.323  9.543   -3.732  1.00 22.19 ? 2173 HOH A O   1 
HETATM 1238 O O   . HOH C 3 .   ? 12.780  -3.111  -18.204 1.00 44.87 ? 2174 HOH A O   1 
HETATM 1239 O O   . HOH C 3 .   ? 3.555   -7.350  -8.846  1.00 36.84 ? 2175 HOH A O   1 
HETATM 1240 O O   . HOH C 3 .   ? 5.601   17.004  3.166   1.00 33.77 ? 2176 HOH A O   1 
HETATM 1241 O O   . HOH C 3 .   ? -0.280  10.899  -5.077  1.00 34.83 ? 2177 HOH A O   1 
HETATM 1242 O O   . HOH C 3 .   ? -17.092 -5.879  12.958  0.62 35.40 ? 2178 HOH A O   1 
HETATM 1243 O O   . HOH C 3 .   ? 6.617   -7.836  7.893   1.00 34.31 ? 2179 HOH A O   1 
HETATM 1244 O O   . HOH C 3 .   ? 0.966   -10.436 -1.830  1.00 24.44 ? 2180 HOH A O   1 
HETATM 1245 O O   . HOH C 3 .   ? 11.576  -6.341  3.056   1.00 36.19 ? 2181 HOH A O   1 
HETATM 1246 O O   . HOH C 3 .   ? 3.669   -7.514  11.170  1.00 31.11 ? 2182 HOH A O   1 
HETATM 1247 O O   . HOH C 3 .   ? 7.063   -6.623  -9.688  1.00 46.85 ? 2183 HOH A O   1 
HETATM 1248 O O   . HOH C 3 .   ? -2.139  15.258  4.647   0.62 30.18 ? 2184 HOH A O   1 
HETATM 1249 O O   . HOH C 3 .   ? -1.100  -8.025  -5.448  0.62 23.08 ? 2185 HOH A O   1 
HETATM 1250 O O   . HOH C 3 .   ? -10.173 5.189   -9.516  1.00 34.29 ? 2186 HOH A O   1 
HETATM 1251 O O   . HOH C 3 .   ? 16.609  7.501   -5.216  0.50 13.06 ? 2187 HOH A O   1 
HETATM 1252 O O   . HOH C 3 .   ? 7.516   -1.128  -25.738 1.00 35.50 ? 2188 HOH A O   1 
HETATM 1253 O O   . HOH C 3 .   ? 20.163  -1.917  -30.887 1.00 46.39 ? 2189 HOH A O   1 
HETATM 1254 O O   . HOH C 3 .   ? -1.258  -5.813  -12.555 1.00 50.36 ? 2190 HOH A O   1 
HETATM 1255 O O   . HOH C 3 .   ? 10.452  -3.746  -14.366 1.00 26.02 ? 2191 HOH A O   1 
HETATM 1256 O O   . HOH C 3 .   ? -10.271 1.111   -7.027  1.00 33.97 ? 2192 HOH A O   1 
HETATM 1257 O O   . HOH C 3 .   ? 7.971   -7.233  5.357   1.00 36.09 ? 2193 HOH A O   1 
HETATM 1258 O O   . HOH C 3 .   ? -14.396 -4.285  -3.479  1.00 36.11 ? 2194 HOH A O   1 
HETATM 1259 O O   . HOH C 3 .   ? 6.572   -3.862  -15.652 1.00 40.98 ? 2195 HOH A O   1 
HETATM 1260 O O   . HOH C 3 .   ? 5.819   -2.823  -24.065 1.00 34.50 ? 2196 HOH A O   1 
HETATM 1261 O O   . HOH C 3 .   ? -14.238 -1.400  -3.677  1.00 48.35 ? 2197 HOH A O   1 
HETATM 1262 O O   . HOH C 3 .   ? -3.379  10.480  -14.442 1.00 43.29 ? 2198 HOH A O   1 
HETATM 1263 O O   . HOH C 3 .   ? 8.474   -2.206  -15.508 1.00 24.68 ? 2199 HOH A O   1 
# 
